data_9BNL
#
_entry.id   9BNL
#
_cell.length_a   1.00
_cell.length_b   1.00
_cell.length_c   1.00
_cell.angle_alpha   90.00
_cell.angle_beta   90.00
_cell.angle_gamma   90.00
#
_symmetry.space_group_name_H-M   'P 1'
#
loop_
_entity.id
_entity.type
_entity.pdbx_description
1 polymer 'Envelope glycoprotein Gp120'
2 polymer 'Envelope glycoprotein Gp41'
3 polymer '6070-a.01 heavy chain'
4 polymer '6070-a.01 light chain'
5 branched alpha-D-mannopyranose-(1-3)-beta-D-mannopyranose-(1-4)-2-acetamido-2-deoxy-beta-D-glucopyranose-(1-4)-2-acetamido-2-deoxy-beta-D-glucopyranose
6 branched 2-acetamido-2-deoxy-beta-D-glucopyranose-(1-4)-2-acetamido-2-deoxy-beta-D-glucopyranose
7 branched beta-D-mannopyranose-(1-4)-2-acetamido-2-deoxy-beta-D-glucopyranose-(1-4)-2-acetamido-2-deoxy-beta-D-glucopyranose
8 branched alpha-D-mannopyranose-(1-3)-[alpha-D-mannopyranose-(1-6)]beta-D-mannopyranose-(1-4)-2-acetamido-2-deoxy-beta-D-glucopyranose-(1-4)-2-acetamido-2-deoxy-beta-D-glucopyranose
9 branched alpha-D-mannopyranose-(1-2)-alpha-D-mannopyranose-(1-3)-[alpha-D-mannopyranose-(1-6)]beta-D-mannopyranose-(1-4)-2-acetamido-2-deoxy-beta-D-glucopyranose-(1-4)-2-acetamido-2-deoxy-beta-D-glucopyranose
10 non-polymer 2-acetamido-2-deoxy-beta-D-glucopyranose
#
loop_
_entity_poly.entity_id
_entity_poly.type
_entity_poly.pdbx_seq_one_letter_code
_entity_poly.pdbx_strand_id
1 'polypeptide(L)'
;NLWVTVYYGVPVWRDADTTLFCASDAKAYETEKHNVWATHACVPTDPNPQEIHLDNVTEKFNMWKNNMVEQMHEDIISLW
DQSLKPCVKLTPLCVTLHCTNVTSVNTTGDREGLKNCSFNMTTELRDKRQKVYSLFYRLDIVPINENQGSEYRLINCNTS
AITQACPKVSFEPIPIHYCTPAGFAILKCKDEGFNGTGLCKNVSTVQCTHGIKPVVSTQLLLNGSLAEKNIIIRSENITN
NAKIIIVQLVQPVTIKCIRPNNNTVKSIRIGPGQAFYYTGDIIGDIRQAHCNVTRSRWNKTLQEVAEKLRTYFGNKTIIF
ANSSGGDLEITTHSFNCGGEFFYCNTSGLFNSTWYVNSTWNDTDSTQESNDTITLPCRIKQIINMWQRAGQAMYAPPIPG
VIKCESNITGLLLTRDGGKDNNVNETFRPGGSDMRDNWRSELYKYKVVEIEPLGVAPTRCKRRV
;
A,C,E
2 'polypeptide(L)'
;LGFLGAAGSTMGAASITLTVQARNLLSGIVQQQNNLLRAIEAQQHLLKLTHWGIKQLQARVLAVEHYLRDQQLLGIWGCS
GKLICCTNVPWNSSWSNKSLDEIWNNMTWLQWDKEINNYTQLIYRLIEESQNQQEKNEKELL
;
B,F,G
3 'polypeptide(L)'
;QVTLKESGPALVKPTQTLTLTCTFSGFSLSTSGMAVGWIRQPPGKALEWLANIYWDGDTYYSTSLKSRLTISKDTSKNQV
ALKMTNMDPVDTATYFCARGEESFYEDD(TYS)GQMEWLHSFDAWGQGLRVTVSS
;
H
4 'polypeptide(L)'
;DIQMTQSPPSLSASIGDRVTITCRASQGISNYLAWYQQKPGKAPKRLVYDASTLQGGVPSRFSGSGSGTYFSLTISSLQP
EDFATYYCLQHNSHPLTFGGGTKVDIK
;
L
#
# COMPACT_ATOMS: atom_id res chain seq x y z
N ASN A 1 42.45 42.14 19.44
CA ASN A 1 41.10 41.52 19.60
C ASN A 1 41.00 40.24 18.78
N LEU A 2 39.96 39.45 19.05
CA LEU A 2 39.71 38.19 18.37
C LEU A 2 38.42 38.29 17.56
N TRP A 3 38.38 37.53 16.46
CA TRP A 3 37.23 37.49 15.58
C TRP A 3 36.78 36.05 15.40
N VAL A 4 35.48 35.86 15.21
CA VAL A 4 34.93 34.53 15.03
C VAL A 4 35.16 34.03 13.61
N THR A 5 35.41 32.72 13.50
CA THR A 5 35.64 32.07 12.23
C THR A 5 34.89 30.74 12.23
N VAL A 6 34.50 30.29 11.04
CA VAL A 6 33.75 29.06 10.86
C VAL A 6 34.64 28.03 10.18
N TYR A 7 34.43 26.75 10.51
CA TYR A 7 35.19 25.64 9.95
C TYR A 7 34.20 24.59 9.46
N TYR A 8 34.41 24.10 8.24
CA TYR A 8 33.55 23.09 7.63
C TYR A 8 34.17 21.71 7.77
N GLY A 9 33.32 20.68 7.73
CA GLY A 9 33.79 19.32 7.87
C GLY A 9 34.48 19.08 9.19
N VAL A 10 33.88 19.59 10.27
CA VAL A 10 34.48 19.47 11.60
C VAL A 10 34.01 18.18 12.26
N PRO A 11 34.85 17.49 13.07
CA PRO A 11 34.38 16.25 13.72
C PRO A 11 33.63 16.50 15.02
N VAL A 12 32.32 16.26 15.00
CA VAL A 12 31.47 16.42 16.17
C VAL A 12 30.14 15.77 15.84
N TRP A 13 29.42 15.33 16.87
CA TRP A 13 28.14 14.66 16.66
C TRP A 13 27.20 14.92 17.82
N ARG A 14 25.96 14.50 17.63
CA ARG A 14 24.90 14.65 18.62
C ARG A 14 23.96 13.46 18.51
N ASP A 15 23.28 13.16 19.61
CA ASP A 15 22.35 12.04 19.62
C ASP A 15 21.05 12.46 18.93
N ALA A 16 20.60 11.67 17.96
CA ALA A 16 19.39 11.97 17.23
C ALA A 16 18.83 10.72 16.59
N ASP A 17 17.53 10.72 16.36
CA ASP A 17 16.87 9.58 15.73
C ASP A 17 16.93 9.74 14.22
N THR A 18 17.04 8.61 13.52
CA THR A 18 17.12 8.65 12.07
C THR A 18 16.67 7.30 11.52
N THR A 19 16.26 7.32 10.26
CA THR A 19 15.81 6.09 9.61
C THR A 19 17.01 5.22 9.27
N LEU A 20 16.85 3.90 9.35
CA LEU A 20 17.95 2.97 9.01
C LEU A 20 17.50 2.04 7.87
N PHE A 21 18.43 1.60 7.01
CA PHE A 21 18.05 0.76 5.84
C PHE A 21 18.73 -0.60 5.94
N CYS A 22 18.25 -1.57 5.14
CA CYS A 22 18.80 -2.95 5.15
C CYS A 22 20.21 -2.99 4.54
N ALA A 23 20.99 -4.04 4.84
CA ALA A 23 22.31 -4.24 4.20
C ALA A 23 22.79 -5.65 4.52
N SER A 24 23.19 -6.43 3.51
CA SER A 24 23.54 -7.85 3.79
C SER A 24 24.32 -8.50 2.64
N ASP A 25 25.09 -9.55 2.95
CA ASP A 25 25.81 -10.30 1.92
C ASP A 25 24.84 -11.03 1.01
N ALA A 26 25.37 -11.59 -0.06
CA ALA A 26 24.57 -12.34 -1.02
C ALA A 26 25.45 -13.15 -1.96
N LYS A 33 14.21 -13.39 -2.63
CA LYS A 33 14.21 -14.65 -3.36
C LYS A 33 13.34 -15.66 -2.62
N HIS A 34 13.88 -16.22 -1.52
CA HIS A 34 13.13 -17.21 -0.73
C HIS A 34 13.32 -17.00 0.76
N ASN A 35 13.48 -15.78 1.25
CA ASN A 35 13.67 -15.49 2.67
C ASN A 35 12.58 -14.54 3.14
N VAL A 36 12.17 -14.70 4.40
CA VAL A 36 11.12 -13.88 4.97
C VAL A 36 11.57 -12.43 5.16
N TRP A 37 12.86 -12.21 5.44
CA TRP A 37 13.38 -10.87 5.65
C TRP A 37 13.58 -10.10 4.35
N ALA A 38 13.49 -10.77 3.20
CA ALA A 38 13.64 -10.12 1.89
C ALA A 38 14.97 -9.39 1.75
N THR A 39 16.06 -10.02 2.17
CA THR A 39 17.38 -9.39 2.04
C THR A 39 17.86 -9.38 0.59
N HIS A 40 17.22 -10.14 -0.30
CA HIS A 40 17.64 -10.13 -1.70
C HIS A 40 17.23 -8.86 -2.41
N ALA A 41 16.15 -8.21 -1.96
CA ALA A 41 15.68 -6.95 -2.52
C ALA A 41 16.27 -5.78 -1.73
N CYS A 42 17.51 -5.94 -1.28
CA CYS A 42 18.21 -4.96 -0.46
C CYS A 42 19.58 -4.65 -1.05
N VAL A 43 20.13 -3.52 -0.64
CA VAL A 43 21.46 -3.12 -1.11
C VAL A 43 22.50 -4.05 -0.52
N PRO A 44 23.53 -4.48 -1.26
CA PRO A 44 24.52 -5.39 -0.65
C PRO A 44 25.39 -4.65 0.35
N THR A 45 26.00 -5.42 1.26
CA THR A 45 26.86 -4.86 2.29
C THR A 45 28.24 -4.58 1.72
N ASP A 46 28.95 -3.68 2.39
CA ASP A 46 30.30 -3.30 1.98
C ASP A 46 31.30 -4.32 2.52
N PRO A 47 32.12 -4.97 1.68
CA PRO A 47 33.08 -5.95 2.21
C PRO A 47 34.28 -5.32 2.91
N ASN A 48 34.33 -3.99 3.06
CA ASN A 48 35.43 -3.30 3.71
C ASN A 48 34.87 -2.37 4.79
N PRO A 49 34.39 -2.92 5.91
CA PRO A 49 33.86 -2.05 6.97
C PRO A 49 34.93 -1.14 7.53
N GLN A 50 34.68 0.16 7.45
CA GLN A 50 35.63 1.17 7.91
C GLN A 50 35.50 1.41 9.42
N GLU A 51 35.78 0.37 10.19
CA GLU A 51 35.72 0.47 11.64
C GLU A 51 36.95 1.24 12.09
N ILE A 52 36.90 2.57 11.99
CA ILE A 52 38.00 3.45 12.34
C ILE A 52 37.99 3.69 13.85
N HIS A 53 39.13 3.47 14.49
CA HIS A 53 39.24 3.67 15.92
C HIS A 53 39.38 5.15 16.23
N LEU A 54 38.72 5.58 17.30
CA LEU A 54 38.74 6.96 17.77
C LEU A 54 39.54 7.02 19.07
N ASP A 55 40.73 7.60 19.00
CA ASP A 55 41.60 7.70 20.16
C ASP A 55 41.23 8.88 21.05
N ASN A 56 41.30 8.66 22.37
CA ASN A 56 41.04 9.63 23.44
C ASN A 56 39.59 10.10 23.58
N VAL A 57 38.65 9.63 22.75
CA VAL A 57 37.28 10.11 22.87
C VAL A 57 36.52 9.30 23.91
N THR A 58 35.63 9.97 24.63
CA THR A 58 34.77 9.38 25.64
C THR A 58 33.33 9.66 25.24
N GLU A 59 32.51 8.61 25.21
CA GLU A 59 31.12 8.75 24.80
C GLU A 59 30.20 8.03 25.79
N LYS A 60 29.03 8.61 26.01
CA LYS A 60 28.03 8.05 26.92
C LYS A 60 27.01 7.28 26.09
N PHE A 61 26.86 5.99 26.39
CA PHE A 61 25.94 5.11 25.69
C PHE A 61 24.83 4.63 26.61
N ASN A 62 23.61 4.57 26.07
CA ASN A 62 22.43 4.12 26.81
C ASN A 62 21.60 3.27 25.84
N MET A 63 21.84 1.96 25.85
CA MET A 63 21.10 1.08 24.93
C MET A 63 19.61 1.08 25.22
N TRP A 64 19.22 1.34 26.47
CA TRP A 64 17.81 1.35 26.84
C TRP A 64 17.05 2.55 26.29
N LYS A 65 17.73 3.52 25.67
CA LYS A 65 17.08 4.70 25.13
C LYS A 65 17.31 4.91 23.65
N ASN A 66 18.19 4.17 22.99
CA ASN A 66 18.41 4.37 21.56
C ASN A 66 17.16 3.99 20.76
N ASN A 67 16.99 4.66 19.61
CA ASN A 67 15.84 4.40 18.76
C ASN A 67 16.06 3.24 17.79
N MET A 68 17.30 2.73 17.68
CA MET A 68 17.55 1.63 16.76
C MET A 68 16.79 0.37 17.16
N VAL A 69 16.74 0.06 18.46
CA VAL A 69 16.02 -1.15 18.89
C VAL A 69 14.55 -1.05 18.55
N GLU A 70 13.93 0.11 18.79
CA GLU A 70 12.52 0.28 18.45
C GLU A 70 12.33 0.25 16.95
N GLN A 71 13.26 0.84 16.21
CA GLN A 71 13.17 0.84 14.74
C GLN A 71 13.26 -0.57 14.19
N MET A 72 14.17 -1.38 14.75
CA MET A 72 14.32 -2.76 14.29
C MET A 72 13.07 -3.57 14.59
N HIS A 73 12.43 -3.31 15.74
CA HIS A 73 11.22 -4.03 16.10
C HIS A 73 10.12 -3.80 15.08
N GLU A 74 9.96 -2.56 14.62
CA GLU A 74 8.92 -2.27 13.64
C GLU A 74 9.26 -2.87 12.28
N ASP A 75 10.54 -2.80 11.88
CA ASP A 75 10.94 -3.34 10.60
C ASP A 75 10.75 -4.85 10.54
N ILE A 76 11.11 -5.56 11.61
CA ILE A 76 10.93 -7.01 11.63
C ILE A 76 9.46 -7.36 11.53
N ILE A 77 8.61 -6.64 12.26
CA ILE A 77 7.18 -6.90 12.19
C ILE A 77 6.66 -6.56 10.79
N SER A 78 7.14 -5.45 10.23
CA SER A 78 6.71 -5.06 8.89
C SER A 78 7.13 -6.10 7.87
N LEU A 79 8.37 -6.59 7.97
CA LEU A 79 8.83 -7.61 7.03
C LEU A 79 8.02 -8.89 7.17
N TRP A 80 7.68 -9.26 8.39
CA TRP A 80 6.89 -10.47 8.60
C TRP A 80 5.53 -10.34 7.95
N ASP A 81 4.83 -9.23 8.19
CA ASP A 81 3.52 -9.03 7.59
C ASP A 81 3.61 -8.93 6.08
N GLN A 82 4.63 -8.23 5.58
CA GLN A 82 4.79 -8.10 4.13
C GLN A 82 5.00 -9.44 3.46
N SER A 83 5.82 -10.31 4.05
CA SER A 83 6.09 -11.62 3.48
C SER A 83 4.87 -12.53 3.45
N LEU A 84 3.82 -12.21 4.22
CA LEU A 84 2.62 -13.04 4.27
C LEU A 84 1.50 -12.51 3.38
N LYS A 85 1.59 -11.24 2.96
CA LYS A 85 0.56 -10.63 2.11
C LYS A 85 0.29 -11.44 0.84
N PRO A 86 1.28 -11.97 0.12
CA PRO A 86 0.96 -12.75 -1.08
C PRO A 86 0.68 -14.23 -0.81
N CYS A 87 0.88 -14.71 0.42
CA CYS A 87 0.63 -16.11 0.71
C CYS A 87 -0.87 -16.39 0.84
N VAL A 88 -1.22 -17.67 0.67
CA VAL A 88 -2.62 -18.10 0.73
C VAL A 88 -3.17 -17.90 2.13
N LYS A 89 -4.46 -17.57 2.20
CA LYS A 89 -5.16 -17.39 3.47
C LYS A 89 -5.85 -18.70 3.83
N LEU A 90 -5.95 -18.97 5.13
CA LEU A 90 -6.57 -20.19 5.65
C LEU A 90 -7.93 -19.95 6.30
N THR A 91 -8.65 -18.92 5.86
CA THR A 91 -9.97 -18.64 6.41
C THR A 91 -10.94 -19.82 6.30
N PRO A 92 -10.97 -20.59 5.21
CA PRO A 92 -11.93 -21.71 5.14
C PRO A 92 -11.75 -22.80 6.18
N LEU A 93 -10.56 -22.94 6.77
CA LEU A 93 -10.34 -24.00 7.74
C LEU A 93 -11.21 -23.87 8.99
N CYS A 94 -11.78 -22.69 9.25
CA CYS A 94 -12.63 -22.48 10.42
C CYS A 94 -13.97 -23.19 10.19
N VAL A 95 -13.95 -24.50 10.39
CA VAL A 95 -15.13 -25.36 10.25
C VAL A 95 -15.13 -26.36 11.40
N THR A 96 -16.24 -27.10 11.52
CA THR A 96 -16.35 -28.10 12.57
C THR A 96 -15.31 -29.19 12.35
N LEU A 97 -14.58 -29.53 13.41
CA LEU A 97 -13.54 -30.53 13.34
C LEU A 97 -13.86 -31.73 14.22
N HIS A 98 -14.18 -32.86 13.59
CA HIS A 98 -14.46 -34.09 14.31
C HIS A 98 -13.14 -34.80 14.50
N CYS A 99 -12.70 -34.93 15.76
CA CYS A 99 -11.40 -35.53 16.06
C CYS A 99 -11.54 -36.75 16.95
N THR A 100 -10.50 -37.57 16.90
CA THR A 100 -10.37 -38.80 17.68
C THR A 100 -8.89 -38.95 18.04
N ASN A 101 -8.62 -39.79 19.03
CA ASN A 101 -7.25 -39.99 19.46
C ASN A 101 -6.43 -40.65 18.36
N VAL A 102 -5.18 -40.19 18.21
CA VAL A 102 -4.30 -40.72 17.18
C VAL A 102 -4.09 -42.21 17.37
N THR A 103 -4.00 -42.93 16.25
CA THR A 103 -3.80 -44.37 16.27
C THR A 103 -2.39 -44.69 16.76
N GLU A 112 -1.29 -38.87 22.37
CA GLU A 112 -1.92 -38.07 23.41
C GLU A 112 -1.79 -36.58 23.09
N GLY A 113 -0.67 -36.19 22.49
CA GLY A 113 -0.44 -34.81 22.14
C GLY A 113 -1.03 -34.43 20.79
N LEU A 114 -1.24 -35.42 19.93
CA LEU A 114 -1.81 -35.20 18.60
C LEU A 114 -3.29 -35.57 18.61
N LYS A 115 -4.02 -35.03 17.63
CA LYS A 115 -5.45 -35.27 17.49
C LYS A 115 -5.80 -35.46 16.03
N ASN A 116 -6.14 -36.69 15.66
CA ASN A 116 -6.52 -37.00 14.28
C ASN A 116 -7.91 -36.41 14.04
N CYS A 117 -7.99 -35.39 13.20
CA CYS A 117 -9.24 -34.71 12.91
C CYS A 117 -9.67 -34.89 11.46
N SER A 118 -10.99 -34.94 11.27
CA SER A 118 -11.63 -35.08 9.98
C SER A 118 -12.64 -33.96 9.83
N PHE A 119 -12.68 -33.35 8.65
CA PHE A 119 -13.59 -32.24 8.42
C PHE A 119 -13.80 -32.04 6.93
N ASN A 120 -14.88 -31.34 6.59
CA ASN A 120 -15.21 -31.06 5.21
C ASN A 120 -14.42 -29.85 4.74
N MET A 121 -13.88 -29.93 3.51
CA MET A 121 -13.07 -28.86 2.94
C MET A 121 -13.58 -28.48 1.56
N THR A 122 -13.47 -27.18 1.27
CA THR A 122 -13.88 -26.63 -0.01
C THR A 122 -12.77 -26.88 -1.02
N THR A 123 -13.05 -27.70 -2.02
CA THR A 123 -12.07 -28.03 -3.05
C THR A 123 -11.98 -26.88 -4.05
N GLU A 124 -11.32 -27.10 -5.18
CA GLU A 124 -11.20 -26.06 -6.19
C GLU A 124 -12.57 -25.64 -6.69
N LEU A 125 -13.44 -26.61 -6.96
CA LEU A 125 -14.80 -26.31 -7.39
C LEU A 125 -15.56 -25.79 -6.18
N ARG A 126 -15.95 -24.52 -6.20
CA ARG A 126 -16.63 -23.88 -5.09
C ARG A 126 -17.93 -24.59 -4.69
N ASP A 127 -18.60 -25.28 -5.60
CA ASP A 127 -19.86 -25.96 -5.27
C ASP A 127 -19.65 -27.37 -4.74
N LYS A 128 -18.41 -27.84 -4.60
CA LYS A 128 -18.10 -29.17 -4.12
C LYS A 128 -17.19 -29.10 -2.90
N ARG A 129 -17.45 -29.99 -1.94
CA ARG A 129 -16.69 -30.09 -0.70
C ARG A 129 -16.09 -31.49 -0.61
N GLN A 130 -14.89 -31.58 -0.06
CA GLN A 130 -14.18 -32.85 0.09
C GLN A 130 -13.76 -33.09 1.52
N LYS A 131 -13.86 -34.34 1.95
CA LYS A 131 -13.46 -34.71 3.30
C LYS A 131 -11.94 -34.89 3.32
N VAL A 132 -11.30 -34.41 4.38
CA VAL A 132 -9.85 -34.50 4.51
C VAL A 132 -9.48 -34.91 5.93
N TYR A 133 -8.48 -35.78 6.03
CA TYR A 133 -7.97 -36.27 7.30
C TYR A 133 -6.66 -35.55 7.59
N SER A 134 -6.53 -35.00 8.80
CA SER A 134 -5.32 -34.28 9.16
C SER A 134 -5.04 -34.44 10.64
N LEU A 135 -3.78 -34.24 11.01
CA LEU A 135 -3.31 -34.35 12.38
C LEU A 135 -2.95 -32.96 12.88
N PHE A 136 -3.59 -32.55 13.97
CA PHE A 136 -3.37 -31.24 14.58
C PHE A 136 -2.95 -31.42 16.04
N TYR A 137 -1.94 -30.66 16.45
CA TYR A 137 -1.47 -30.74 17.82
C TYR A 137 -2.57 -30.23 18.75
N ARG A 138 -2.63 -30.78 19.96
CA ARG A 138 -3.65 -30.37 20.91
C ARG A 138 -3.59 -28.89 21.24
N LEU A 139 -2.41 -28.27 21.15
CA LEU A 139 -2.30 -26.85 21.44
C LEU A 139 -3.01 -26.00 20.40
N ASP A 140 -3.12 -26.49 19.17
CA ASP A 140 -3.78 -25.77 18.09
C ASP A 140 -5.26 -26.12 17.96
N ILE A 141 -5.80 -26.94 18.85
CA ILE A 141 -7.19 -27.37 18.81
C ILE A 141 -7.81 -27.14 20.18
N VAL A 142 -9.03 -26.56 20.17
CA VAL A 142 -9.76 -26.28 21.44
C VAL A 142 -11.22 -26.71 21.24
N PRO A 143 -11.77 -27.58 22.09
CA PRO A 143 -13.12 -28.08 21.89
C PRO A 143 -14.13 -26.93 21.83
N ILE A 144 -14.98 -26.92 20.79
CA ILE A 144 -16.04 -25.87 20.71
C ILE A 144 -17.05 -26.14 21.82
N ASN A 145 -17.52 -27.39 21.93
CA ASN A 145 -18.54 -27.73 22.96
C ASN A 145 -17.89 -28.61 24.03
N GLU A 146 -17.82 -28.10 25.26
CA GLU A 146 -17.22 -28.89 26.37
C GLU A 146 -18.05 -30.16 26.59
N ASN A 147 -19.35 -30.11 26.26
CA ASN A 147 -20.24 -31.27 26.50
C ASN A 147 -19.65 -32.53 25.87
N GLN A 148 -19.17 -32.43 24.62
CA GLN A 148 -18.64 -33.62 23.92
C GLN A 148 -17.23 -33.32 23.38
N GLY A 149 -16.23 -34.10 23.80
CA GLY A 149 -14.87 -33.92 23.28
C GLY A 149 -14.72 -34.58 21.92
N SER A 150 -15.65 -34.29 21.00
CA SER A 150 -15.58 -34.85 19.63
C SER A 150 -15.54 -33.71 18.62
N GLU A 151 -16.27 -32.63 18.89
CA GLU A 151 -16.27 -31.45 18.00
C GLU A 151 -15.21 -30.45 18.52
N TYR A 152 -14.38 -29.92 17.62
CA TYR A 152 -13.29 -29.01 18.05
C TYR A 152 -13.21 -27.82 17.10
N ARG A 153 -12.72 -26.68 17.60
CA ARG A 153 -12.55 -25.47 16.75
C ARG A 153 -11.09 -25.03 16.80
N LEU A 154 -10.49 -24.71 15.65
CA LEU A 154 -9.10 -24.30 15.62
C LEU A 154 -8.89 -23.08 16.52
N ILE A 155 -7.78 -23.07 17.26
CA ILE A 155 -7.51 -21.94 18.13
C ILE A 155 -7.23 -20.71 17.28
N ASN A 156 -7.51 -19.53 17.87
CA ASN A 156 -7.31 -18.24 17.21
C ASN A 156 -8.32 -18.03 16.07
N CYS A 157 -9.28 -18.94 15.92
CA CYS A 157 -10.28 -18.78 14.87
C CYS A 157 -11.31 -17.73 15.24
N ASN A 158 -11.56 -17.53 16.54
CA ASN A 158 -12.52 -16.55 17.01
C ASN A 158 -11.91 -15.18 17.27
N THR A 159 -10.71 -14.91 16.75
CA THR A 159 -10.06 -13.62 16.97
C THR A 159 -9.44 -13.03 15.71
N SER A 160 -9.00 -13.87 14.78
CA SER A 160 -8.37 -13.37 13.56
C SER A 160 -8.40 -14.43 12.47
N ALA A 161 -8.13 -13.99 11.25
CA ALA A 161 -8.10 -14.87 10.09
C ALA A 161 -6.76 -15.60 10.04
N ILE A 162 -6.79 -16.88 9.70
CA ILE A 162 -5.56 -17.66 9.63
C ILE A 162 -4.89 -17.45 8.28
N THR A 163 -3.58 -17.23 8.31
CA THR A 163 -2.77 -17.03 7.10
C THR A 163 -1.65 -18.05 7.10
N GLN A 164 -1.58 -18.85 6.04
CA GLN A 164 -0.56 -19.88 5.92
C GLN A 164 0.73 -19.29 5.36
N ALA A 165 1.86 -19.74 5.90
CA ALA A 165 3.16 -19.28 5.44
C ALA A 165 3.47 -19.94 4.10
N CYS A 166 4.09 -19.17 3.20
CA CYS A 166 4.43 -19.71 1.90
C CYS A 166 5.44 -20.84 2.08
N PRO A 167 5.22 -22.03 1.50
CA PRO A 167 6.18 -23.13 1.71
C PRO A 167 7.55 -22.86 1.12
N LYS A 168 7.67 -21.98 0.12
CA LYS A 168 8.96 -21.72 -0.48
C LYS A 168 9.86 -20.91 0.45
N VAL A 169 9.32 -19.85 1.06
CA VAL A 169 10.13 -19.03 1.95
C VAL A 169 10.43 -19.79 3.25
N SER A 170 11.51 -19.38 3.91
CA SER A 170 11.95 -19.97 5.16
C SER A 170 12.25 -18.88 6.17
N PHE A 171 12.22 -19.23 7.45
CA PHE A 171 12.47 -18.28 8.53
C PHE A 171 13.91 -18.32 9.02
N GLU A 172 14.86 -18.61 8.14
CA GLU A 172 16.26 -18.65 8.56
C GLU A 172 16.69 -17.25 9.01
N PRO A 173 17.41 -17.12 10.14
CA PRO A 173 17.83 -15.77 10.58
C PRO A 173 19.11 -15.31 9.91
N ILE A 174 19.03 -15.02 8.61
CA ILE A 174 20.24 -14.57 7.92
C ILE A 174 20.62 -13.19 8.47
N PRO A 175 21.90 -12.86 8.62
CA PRO A 175 22.27 -11.55 9.18
C PRO A 175 21.89 -10.39 8.28
N ILE A 176 21.58 -9.26 8.90
CA ILE A 176 21.23 -8.02 8.21
C ILE A 176 21.95 -6.88 8.90
N HIS A 177 22.67 -6.08 8.12
CA HIS A 177 23.42 -4.95 8.66
C HIS A 177 22.55 -3.69 8.57
N TYR A 178 22.36 -3.04 9.70
CA TYR A 178 21.55 -1.82 9.78
C TYR A 178 22.47 -0.62 9.54
N CYS A 179 22.37 -0.03 8.35
CA CYS A 179 23.18 1.12 7.99
C CYS A 179 22.32 2.36 7.77
N THR A 180 22.81 3.47 8.33
CA THR A 180 22.21 4.79 8.31
C THR A 180 22.58 5.53 7.03
N PRO A 181 21.80 6.52 6.60
CA PRO A 181 22.15 7.24 5.38
C PRO A 181 23.38 8.11 5.60
N ALA A 182 23.83 8.76 4.52
CA ALA A 182 24.98 9.63 4.62
C ALA A 182 24.68 10.80 5.55
N GLY A 183 25.71 11.28 6.22
CA GLY A 183 25.56 12.36 7.17
C GLY A 183 25.31 11.90 8.58
N PHE A 184 25.27 10.58 8.83
CA PHE A 184 25.05 10.01 10.13
C PHE A 184 26.10 8.91 10.33
N ALA A 185 26.42 8.63 11.59
CA ALA A 185 27.41 7.61 11.91
C ALA A 185 26.95 6.76 13.07
N ILE A 186 27.46 5.54 13.13
CA ILE A 186 27.14 4.59 14.19
C ILE A 186 28.38 4.43 15.06
N LEU A 187 28.27 4.81 16.33
CA LEU A 187 29.39 4.71 17.26
C LEU A 187 29.37 3.34 17.93
N LYS A 188 30.46 2.58 17.75
CA LYS A 188 30.60 1.24 18.29
C LYS A 188 31.48 1.27 19.52
N CYS A 189 31.04 0.60 20.59
CA CYS A 189 31.80 0.54 21.83
C CYS A 189 32.67 -0.71 21.85
N LYS A 190 33.98 -0.52 21.80
CA LYS A 190 34.94 -1.62 21.80
C LYS A 190 35.38 -2.05 23.20
N ASP A 191 34.90 -1.38 24.26
CA ASP A 191 35.31 -1.74 25.60
C ASP A 191 34.91 -3.17 25.94
N GLU A 192 35.86 -3.93 26.50
CA GLU A 192 35.55 -5.31 26.92
C GLU A 192 34.76 -5.28 28.23
N GLY A 193 33.44 -5.49 28.17
CA GLY A 193 32.63 -5.54 29.40
C GLY A 193 31.75 -4.32 29.56
N PHE A 194 31.45 -3.63 28.45
CA PHE A 194 30.51 -2.47 28.53
C PHE A 194 29.24 -2.95 29.19
N ASN A 195 28.85 -2.36 30.32
CA ASN A 195 27.64 -2.89 31.01
C ASN A 195 26.40 -2.38 30.27
N GLY A 196 26.60 -1.59 29.21
CA GLY A 196 25.44 -1.16 28.38
C GLY A 196 25.10 0.29 28.64
N THR A 197 25.51 0.83 29.78
CA THR A 197 25.27 2.26 30.07
C THR A 197 26.50 2.82 30.76
N GLY A 198 27.17 3.79 30.13
CA GLY A 198 28.34 4.42 30.76
C GLY A 198 29.21 5.15 29.75
N LEU A 199 30.35 5.68 30.20
CA LEU A 199 31.26 6.43 29.30
C LEU A 199 32.24 5.44 28.64
N CYS A 200 31.79 4.74 27.60
CA CYS A 200 32.65 3.79 26.90
C CYS A 200 34.02 4.42 26.65
N LYS A 201 35.05 3.82 27.25
CA LYS A 201 36.41 4.34 27.09
C LYS A 201 37.00 4.01 25.73
N ASN A 202 36.73 2.82 25.21
CA ASN A 202 37.24 2.35 23.92
C ASN A 202 36.12 2.42 22.90
N VAL A 203 36.11 3.49 22.10
CA VAL A 203 35.07 3.72 21.10
C VAL A 203 35.71 3.81 19.72
N SER A 204 34.94 3.44 18.70
CA SER A 204 35.37 3.48 17.31
C SER A 204 34.18 3.83 16.45
N THR A 205 34.47 4.42 15.28
CA THR A 205 33.42 4.80 14.35
C THR A 205 33.42 3.87 13.15
N VAL A 206 32.22 3.41 12.80
CA VAL A 206 32.00 2.51 11.68
C VAL A 206 30.81 3.05 10.91
N GLN A 207 30.82 2.86 9.58
CA GLN A 207 29.70 3.35 8.79
C GLN A 207 28.39 2.71 9.22
N CYS A 208 28.44 1.45 9.67
CA CYS A 208 27.22 0.79 10.14
C CYS A 208 27.57 -0.49 10.88
N THR A 209 26.56 -1.03 11.55
CA THR A 209 26.70 -2.22 12.36
C THR A 209 27.07 -3.45 11.52
N HIS A 210 27.38 -4.53 12.22
CA HIS A 210 27.74 -5.79 11.60
C HIS A 210 26.46 -6.58 11.26
N GLY A 211 26.65 -7.82 10.83
CA GLY A 211 25.53 -8.66 10.50
C GLY A 211 24.70 -9.04 11.71
N ILE A 212 23.51 -8.45 11.83
CA ILE A 212 22.61 -8.72 12.94
C ILE A 212 21.65 -9.82 12.52
N LYS A 213 21.67 -10.93 13.24
CA LYS A 213 20.78 -12.05 12.92
C LYS A 213 19.46 -11.86 13.67
N PRO A 214 18.31 -11.60 12.97
CA PRO A 214 17.04 -11.42 13.68
C PRO A 214 16.40 -12.73 14.13
N VAL A 215 17.06 -13.40 15.08
CA VAL A 215 16.58 -14.67 15.61
C VAL A 215 15.54 -14.41 16.69
N VAL A 216 14.32 -14.88 16.46
CA VAL A 216 13.25 -14.69 17.43
C VAL A 216 13.38 -15.76 18.50
N SER A 217 13.40 -15.34 19.76
CA SER A 217 13.53 -16.28 20.86
C SER A 217 12.93 -15.68 22.11
N THR A 218 12.72 -16.54 23.11
CA THR A 218 12.15 -16.13 24.39
C THR A 218 12.83 -16.94 25.48
N GLN A 219 13.21 -16.25 26.55
CA GLN A 219 13.87 -16.81 27.74
C GLN A 219 15.32 -17.22 27.49
N LEU A 220 15.79 -17.15 26.24
CA LEU A 220 17.16 -17.52 25.88
C LEU A 220 17.52 -16.90 24.55
N LEU A 221 18.76 -16.44 24.44
CA LEU A 221 19.28 -15.84 23.22
C LEU A 221 20.05 -16.91 22.45
N LEU A 222 19.63 -17.15 21.21
CA LEU A 222 20.22 -18.18 20.36
C LEU A 222 20.97 -17.55 19.20
N ASN A 223 22.13 -18.12 18.85
CA ASN A 223 22.96 -17.66 17.74
C ASN A 223 23.29 -16.18 17.87
N GLY A 224 23.44 -15.69 19.10
CA GLY A 224 23.76 -14.31 19.36
C GLY A 224 25.24 -14.08 19.60
N SER A 225 25.57 -12.85 19.97
CA SER A 225 26.95 -12.50 20.24
C SER A 225 27.35 -13.03 21.62
N LEU A 226 28.66 -13.10 21.84
CA LEU A 226 29.22 -13.59 23.10
C LEU A 226 30.13 -12.54 23.71
N ALA A 227 30.22 -12.57 25.04
CA ALA A 227 31.09 -11.65 25.75
C ALA A 227 32.55 -11.99 25.46
N GLU A 228 33.45 -11.09 25.87
CA GLU A 228 34.87 -11.33 25.62
C GLU A 228 35.44 -12.39 26.56
N LYS A 229 35.61 -12.06 27.84
CA LYS A 229 36.15 -13.01 28.81
C LYS A 229 35.47 -12.93 30.17
N ASN A 230 34.40 -12.13 30.31
CA ASN A 230 33.69 -12.00 31.58
C ASN A 230 32.19 -11.93 31.35
N ILE A 231 31.44 -12.57 32.25
CA ILE A 231 29.99 -12.57 32.14
C ILE A 231 29.49 -11.14 32.30
N ILE A 232 28.65 -10.71 31.37
CA ILE A 232 28.11 -9.35 31.36
C ILE A 232 26.65 -9.40 31.79
N ILE A 233 26.33 -8.63 32.83
CA ILE A 233 24.97 -8.51 33.35
C ILE A 233 24.59 -7.05 33.18
N ARG A 234 23.68 -6.83 32.22
CA ARG A 234 23.24 -5.46 31.89
C ARG A 234 21.78 -5.28 32.28
N SER A 235 21.45 -4.15 32.90
CA SER A 235 20.09 -3.83 33.29
C SER A 235 20.01 -2.35 33.60
N GLU A 236 18.93 -1.71 33.13
CA GLU A 236 18.76 -0.28 33.39
C GLU A 236 18.65 0.01 34.87
N ASN A 237 18.00 -0.89 35.62
CA ASN A 237 17.86 -0.73 37.06
C ASN A 237 17.94 -2.15 37.63
N ILE A 238 19.15 -2.55 38.01
CA ILE A 238 19.37 -3.90 38.55
C ILE A 238 18.55 -4.14 39.81
N THR A 239 18.27 -3.08 40.57
CA THR A 239 17.50 -3.22 41.80
C THR A 239 16.00 -3.28 41.57
N ASN A 240 15.53 -2.94 40.36
CA ASN A 240 14.10 -2.96 40.08
C ASN A 240 13.64 -4.37 39.72
N ASN A 241 12.34 -4.61 39.91
CA ASN A 241 11.75 -5.92 39.62
C ASN A 241 11.10 -5.93 38.23
N ALA A 242 10.43 -4.85 37.88
CA ALA A 242 9.75 -4.75 36.58
C ALA A 242 10.71 -4.65 35.40
N LYS A 243 11.99 -4.39 35.64
CA LYS A 243 12.97 -4.26 34.57
C LYS A 243 13.62 -5.61 34.30
N ILE A 244 13.81 -5.93 33.03
CA ILE A 244 14.39 -7.21 32.63
C ILE A 244 15.91 -7.15 32.77
N ILE A 245 16.50 -8.28 33.13
CA ILE A 245 17.94 -8.42 33.30
C ILE A 245 18.45 -9.33 32.19
N ILE A 246 19.36 -8.80 31.38
CA ILE A 246 19.94 -9.54 30.25
C ILE A 246 21.33 -10.01 30.66
N VAL A 247 21.57 -11.31 30.49
CA VAL A 247 22.84 -11.94 30.82
C VAL A 247 23.49 -12.39 29.52
N GLN A 248 24.79 -12.18 29.39
CA GLN A 248 25.57 -12.57 28.22
C GLN A 248 26.67 -13.51 28.67
N LEU A 249 26.75 -14.67 28.01
CA LEU A 249 27.74 -15.68 28.35
C LEU A 249 29.06 -15.44 27.62
N VAL A 250 30.14 -15.91 28.24
CA VAL A 250 31.48 -15.75 27.65
C VAL A 250 31.74 -16.82 26.60
N GLN A 251 31.18 -18.01 26.76
CA GLN A 251 31.34 -19.13 25.85
C GLN A 251 29.95 -19.64 25.48
N PRO A 252 29.80 -20.26 24.31
CA PRO A 252 28.47 -20.75 23.92
C PRO A 252 28.16 -22.10 24.54
N VAL A 253 26.88 -22.28 24.89
CA VAL A 253 26.37 -23.52 25.47
C VAL A 253 25.54 -24.17 24.38
N THR A 254 26.10 -25.19 23.73
CA THR A 254 25.42 -25.89 22.64
C THR A 254 24.12 -26.52 23.11
N ILE A 255 23.07 -26.36 22.31
CA ILE A 255 21.75 -26.92 22.57
C ILE A 255 21.25 -27.51 21.27
N LYS A 256 20.75 -28.73 21.31
CA LYS A 256 20.25 -29.41 20.12
C LYS A 256 18.92 -30.07 20.43
N CYS A 257 18.00 -29.99 19.46
CA CYS A 257 16.67 -30.55 19.58
C CYS A 257 16.38 -31.46 18.40
N ILE A 258 15.23 -32.12 18.44
CA ILE A 258 14.83 -33.05 17.39
C ILE A 258 13.32 -33.25 17.46
N ARG A 259 12.72 -33.46 16.29
CA ARG A 259 11.30 -33.73 16.14
C ARG A 259 11.20 -35.18 15.67
N PRO A 260 11.15 -36.16 16.58
CA PRO A 260 11.13 -37.57 16.14
C PRO A 260 9.96 -37.98 15.26
N ASN A 261 8.84 -37.26 15.30
CA ASN A 261 7.70 -37.65 14.49
C ASN A 261 8.01 -37.49 13.00
N ASN A 262 8.11 -38.62 12.30
CA ASN A 262 8.40 -38.63 10.87
C ASN A 262 7.09 -38.25 10.17
N ASN A 263 6.89 -36.94 10.03
CA ASN A 263 5.66 -36.43 9.43
C ASN A 263 5.63 -36.62 7.92
N THR A 264 4.43 -36.87 7.40
CA THR A 264 4.20 -37.04 5.97
C THR A 264 3.25 -35.94 5.51
N VAL A 265 3.81 -34.91 4.90
CA VAL A 265 3.06 -33.74 4.44
C VAL A 265 2.24 -34.10 3.20
N LYS A 266 0.97 -33.70 3.21
CA LYS A 266 0.05 -33.90 2.11
C LYS A 266 -0.48 -32.54 1.71
N SER A 267 -0.72 -32.35 0.41
CA SER A 267 -1.19 -31.08 -0.13
C SER A 267 -2.53 -31.26 -0.84
N ILE A 268 -3.49 -30.42 -0.47
CA ILE A 268 -4.82 -30.38 -1.05
C ILE A 268 -5.11 -28.93 -1.40
N ARG A 269 -5.59 -28.71 -2.61
CA ARG A 269 -5.87 -27.37 -3.11
C ARG A 269 -7.27 -26.93 -2.72
N ILE A 270 -7.36 -25.72 -2.15
CA ILE A 270 -8.61 -25.10 -1.74
C ILE A 270 -8.72 -23.76 -2.45
N GLY A 271 -9.91 -23.43 -2.92
CA GLY A 271 -10.10 -22.19 -3.61
C GLY A 271 -9.57 -22.25 -5.03
N PRO A 272 -9.43 -21.09 -5.68
CA PRO A 272 -8.93 -21.09 -7.07
C PRO A 272 -7.43 -21.28 -7.19
N GLY A 273 -6.98 -22.54 -7.15
CA GLY A 273 -5.57 -22.84 -7.29
C GLY A 273 -4.67 -22.54 -6.12
N GLN A 274 -5.22 -22.36 -4.92
CA GLN A 274 -4.44 -22.07 -3.73
C GLN A 274 -4.25 -23.37 -2.96
N ALA A 275 -2.99 -23.75 -2.77
CA ALA A 275 -2.62 -25.00 -2.10
C ALA A 275 -2.59 -24.83 -0.59
N PHE A 276 -2.90 -25.91 0.12
CA PHE A 276 -2.89 -25.96 1.57
C PHE A 276 -2.08 -27.18 2.00
N TYR A 277 -1.18 -26.98 2.96
CA TYR A 277 -0.30 -28.04 3.46
C TYR A 277 -0.72 -28.43 4.87
N TYR A 278 -0.73 -29.74 5.14
CA TYR A 278 -1.11 -30.25 6.45
C TYR A 278 -0.35 -31.54 6.71
N THR A 279 -0.38 -31.97 7.96
CA THR A 279 0.31 -33.19 8.38
C THR A 279 -0.54 -34.41 8.05
N GLY A 280 0.09 -35.43 7.47
CA GLY A 280 -0.59 -36.66 7.11
C GLY A 280 -0.38 -37.73 8.16
N ASP A 281 -0.03 -38.94 7.74
CA ASP A 281 0.20 -40.03 8.67
C ASP A 281 1.65 -40.01 9.17
N ILE A 282 1.83 -40.45 10.41
CA ILE A 282 3.15 -40.50 11.03
C ILE A 282 3.77 -41.86 10.77
N ILE A 283 5.01 -41.87 10.28
CA ILE A 283 5.72 -43.11 10.00
C ILE A 283 6.45 -43.54 11.26
N GLY A 284 6.02 -44.67 11.85
CA GLY A 284 6.65 -45.17 13.04
C GLY A 284 6.02 -44.68 14.33
N ASP A 285 6.79 -44.81 15.41
CA ASP A 285 6.34 -44.40 16.72
C ASP A 285 6.23 -42.88 16.82
N ILE A 286 5.39 -42.40 17.74
CA ILE A 286 5.17 -40.98 17.98
C ILE A 286 5.71 -40.65 19.36
N ARG A 287 6.53 -39.61 19.44
CA ARG A 287 7.14 -39.19 20.69
C ARG A 287 7.16 -37.67 20.78
N GLN A 288 7.28 -37.17 22.01
CA GLN A 288 7.31 -35.74 22.25
C GLN A 288 8.62 -35.13 21.78
N ALA A 289 8.55 -33.86 21.38
CA ALA A 289 9.75 -33.15 20.96
C ALA A 289 10.54 -32.75 22.20
N HIS A 290 11.87 -32.76 22.08
CA HIS A 290 12.71 -32.42 23.22
C HIS A 290 14.03 -31.83 22.75
N CYS A 291 14.69 -31.14 23.68
CA CYS A 291 15.98 -30.50 23.45
C CYS A 291 16.99 -31.04 24.45
N ASN A 292 18.24 -31.15 24.02
CA ASN A 292 19.33 -31.65 24.84
C ASN A 292 20.35 -30.55 25.11
N VAL A 293 21.01 -30.65 26.26
CA VAL A 293 22.04 -29.70 26.68
C VAL A 293 22.91 -30.39 27.72
N THR A 294 24.22 -30.23 27.58
CA THR A 294 25.17 -30.85 28.51
C THR A 294 24.95 -30.33 29.91
N ARG A 295 24.71 -31.24 30.86
CA ARG A 295 24.49 -30.84 32.25
C ARG A 295 25.77 -30.25 32.84
N SER A 296 26.92 -30.84 32.53
CA SER A 296 28.18 -30.35 33.06
C SER A 296 28.45 -28.92 32.59
N ARG A 297 28.24 -28.65 31.30
CA ARG A 297 28.47 -27.30 30.79
C ARG A 297 27.48 -26.31 31.40
N TRP A 298 26.22 -26.71 31.52
CA TRP A 298 25.21 -25.81 32.08
C TRP A 298 25.45 -25.60 33.57
N ASN A 299 25.94 -26.62 34.27
CA ASN A 299 26.19 -26.49 35.71
C ASN A 299 27.23 -25.40 35.96
N LYS A 300 28.36 -25.47 35.26
CA LYS A 300 29.40 -24.46 35.46
C LYS A 300 28.94 -23.09 34.96
N THR A 301 28.06 -23.07 33.96
CA THR A 301 27.56 -21.81 33.44
C THR A 301 26.77 -21.05 34.50
N LEU A 302 25.85 -21.73 35.17
CA LEU A 302 25.06 -21.08 36.21
C LEU A 302 25.95 -20.68 37.38
N GLN A 303 26.98 -21.48 37.68
CA GLN A 303 27.87 -21.15 38.77
C GLN A 303 28.59 -19.83 38.50
N GLU A 304 29.03 -19.64 37.25
CA GLU A 304 29.70 -18.40 36.89
C GLU A 304 28.70 -17.26 36.78
N VAL A 305 27.52 -17.53 36.21
CA VAL A 305 26.50 -16.50 36.07
C VAL A 305 26.02 -16.05 37.44
N ALA A 306 25.77 -16.99 38.35
CA ALA A 306 25.32 -16.63 39.68
C ALA A 306 26.40 -15.85 40.42
N GLU A 307 27.66 -16.20 40.23
CA GLU A 307 28.75 -15.50 40.90
C GLU A 307 28.78 -14.04 40.47
N LYS A 308 28.66 -13.79 39.17
CA LYS A 308 28.67 -12.42 38.67
C LYS A 308 27.45 -11.66 39.14
N LEU A 309 26.29 -12.31 39.12
CA LEU A 309 25.05 -11.67 39.56
C LEU A 309 25.09 -11.35 41.05
N ARG A 310 25.84 -12.14 41.83
CA ARG A 310 25.93 -11.92 43.26
C ARG A 310 26.62 -10.60 43.59
N THR A 311 27.42 -10.07 42.66
CA THR A 311 28.12 -8.82 42.92
C THR A 311 27.17 -7.65 43.13
N TYR A 312 25.96 -7.72 42.55
CA TYR A 312 25.00 -6.64 42.70
C TYR A 312 24.15 -6.75 43.96
N PHE A 313 24.34 -7.79 44.78
CA PHE A 313 23.57 -7.97 46.01
C PHE A 313 24.41 -8.35 47.22
N GLY A 314 25.72 -8.28 47.14
CA GLY A 314 26.58 -8.63 48.26
C GLY A 314 26.60 -10.11 48.55
N ASN A 315 26.88 -10.43 49.81
CA ASN A 315 26.95 -11.81 50.28
C ASN A 315 25.53 -12.35 50.41
N LYS A 316 25.01 -12.86 49.30
CA LYS A 316 23.66 -13.39 49.23
C LYS A 316 23.61 -14.59 48.30
N THR A 317 22.67 -15.50 48.57
CA THR A 317 22.51 -16.69 47.75
C THR A 317 21.58 -16.38 46.58
N ILE A 318 21.76 -17.13 45.49
CA ILE A 318 20.98 -16.95 44.26
C ILE A 318 20.19 -18.23 44.01
N ILE A 319 18.92 -18.07 43.60
CA ILE A 319 18.02 -19.17 43.32
C ILE A 319 17.38 -18.95 41.95
N PHE A 320 17.11 -20.04 41.24
CA PHE A 320 16.50 -20.02 39.92
C PHE A 320 15.19 -20.81 39.97
N ALA A 321 14.11 -20.23 39.43
CA ALA A 321 12.80 -20.86 39.41
C ALA A 321 12.34 -21.04 37.96
N ASN A 322 11.30 -21.85 37.78
CA ASN A 322 10.77 -22.16 36.45
C ASN A 322 9.63 -21.22 36.06
N SER A 323 10.01 -20.04 35.56
CA SER A 323 9.06 -19.04 35.10
C SER A 323 8.06 -18.61 36.16
N SER A 324 7.11 -17.74 35.79
CA SER A 324 6.08 -17.23 36.68
C SER A 324 4.70 -17.79 36.38
N GLY A 325 4.48 -18.37 35.21
CA GLY A 325 3.20 -18.92 34.84
C GLY A 325 2.36 -17.97 34.01
N GLY A 326 1.43 -18.52 33.22
CA GLY A 326 0.56 -17.75 32.36
C GLY A 326 0.43 -18.42 31.00
N ASP A 327 0.42 -17.59 29.97
CA ASP A 327 0.29 -18.09 28.61
C ASP A 327 1.55 -18.85 28.18
N LEU A 328 1.36 -19.81 27.28
CA LEU A 328 2.47 -20.61 26.79
C LEU A 328 3.42 -19.79 25.93
N GLU A 329 2.92 -18.73 25.31
CA GLU A 329 3.75 -17.89 24.46
C GLU A 329 4.86 -17.18 25.23
N ILE A 330 4.64 -16.89 26.50
CA ILE A 330 5.62 -16.18 27.32
C ILE A 330 6.22 -17.02 28.43
N THR A 331 5.66 -18.19 28.75
CA THR A 331 6.18 -19.03 29.83
C THR A 331 7.13 -20.13 29.34
N THR A 332 7.45 -20.18 28.04
CA THR A 332 8.32 -21.22 27.52
C THR A 332 9.22 -20.66 26.42
N HIS A 333 10.31 -21.38 26.20
CA HIS A 333 11.29 -21.02 25.18
C HIS A 333 10.71 -21.25 23.79
N SER A 334 11.18 -20.48 22.82
CA SER A 334 10.71 -20.54 21.43
C SER A 334 11.81 -21.03 20.50
N PHE A 335 11.43 -21.23 19.24
CA PHE A 335 12.35 -21.70 18.21
C PHE A 335 11.80 -21.35 16.83
N ASN A 336 12.71 -21.33 15.85
CA ASN A 336 12.41 -21.08 14.44
C ASN A 336 13.09 -22.12 13.57
N CYS A 337 13.20 -23.37 14.04
CA CYS A 337 13.90 -24.43 13.32
C CYS A 337 13.20 -24.91 12.06
N GLY A 338 13.78 -24.60 10.91
CA GLY A 338 13.30 -25.01 9.60
C GLY A 338 11.82 -24.85 9.28
N GLY A 339 11.13 -23.96 10.01
CA GLY A 339 9.71 -23.73 9.78
C GLY A 339 8.88 -24.07 10.99
N GLU A 340 9.28 -25.12 11.72
CA GLU A 340 8.56 -25.50 12.91
C GLU A 340 8.77 -24.48 14.01
N PHE A 341 7.88 -24.50 15.00
CA PHE A 341 7.93 -23.59 16.15
C PHE A 341 7.76 -24.42 17.41
N PHE A 342 8.87 -24.66 18.09
CA PHE A 342 8.86 -25.47 19.32
C PHE A 342 8.50 -24.60 20.51
N TYR A 343 8.13 -25.27 21.60
CA TYR A 343 7.79 -24.64 22.87
C TYR A 343 8.29 -25.57 23.95
N CYS A 344 9.50 -25.29 24.46
CA CYS A 344 10.18 -26.13 25.43
C CYS A 344 9.97 -25.64 26.86
N ASN A 345 9.71 -26.61 27.74
CA ASN A 345 9.52 -26.38 29.17
C ASN A 345 10.89 -26.27 29.81
N THR A 346 11.33 -25.05 30.08
CA THR A 346 12.64 -24.78 30.67
C THR A 346 12.72 -25.07 32.17
N SER A 347 11.76 -25.76 32.79
CA SER A 347 11.85 -26.02 34.22
C SER A 347 13.05 -26.89 34.58
N GLY A 348 13.60 -27.63 33.63
CA GLY A 348 14.74 -28.49 33.92
C GLY A 348 16.05 -27.75 34.06
N LEU A 349 16.10 -26.48 33.66
CA LEU A 349 17.32 -25.67 33.75
C LEU A 349 17.28 -24.66 34.88
N PHE A 350 16.24 -23.83 34.94
CA PHE A 350 16.11 -22.82 36.00
C PHE A 350 15.52 -23.44 37.26
N ASN A 351 16.25 -24.43 37.79
CA ASN A 351 15.85 -25.15 39.00
C ASN A 351 17.13 -25.57 39.72
N SER A 352 17.57 -24.73 40.64
CA SER A 352 18.78 -24.96 41.42
C SER A 352 18.98 -23.81 42.40
N THR A 353 19.95 -24.00 43.29
CA THR A 353 20.31 -23.02 44.30
C THR A 353 21.83 -22.89 44.33
N TRP A 354 22.32 -21.70 44.69
CA TRP A 354 23.75 -21.44 44.74
C TRP A 354 24.10 -20.69 46.01
N TYR A 355 25.36 -20.81 46.43
CA TYR A 355 25.88 -20.17 47.62
C TYR A 355 27.18 -19.46 47.29
N VAL A 356 27.78 -18.82 48.31
CA VAL A 356 29.02 -18.09 48.12
C VAL A 356 30.14 -19.02 47.67
N ASN A 357 30.30 -20.16 48.33
CA ASN A 357 31.35 -21.11 47.96
C ASN A 357 31.04 -21.87 46.69
N SER A 358 29.78 -22.17 46.43
CA SER A 358 29.39 -22.90 45.22
C SER A 358 27.88 -22.79 45.00
N ASN A 370 24.87 -39.45 29.41
CA ASN A 370 24.32 -39.45 30.75
C ASN A 370 24.36 -38.06 31.38
N ASP A 371 25.34 -37.26 30.97
CA ASP A 371 25.50 -35.89 31.48
C ASP A 371 24.77 -34.87 30.62
N THR A 372 23.47 -35.07 30.39
CA THR A 372 22.66 -34.18 29.58
C THR A 372 21.32 -33.93 30.26
N ILE A 373 20.70 -32.80 29.95
CA ILE A 373 19.41 -32.41 30.49
C ILE A 373 18.42 -32.36 29.34
N THR A 374 17.33 -33.11 29.45
CA THR A 374 16.30 -33.19 28.43
C THR A 374 15.14 -32.28 28.82
N LEU A 375 14.80 -31.35 27.93
CA LEU A 375 13.71 -30.40 28.14
C LEU A 375 12.48 -30.84 27.36
N PRO A 376 11.36 -31.19 27.99
CA PRO A 376 10.18 -31.57 27.21
C PRO A 376 9.70 -30.38 26.38
N CYS A 377 9.28 -30.66 25.15
CA CYS A 377 8.83 -29.60 24.25
C CYS A 377 7.58 -30.03 23.51
N ARG A 378 6.82 -29.02 23.09
CA ARG A 378 5.58 -29.19 22.35
C ARG A 378 5.62 -28.23 21.17
N ILE A 379 4.99 -28.64 20.06
CA ILE A 379 4.97 -27.86 18.83
C ILE A 379 3.57 -27.31 18.61
N LYS A 380 3.49 -26.02 18.28
CA LYS A 380 2.24 -25.33 18.02
C LYS A 380 2.38 -24.60 16.70
N GLN A 381 1.43 -24.84 15.78
CA GLN A 381 1.44 -24.21 14.47
C GLN A 381 0.74 -22.86 14.45
N ILE A 382 -0.45 -22.74 15.06
CA ILE A 382 -1.17 -21.47 15.10
C ILE A 382 -0.44 -20.60 16.11
N ILE A 383 0.31 -19.61 15.62
CA ILE A 383 1.09 -18.71 16.46
C ILE A 383 0.92 -17.26 16.01
N ASN A 384 1.52 -16.37 16.80
CA ASN A 384 1.54 -14.93 16.58
C ASN A 384 2.93 -14.35 16.72
N MET A 385 3.69 -14.81 17.73
CA MET A 385 5.07 -14.46 18.10
C MET A 385 5.30 -12.96 18.31
N TRP A 386 4.23 -12.17 18.35
CA TRP A 386 4.29 -10.73 18.59
C TRP A 386 3.22 -10.25 19.56
N GLN A 387 2.51 -11.18 20.20
CA GLN A 387 1.44 -10.86 21.14
C GLN A 387 0.35 -9.99 20.52
N ARG A 388 0.11 -10.19 19.22
CA ARG A 388 -0.91 -9.43 18.50
C ARG A 388 -2.12 -10.32 18.24
N ALA A 389 -3.31 -9.76 18.44
CA ALA A 389 -4.56 -10.47 18.24
C ALA A 389 -5.21 -10.17 16.89
N GLY A 390 -4.52 -9.46 15.99
CA GLY A 390 -5.10 -9.13 14.70
C GLY A 390 -4.80 -10.13 13.61
N GLN A 391 -3.57 -10.67 13.58
CA GLN A 391 -3.14 -11.63 12.57
C GLN A 391 -2.73 -12.91 13.26
N ALA A 392 -2.92 -14.05 12.57
CA ALA A 392 -2.60 -15.37 13.08
C ALA A 392 -1.71 -16.12 12.08
N MET A 393 -0.61 -16.68 12.58
CA MET A 393 0.33 -17.44 11.74
C MET A 393 0.10 -18.94 11.85
N TYR A 394 0.09 -19.59 10.69
CA TYR A 394 -0.04 -21.04 10.57
C TYR A 394 1.22 -21.56 9.91
N ALA A 395 2.03 -22.28 10.67
CA ALA A 395 3.28 -22.81 10.13
C ALA A 395 3.04 -24.15 9.45
N PRO A 396 3.31 -24.29 8.15
CA PRO A 396 3.08 -25.59 7.50
C PRO A 396 4.04 -26.64 8.03
N PRO A 397 3.64 -27.91 8.10
CA PRO A 397 4.56 -28.92 8.62
C PRO A 397 5.71 -29.20 7.65
N ILE A 398 6.83 -29.58 8.23
CA ILE A 398 8.04 -29.90 7.47
C ILE A 398 8.11 -31.41 7.31
N PRO A 399 8.26 -31.95 6.09
CA PRO A 399 8.31 -33.41 5.95
C PRO A 399 9.59 -33.99 6.52
N GLY A 400 9.49 -35.25 6.93
CA GLY A 400 10.61 -35.98 7.48
C GLY A 400 11.10 -35.43 8.81
N VAL A 401 11.96 -36.24 9.44
CA VAL A 401 12.53 -35.86 10.73
C VAL A 401 13.39 -34.62 10.54
N ILE A 402 13.30 -33.71 11.50
CA ILE A 402 14.03 -32.45 11.47
C ILE A 402 14.82 -32.30 12.77
N LYS A 403 16.10 -31.97 12.65
CA LYS A 403 16.99 -31.75 13.78
C LYS A 403 17.37 -30.28 13.81
N CYS A 404 17.58 -29.76 15.02
CA CYS A 404 17.92 -28.34 15.19
C CYS A 404 19.02 -28.23 16.24
N GLU A 405 20.05 -27.44 15.94
CA GLU A 405 21.17 -27.22 16.84
C GLU A 405 21.52 -25.73 16.82
N SER A 406 21.84 -25.18 17.99
CA SER A 406 22.18 -23.78 18.10
C SER A 406 23.04 -23.59 19.35
N ASN A 407 23.52 -22.36 19.51
CA ASN A 407 24.36 -21.97 20.64
C ASN A 407 23.62 -20.99 21.55
N ILE A 408 23.63 -21.27 22.85
CA ILE A 408 23.00 -20.39 23.83
C ILE A 408 24.03 -19.34 24.21
N THR A 409 23.69 -18.07 23.97
CA THR A 409 24.59 -16.96 24.27
C THR A 409 24.05 -15.96 25.28
N GLY A 410 22.78 -16.05 25.67
CA GLY A 410 22.25 -15.10 26.63
C GLY A 410 20.95 -15.59 27.23
N LEU A 411 20.58 -14.96 28.34
CA LEU A 411 19.37 -15.30 29.08
C LEU A 411 18.67 -14.03 29.51
N LEU A 412 17.34 -14.07 29.51
CA LEU A 412 16.50 -12.96 29.93
C LEU A 412 15.96 -13.28 31.32
N LEU A 413 16.51 -12.62 32.34
CA LEU A 413 16.14 -12.85 33.73
C LEU A 413 15.30 -11.70 34.28
N THR A 414 14.59 -12.00 35.36
CA THR A 414 13.74 -11.05 36.07
C THR A 414 13.90 -11.30 37.56
N ARG A 415 14.03 -10.21 38.33
CA ARG A 415 14.20 -10.32 39.77
C ARG A 415 12.84 -10.54 40.43
N ASP A 416 12.61 -11.74 40.95
CA ASP A 416 11.36 -12.08 41.60
C ASP A 416 11.47 -11.79 43.10
N GLY A 417 10.77 -10.75 43.55
CA GLY A 417 10.80 -10.39 44.95
C GLY A 417 9.76 -9.35 45.32
N GLY A 418 9.02 -9.62 46.39
CA GLY A 418 7.99 -8.72 46.89
C GLY A 418 8.11 -8.51 48.39
N LYS A 419 9.29 -8.78 48.93
CA LYS A 419 9.56 -8.64 50.36
C LYS A 419 10.99 -8.15 50.51
N ASP A 420 11.49 -8.20 51.74
CA ASP A 420 12.85 -7.79 51.99
C ASP A 420 13.81 -8.77 51.33
N ASN A 421 14.93 -8.25 50.83
CA ASN A 421 15.92 -9.09 50.16
C ASN A 421 16.50 -10.17 51.07
N ASN A 422 16.40 -10.01 52.39
CA ASN A 422 16.86 -10.93 53.43
C ASN A 422 18.21 -11.60 53.08
N VAL A 423 18.26 -12.94 52.98
CA VAL A 423 19.50 -13.66 52.70
C VAL A 423 19.46 -14.32 51.32
N ASN A 424 18.33 -14.26 50.62
CA ASN A 424 18.23 -14.87 49.30
C ASN A 424 17.30 -14.07 48.41
N GLU A 425 17.51 -14.21 47.11
CA GLU A 425 16.73 -13.54 46.08
C GLU A 425 16.52 -14.51 44.93
N THR A 426 15.28 -14.65 44.49
CA THR A 426 14.93 -15.56 43.41
C THR A 426 14.90 -14.84 42.07
N PHE A 427 15.24 -15.59 41.02
CA PHE A 427 15.25 -15.08 39.65
C PHE A 427 14.59 -16.10 38.74
N ARG A 428 13.86 -15.59 37.75
CA ARG A 428 13.12 -16.40 36.80
C ARG A 428 13.41 -15.92 35.38
N PRO A 429 13.28 -16.81 34.37
CA PRO A 429 13.51 -16.34 32.99
C PRO A 429 12.38 -15.43 32.57
N GLY A 430 12.65 -14.13 32.52
CA GLY A 430 11.64 -13.16 32.16
C GLY A 430 11.39 -13.01 30.68
N GLY A 431 11.15 -11.77 30.26
CA GLY A 431 10.89 -11.44 28.87
C GLY A 431 9.57 -10.71 28.72
N SER A 432 8.63 -11.33 28.01
CA SER A 432 7.31 -10.75 27.77
C SER A 432 7.37 -9.54 26.85
N ASP A 433 8.53 -9.27 26.25
CA ASP A 433 8.73 -8.15 25.35
C ASP A 433 9.83 -8.53 24.38
N MET A 434 9.50 -8.57 23.08
CA MET A 434 10.49 -8.95 22.09
C MET A 434 11.56 -7.88 21.90
N ARG A 435 11.33 -6.66 22.41
CA ARG A 435 12.33 -5.61 22.26
C ARG A 435 13.62 -5.97 22.98
N ASP A 436 13.52 -6.61 24.15
CA ASP A 436 14.70 -7.00 24.89
C ASP A 436 15.55 -8.02 24.14
N ASN A 437 14.94 -8.79 23.24
CA ASN A 437 15.71 -9.79 22.48
C ASN A 437 16.77 -9.12 21.62
N TRP A 438 16.43 -8.04 20.94
CA TRP A 438 17.38 -7.31 20.10
C TRP A 438 18.27 -6.36 20.89
N ARG A 439 17.83 -5.92 22.07
CA ARG A 439 18.66 -5.03 22.88
C ARG A 439 19.96 -5.72 23.26
N SER A 440 19.92 -7.05 23.41
CA SER A 440 21.11 -7.81 23.77
C SER A 440 22.13 -7.85 22.64
N GLU A 441 21.74 -7.48 21.41
CA GLU A 441 22.64 -7.49 20.26
C GLU A 441 23.03 -6.11 19.77
N LEU A 442 22.21 -5.08 19.97
CA LEU A 442 22.50 -3.72 19.55
C LEU A 442 23.08 -2.85 20.67
N TYR A 443 23.45 -3.45 21.79
CA TYR A 443 24.00 -2.68 22.91
C TYR A 443 25.31 -2.00 22.56
N LYS A 444 26.06 -2.56 21.61
CA LYS A 444 27.35 -2.00 21.24
C LYS A 444 27.25 -0.75 20.38
N TYR A 445 26.07 -0.40 19.87
CA TYR A 445 25.91 0.74 18.96
C TYR A 445 24.97 1.82 19.47
N LYS A 446 25.08 2.98 18.81
CA LYS A 446 24.29 4.17 19.05
C LYS A 446 24.42 5.05 17.82
N VAL A 447 23.30 5.60 17.36
CA VAL A 447 23.25 6.45 16.18
C VAL A 447 23.36 7.90 16.61
N VAL A 448 24.20 8.66 15.91
CA VAL A 448 24.42 10.07 16.20
C VAL A 448 24.46 10.84 14.88
N GLU A 449 24.11 12.13 14.94
CA GLU A 449 24.10 13.00 13.77
C GLU A 449 25.33 13.90 13.81
N ILE A 450 26.14 13.86 12.76
CA ILE A 450 27.35 14.67 12.69
C ILE A 450 26.99 16.07 12.21
N GLU A 451 27.58 17.08 12.89
CA GLU A 451 27.38 18.49 12.60
C GLU A 451 28.71 19.02 12.06
N PRO A 452 28.92 18.99 10.73
CA PRO A 452 30.20 19.48 10.20
C PRO A 452 30.45 20.98 10.30
N LEU A 453 29.53 21.74 10.91
CA LEU A 453 29.68 23.18 11.06
C LEU A 453 30.14 23.49 12.48
N GLY A 454 31.21 24.27 12.58
CA GLY A 454 31.77 24.66 13.87
C GLY A 454 32.36 26.06 13.81
N VAL A 455 32.11 26.87 14.84
CA VAL A 455 32.60 28.24 14.92
C VAL A 455 33.56 28.37 16.10
N ALA A 456 34.71 29.00 15.85
CA ALA A 456 35.72 29.20 16.88
C ALA A 456 36.42 30.52 16.60
N PRO A 457 36.98 31.18 17.61
CA PRO A 457 37.67 32.45 17.36
C PRO A 457 39.15 32.27 17.08
N THR A 458 39.76 33.35 16.57
CA THR A 458 41.17 33.38 16.25
C THR A 458 41.60 34.83 16.08
N ARG A 459 42.82 35.03 15.59
CA ARG A 459 43.40 36.36 15.41
C ARG A 459 43.50 36.79 13.95
N CYS A 460 42.49 36.49 13.13
CA CYS A 460 42.49 36.89 11.71
C CYS A 460 41.16 37.55 11.38
N LYS A 461 41.21 38.50 10.45
CA LYS A 461 40.05 39.27 10.00
C LYS A 461 39.94 39.15 8.49
N ARG A 462 38.70 38.98 8.02
CA ARG A 462 38.46 38.85 6.58
C ARG A 462 38.80 40.14 5.87
N ARG A 463 39.36 40.01 4.67
CA ARG A 463 39.72 41.17 3.87
C ARG A 463 38.49 41.78 3.22
N VAL A 464 38.58 43.07 2.89
CA VAL A 464 37.50 43.80 2.26
C VAL A 464 38.06 44.73 1.19
N LEU B 1 44.28 9.94 7.47
CA LEU B 1 43.37 9.28 8.45
C LEU B 1 42.03 8.95 7.80
N GLY B 2 41.29 8.05 8.44
CA GLY B 2 39.99 7.66 7.92
C GLY B 2 38.91 8.67 8.24
N PHE B 3 37.70 8.34 7.81
CA PHE B 3 36.55 9.21 8.04
C PHE B 3 36.29 9.37 9.53
N LEU B 4 36.21 10.62 9.98
CA LEU B 4 35.94 10.96 11.38
C LEU B 4 36.97 10.39 12.33
N GLY B 5 38.21 10.17 11.86
CA GLY B 5 39.25 9.60 12.70
C GLY B 5 39.98 10.58 13.60
N ALA B 6 39.71 11.88 13.49
CA ALA B 6 40.36 12.90 14.31
C ALA B 6 39.41 13.57 15.27
N ALA B 7 38.38 12.87 15.76
CA ALA B 7 37.43 13.49 16.67
C ALA B 7 38.04 13.71 18.04
N GLY B 8 38.79 12.73 18.56
CA GLY B 8 39.39 12.86 19.87
C GLY B 8 40.62 13.75 19.95
N SER B 9 41.28 14.02 18.84
CA SER B 9 42.46 14.86 18.86
C SER B 9 42.08 16.28 19.29
N THR B 10 43.09 17.08 19.61
CA THR B 10 42.82 18.45 20.03
C THR B 10 42.24 19.25 18.88
N MET B 11 41.90 20.50 19.17
CA MET B 11 41.29 21.37 18.17
C MET B 11 42.20 21.58 16.97
N GLY B 12 43.44 21.99 17.22
CA GLY B 12 44.39 22.22 16.13
C GLY B 12 44.65 20.96 15.33
N ALA B 13 44.84 19.84 16.02
CA ALA B 13 45.09 18.58 15.31
C ALA B 13 43.88 18.18 14.47
N ALA B 14 42.68 18.45 14.98
CA ALA B 14 41.48 18.09 14.24
C ALA B 14 41.28 18.99 13.02
N SER B 15 41.77 20.23 13.08
CA SER B 15 41.62 21.14 11.95
C SER B 15 42.45 20.74 10.73
N ILE B 16 43.34 19.75 10.86
CA ILE B 16 44.20 19.34 9.75
C ILE B 16 43.56 18.26 8.87
N THR B 17 42.46 17.64 9.29
CA THR B 17 41.80 16.58 8.53
C THR B 17 40.32 16.84 8.27
N LEU B 18 39.96 18.03 7.77
CA LEU B 18 38.56 18.34 7.51
C LEU B 18 38.12 17.89 6.12
N THR B 19 39.06 17.74 5.19
CA THR B 19 38.72 17.37 3.82
C THR B 19 38.05 16.00 3.74
N VAL B 20 38.58 15.01 4.45
CA VAL B 20 37.98 13.66 4.38
C VAL B 20 36.58 13.66 4.98
N GLN B 21 36.40 14.38 6.10
CA GLN B 21 35.09 14.43 6.73
C GLN B 21 34.08 15.16 5.85
N ALA B 22 34.52 16.18 5.10
CA ALA B 22 33.60 16.88 4.22
C ALA B 22 33.28 16.05 2.98
N ARG B 23 34.24 15.23 2.53
CA ARG B 23 34.03 14.40 1.36
C ARG B 23 33.12 13.22 1.66
N ASN B 24 33.18 12.68 2.87
CA ASN B 24 32.34 11.52 3.22
C ASN B 24 30.85 11.87 3.47
N LEU B 25 30.32 13.05 3.14
CA LEU B 25 28.91 13.34 3.38
C LEU B 25 27.98 12.79 2.30
N LEU B 26 28.50 12.09 1.30
CA LEU B 26 27.68 11.53 0.24
C LEU B 26 28.35 10.29 -0.34
N LEU B 49 11.08 -6.53 0.47
CA LEU B 49 10.75 -6.35 -0.93
C LEU B 49 10.40 -4.89 -1.21
N THR B 50 9.29 -4.43 -0.62
CA THR B 50 8.83 -3.06 -0.77
C THR B 50 9.16 -2.20 0.44
N HIS B 51 9.25 -2.81 1.62
CA HIS B 51 9.57 -2.07 2.82
C HIS B 51 10.97 -1.47 2.75
N TRP B 52 11.94 -2.25 2.26
CA TRP B 52 13.30 -1.75 2.15
C TRP B 52 13.43 -0.66 1.10
N GLY B 53 12.72 -0.79 -0.02
CA GLY B 53 12.78 0.20 -1.07
C GLY B 53 12.34 1.58 -0.63
N ILE B 54 11.19 1.66 0.04
CA ILE B 54 10.70 2.96 0.51
C ILE B 54 11.58 3.47 1.63
N LYS B 55 12.07 2.57 2.50
CA LYS B 55 12.93 2.99 3.61
C LYS B 55 14.22 3.61 3.09
N GLN B 56 14.85 2.98 2.10
CA GLN B 56 16.09 3.52 1.55
C GLN B 56 15.83 4.86 0.89
N LEU B 57 14.71 4.99 0.17
CA LEU B 57 14.37 6.24 -0.49
C LEU B 57 14.22 7.35 0.54
N GLN B 58 13.54 7.05 1.65
CA GLN B 58 13.36 8.05 2.70
C GLN B 58 14.68 8.39 3.37
N ALA B 59 15.58 7.40 3.47
CA ALA B 59 16.88 7.64 4.10
C ALA B 59 17.82 8.38 3.15
N ARG B 60 17.78 8.04 1.86
CA ARG B 60 18.66 8.70 0.90
C ARG B 60 18.34 10.19 0.77
N VAL B 61 17.05 10.53 0.67
CA VAL B 61 16.67 11.93 0.56
C VAL B 61 17.00 12.66 1.85
N LEU B 62 16.98 11.96 2.99
CA LEU B 62 17.31 12.60 4.26
C LEU B 62 18.75 13.09 4.27
N ALA B 63 19.66 12.28 3.71
CA ALA B 63 21.06 12.69 3.65
C ALA B 63 21.22 13.93 2.77
N VAL B 64 20.52 13.95 1.64
CA VAL B 64 20.60 15.10 0.74
C VAL B 64 20.08 16.34 1.45
N GLU B 65 18.94 16.21 2.13
CA GLU B 65 18.39 17.34 2.86
C GLU B 65 19.31 17.77 4.00
N HIS B 66 19.88 16.81 4.72
CA HIS B 66 20.78 17.14 5.81
C HIS B 66 22.02 17.86 5.30
N TYR B 67 22.61 17.37 4.21
CA TYR B 67 23.79 18.02 3.65
C TYR B 67 23.46 19.41 3.14
N LEU B 68 22.29 19.56 2.53
CA LEU B 68 21.88 20.87 2.02
C LEU B 68 21.60 21.84 3.16
N ARG B 69 21.15 21.31 4.30
CA ARG B 69 20.85 22.17 5.44
C ARG B 69 22.09 22.93 5.91
N ASP B 70 23.22 22.23 6.01
CA ASP B 70 24.47 22.86 6.44
C ASP B 70 25.19 23.55 5.30
N GLN B 71 25.07 23.04 4.07
CA GLN B 71 25.73 23.67 2.93
C GLN B 71 25.13 25.03 2.62
N GLN B 72 23.81 25.18 2.79
CA GLN B 72 23.17 26.46 2.50
C GLN B 72 23.69 27.55 3.44
N LEU B 73 23.84 27.24 4.72
CA LEU B 73 24.35 28.24 5.67
C LEU B 73 25.76 28.65 5.31
N LEU B 74 26.60 27.69 4.93
CA LEU B 74 27.98 28.01 4.56
C LEU B 74 28.02 28.90 3.32
N GLY B 75 27.07 28.72 2.41
CA GLY B 75 27.03 29.51 1.19
C GLY B 75 26.71 30.98 1.42
N ILE B 76 25.65 31.25 2.18
CA ILE B 76 25.27 32.64 2.44
C ILE B 76 26.27 33.37 3.32
N TRP B 77 27.09 32.65 4.08
CA TRP B 77 28.10 33.26 4.94
C TRP B 77 29.36 33.67 4.17
N GLY B 78 29.36 33.53 2.85
CA GLY B 78 30.54 33.89 2.08
C GLY B 78 31.67 32.90 2.24
N CYS B 79 31.37 31.66 2.61
CA CYS B 79 32.36 30.60 2.82
C CYS B 79 32.13 29.40 1.92
N SER B 80 31.50 29.59 0.76
CA SER B 80 31.23 28.48 -0.14
C SER B 80 32.53 27.90 -0.68
N GLY B 81 32.72 26.59 -0.49
CA GLY B 81 33.90 25.93 -0.97
C GLY B 81 35.17 26.19 -0.20
N LYS B 82 35.08 26.82 0.98
CA LYS B 82 36.23 27.12 1.82
C LYS B 82 36.11 26.38 3.14
N LEU B 83 37.00 25.43 3.37
CA LEU B 83 36.97 24.69 4.63
C LEU B 83 37.26 25.62 5.80
N ILE B 84 38.23 26.52 5.63
CA ILE B 84 38.60 27.51 6.63
C ILE B 84 38.14 28.86 6.09
N CYS B 85 37.23 29.51 6.81
CA CYS B 85 36.67 30.78 6.40
C CYS B 85 36.70 31.77 7.55
N CYS B 86 37.05 33.02 7.23
CA CYS B 86 37.12 34.10 8.20
C CYS B 86 35.90 35.01 8.06
N THR B 87 35.58 35.71 9.15
CA THR B 87 34.45 36.63 9.19
C THR B 87 34.89 37.94 9.81
N ASN B 88 33.94 38.87 9.92
CA ASN B 88 34.17 40.19 10.49
C ASN B 88 33.45 40.40 11.82
N VAL B 89 32.76 39.39 12.33
CA VAL B 89 32.03 39.51 13.59
C VAL B 89 33.01 39.39 14.75
N PRO B 90 33.13 40.37 15.65
CA PRO B 90 34.06 40.21 16.77
C PRO B 90 33.58 39.13 17.73
N TRP B 91 34.53 38.54 18.44
CA TRP B 91 34.21 37.48 19.39
C TRP B 91 33.72 38.09 20.69
N ASN B 92 32.42 38.01 20.94
CA ASN B 92 31.84 38.55 22.17
C ASN B 92 32.32 37.71 23.35
N SER B 93 32.84 38.36 24.38
CA SER B 93 33.33 37.65 25.55
C SER B 93 32.23 36.85 26.25
N SER B 94 30.98 37.30 26.15
CA SER B 94 29.88 36.59 26.79
C SER B 94 29.78 35.14 26.34
N TRP B 95 30.15 34.84 25.09
CA TRP B 95 30.09 33.47 24.61
C TRP B 95 31.12 32.60 25.32
N SER B 96 32.32 33.12 25.55
CA SER B 96 33.37 32.36 26.22
C SER B 96 34.55 33.25 26.57
N ASN B 97 34.99 33.19 27.83
CA ASN B 97 36.12 34.00 28.30
C ASN B 97 37.43 33.23 28.33
N LYS B 98 37.44 31.96 27.93
CA LYS B 98 38.67 31.17 27.96
C LYS B 98 39.69 31.70 26.96
N SER B 99 40.96 31.55 27.31
CA SER B 99 42.06 32.02 26.47
C SER B 99 42.19 31.18 25.20
N LEU B 100 42.82 31.79 24.19
CA LEU B 100 43.01 31.14 22.89
C LEU B 100 43.73 29.81 23.00
N ASP B 101 44.78 29.74 23.82
CA ASP B 101 45.53 28.49 23.96
C ASP B 101 44.66 27.35 24.43
N GLU B 102 43.72 27.62 25.34
CA GLU B 102 42.86 26.56 25.85
C GLU B 102 41.93 26.03 24.77
N ILE B 103 41.52 26.88 23.82
CA ILE B 103 40.61 26.45 22.77
C ILE B 103 41.35 25.69 21.69
N TRP B 104 42.49 26.22 21.25
CA TRP B 104 43.22 25.59 20.15
C TRP B 104 44.30 24.60 20.54
N ASN B 105 44.57 24.36 21.83
CA ASN B 105 45.61 23.40 22.20
C ASN B 105 45.26 22.45 23.33
N ASN B 106 44.15 22.64 24.06
CA ASN B 106 43.80 21.75 25.18
C ASN B 106 42.46 21.04 24.97
N MET B 107 41.37 21.78 24.75
CA MET B 107 40.07 21.16 24.58
C MET B 107 39.88 20.66 23.15
N THR B 108 38.78 19.95 22.92
CA THR B 108 38.45 19.38 21.63
C THR B 108 37.08 19.90 21.17
N TRP B 109 36.67 19.44 19.97
CA TRP B 109 35.40 19.86 19.41
C TRP B 109 34.21 19.25 20.15
N LEU B 110 34.38 18.03 20.69
CA LEU B 110 33.26 17.38 21.38
C LEU B 110 32.79 18.20 22.58
N GLN B 111 33.71 18.68 23.41
CA GLN B 111 33.34 19.47 24.57
C GLN B 111 33.15 20.95 24.22
N TRP B 112 33.79 21.42 23.15
CA TRP B 112 33.65 22.82 22.75
C TRP B 112 32.24 23.11 22.25
N ASP B 113 31.63 22.16 21.55
CA ASP B 113 30.28 22.37 21.04
C ASP B 113 29.29 22.56 22.17
N LYS B 114 29.44 21.80 23.26
CA LYS B 114 28.54 21.92 24.40
C LYS B 114 28.66 23.29 25.06
N GLU B 115 29.81 23.94 24.95
CA GLU B 115 30.01 25.24 25.57
C GLU B 115 29.25 26.34 24.83
N ILE B 116 29.29 26.31 23.50
CA ILE B 116 28.62 27.32 22.68
C ILE B 116 27.27 26.86 22.12
N ASN B 117 26.68 25.81 22.67
CA ASN B 117 25.40 25.32 22.15
C ASN B 117 24.31 26.38 22.24
N ASN B 118 24.30 27.14 23.34
CA ASN B 118 23.28 28.18 23.51
C ASN B 118 23.52 29.36 22.57
N TYR B 119 24.78 29.73 22.35
CA TYR B 119 25.10 30.88 21.51
C TYR B 119 25.34 30.51 20.05
N THR B 120 25.23 29.24 19.67
CA THR B 120 25.47 28.86 18.27
C THR B 120 24.44 29.53 17.35
N GLN B 121 23.17 29.53 17.75
CA GLN B 121 22.13 30.12 16.92
C GLN B 121 22.31 31.62 16.80
N LEU B 122 22.62 32.31 17.89
CA LEU B 122 22.80 33.76 17.83
C LEU B 122 24.04 34.14 17.03
N ILE B 123 25.10 33.35 17.12
CA ILE B 123 26.32 33.65 16.37
C ILE B 123 26.04 33.61 14.88
N TYR B 124 25.20 32.67 14.45
CA TYR B 124 24.88 32.55 13.03
C TYR B 124 24.19 33.81 12.52
N ARG B 125 23.29 34.38 13.32
CA ARG B 125 22.57 35.59 12.91
C ARG B 125 23.53 36.75 12.67
N LEU B 126 24.51 36.92 13.55
CA LEU B 126 25.45 38.03 13.39
C LEU B 126 26.31 37.85 12.14
N ILE B 127 26.70 36.61 11.83
CA ILE B 127 27.51 36.37 10.64
C ILE B 127 26.73 36.75 9.38
N GLU B 128 25.43 36.46 9.38
CA GLU B 128 24.60 36.77 8.22
C GLU B 128 24.47 38.28 8.04
N GLU B 129 24.17 38.98 9.13
CA GLU B 129 24.03 40.43 9.05
C GLU B 129 25.33 41.09 8.64
N SER B 130 26.45 40.64 9.23
CA SER B 130 27.74 41.21 8.86
C SER B 130 28.08 40.92 7.42
N GLN B 131 27.84 39.69 6.96
CA GLN B 131 28.12 39.34 5.58
C GLN B 131 27.22 40.13 4.63
N ASN B 132 25.93 40.25 4.96
CA ASN B 132 25.02 40.98 4.10
C ASN B 132 25.44 42.44 3.97
N GLN B 133 25.85 43.05 5.09
CA GLN B 133 26.29 44.43 5.04
C GLN B 133 27.56 44.56 4.20
N GLN B 134 28.41 43.53 4.22
CA GLN B 134 29.63 43.57 3.44
C GLN B 134 29.33 43.60 1.94
N GLU B 135 28.40 42.75 1.49
CA GLU B 135 28.05 42.73 0.07
C GLU B 135 27.44 44.06 -0.36
N LYS B 136 26.57 44.64 0.47
CA LYS B 136 25.96 45.91 0.14
C LYS B 136 27.02 47.00 0.05
N ASN B 137 27.97 47.01 0.98
CA ASN B 137 29.04 48.00 0.94
C ASN B 137 29.91 47.83 -0.29
N GLU B 138 30.14 46.59 -0.72
CA GLU B 138 30.95 46.36 -1.91
C GLU B 138 30.21 46.82 -3.16
N LYS B 139 28.89 46.67 -3.19
CA LYS B 139 28.11 47.08 -4.36
C LYS B 139 28.20 48.60 -4.54
N GLU B 140 27.95 49.36 -3.48
CA GLU B 140 28.01 50.82 -3.60
C GLU B 140 29.43 51.28 -3.86
N LEU B 141 30.43 50.63 -3.27
CA LEU B 141 31.82 51.02 -3.49
C LEU B 141 32.21 50.80 -4.95
N LEU B 142 31.75 49.71 -5.54
CA LEU B 142 32.06 49.39 -6.93
C LEU B 142 31.19 50.21 -7.88
N ASN C 1 56.30 22.97 -19.08
CA ASN C 1 55.42 21.83 -18.69
C ASN C 1 53.97 22.30 -18.61
N LEU C 2 53.09 21.42 -18.12
CA LEU C 2 51.66 21.72 -17.99
C LEU C 2 51.14 21.27 -16.63
N TRP C 3 50.03 21.88 -16.23
CA TRP C 3 49.36 21.59 -14.97
C TRP C 3 47.94 21.10 -15.27
N VAL C 4 47.29 20.58 -14.22
CA VAL C 4 45.93 20.06 -14.41
C VAL C 4 44.92 21.20 -14.49
N THR C 5 43.71 20.84 -14.91
CA THR C 5 42.60 21.78 -15.03
C THR C 5 41.31 20.98 -15.11
N VAL C 6 40.37 21.29 -14.22
CA VAL C 6 39.08 20.60 -14.14
C VAL C 6 38.01 21.49 -14.77
N TYR C 7 37.14 20.86 -15.57
CA TYR C 7 36.05 21.54 -16.25
C TYR C 7 34.72 21.04 -15.72
N TYR C 8 33.67 21.82 -15.98
CA TYR C 8 32.31 21.50 -15.56
C TYR C 8 31.40 21.64 -16.78
N GLY C 9 30.22 21.02 -16.71
CA GLY C 9 29.32 21.07 -17.85
C GLY C 9 29.93 20.42 -19.07
N VAL C 10 30.68 19.34 -18.86
CA VAL C 10 31.42 18.65 -19.92
C VAL C 10 30.47 17.73 -20.70
N PRO C 11 30.58 17.65 -22.04
CA PRO C 11 29.71 16.73 -22.79
C PRO C 11 30.31 15.34 -22.92
N VAL C 12 30.21 14.53 -21.87
CA VAL C 12 30.71 13.15 -21.86
C VAL C 12 29.63 12.28 -21.24
N TRP C 13 29.72 10.98 -21.51
CA TRP C 13 28.73 10.06 -20.98
C TRP C 13 29.32 8.66 -20.87
N ARG C 14 28.64 7.83 -20.09
CA ARG C 14 29.01 6.45 -19.85
C ARG C 14 27.77 5.58 -19.98
N ASP C 15 27.94 4.37 -20.53
CA ASP C 15 26.82 3.46 -20.69
C ASP C 15 26.41 2.92 -19.33
N ALA C 16 25.27 3.40 -18.82
CA ALA C 16 24.78 2.97 -17.51
C ALA C 16 23.27 2.83 -17.57
N ASP C 17 22.73 2.10 -16.61
CA ASP C 17 21.29 1.85 -16.49
C ASP C 17 20.71 2.78 -15.44
N THR C 18 19.49 3.25 -15.68
CA THR C 18 18.82 4.14 -14.74
C THR C 18 17.33 3.84 -14.74
N THR C 19 16.63 4.40 -13.75
CA THR C 19 15.20 4.21 -13.59
C THR C 19 14.46 5.14 -14.55
N LEU C 20 13.67 4.57 -15.44
CA LEU C 20 12.91 5.35 -16.41
C LEU C 20 11.51 5.65 -15.88
N PHE C 21 10.98 6.77 -16.36
CA PHE C 21 9.60 7.18 -15.97
C PHE C 21 8.83 7.49 -17.24
N CYS C 22 7.55 7.14 -17.29
CA CYS C 22 6.74 7.32 -18.51
C CYS C 22 6.22 8.76 -18.65
N ALA C 23 5.88 9.17 -19.87
CA ALA C 23 5.31 10.51 -20.10
C ALA C 23 4.23 10.39 -21.17
N SER C 24 3.17 9.64 -20.88
CA SER C 24 2.10 9.41 -21.88
C SER C 24 1.66 10.73 -22.51
N ASP C 25 1.58 10.76 -23.84
CA ASP C 25 1.09 11.99 -24.55
C ASP C 25 -0.26 12.37 -23.93
N ALA C 26 -0.39 13.60 -23.44
CA ALA C 26 -1.63 14.05 -22.79
C ALA C 26 -2.21 12.92 -21.94
N LYS C 33 -7.18 6.70 -16.67
CA LYS C 33 -8.60 6.96 -16.49
C LYS C 33 -9.43 6.04 -17.38
N HIS C 34 -9.02 5.93 -18.65
CA HIS C 34 -9.70 5.09 -19.63
C HIS C 34 -8.74 4.21 -20.42
N ASN C 35 -7.53 3.97 -19.90
CA ASN C 35 -6.55 3.15 -20.61
C ASN C 35 -5.78 2.31 -19.60
N VAL C 36 -5.38 1.11 -20.04
CA VAL C 36 -4.65 0.19 -19.18
C VAL C 36 -3.27 0.72 -18.81
N TRP C 37 -2.64 1.47 -19.71
CA TRP C 37 -1.31 2.01 -19.45
C TRP C 37 -1.32 3.22 -18.51
N ALA C 38 -2.48 3.64 -18.03
CA ALA C 38 -2.58 4.78 -17.11
C ALA C 38 -1.97 6.03 -17.73
N THR C 39 -2.35 6.30 -18.98
CA THR C 39 -1.83 7.48 -19.67
C THR C 39 -2.22 8.76 -18.94
N HIS C 40 -3.41 8.81 -18.36
CA HIS C 40 -3.85 9.98 -17.62
C HIS C 40 -3.02 10.24 -16.37
N ALA C 41 -2.35 9.22 -15.83
CA ALA C 41 -1.52 9.37 -14.65
C ALA C 41 -0.09 9.78 -14.97
N CYS C 42 0.45 9.43 -16.13
CA CYS C 42 1.80 9.81 -16.48
C CYS C 42 1.91 11.33 -16.59
N VAL C 43 3.14 11.82 -16.48
CA VAL C 43 3.38 13.26 -16.57
C VAL C 43 3.02 13.71 -17.99
N PRO C 44 2.56 14.94 -18.20
CA PRO C 44 2.21 15.36 -19.57
C PRO C 44 3.43 15.32 -20.49
N THR C 45 3.19 14.95 -21.74
CA THR C 45 4.27 14.87 -22.70
C THR C 45 4.80 16.27 -23.02
N ASP C 46 5.98 16.31 -23.63
CA ASP C 46 6.58 17.58 -23.98
C ASP C 46 5.80 18.21 -25.13
N PRO C 47 5.83 19.54 -25.28
CA PRO C 47 5.10 20.15 -26.40
C PRO C 47 5.60 19.68 -27.76
N ASN C 48 6.89 19.35 -27.83
CA ASN C 48 7.51 18.85 -29.06
C ASN C 48 8.80 18.15 -28.66
N PRO C 49 9.22 17.13 -29.42
CA PRO C 49 10.46 16.45 -29.04
C PRO C 49 11.68 17.35 -29.23
N GLN C 50 12.30 17.76 -28.13
CA GLN C 50 13.47 18.62 -28.18
C GLN C 50 14.76 17.85 -28.47
N GLU C 51 14.79 17.12 -29.58
CA GLU C 51 15.97 16.35 -29.91
C GLU C 51 17.08 17.25 -30.46
N ILE C 52 18.30 17.03 -29.96
CA ILE C 52 19.48 17.78 -30.36
C ILE C 52 20.35 16.85 -31.19
N HIS C 53 20.66 17.28 -32.42
CA HIS C 53 21.48 16.48 -33.31
C HIS C 53 22.93 16.49 -32.84
N LEU C 54 23.54 15.30 -32.79
CA LEU C 54 24.93 15.16 -32.35
C LEU C 54 25.82 15.06 -33.59
N ASP C 55 26.42 16.19 -33.95
CA ASP C 55 27.30 16.25 -35.10
C ASP C 55 28.65 15.61 -34.79
N ASN C 56 29.21 14.92 -35.78
CA ASN C 56 30.51 14.27 -35.67
C ASN C 56 30.61 13.21 -34.58
N VAL C 57 29.48 12.79 -34.00
CA VAL C 57 29.52 11.78 -32.95
C VAL C 57 29.23 10.40 -33.51
N THR C 58 30.02 9.42 -33.09
CA THR C 58 29.88 8.03 -33.53
C THR C 58 30.32 7.13 -32.38
N GLU C 59 29.41 6.26 -31.93
CA GLU C 59 29.71 5.35 -30.83
C GLU C 59 28.89 4.08 -31.03
N LYS C 60 29.22 3.06 -30.25
CA LYS C 60 28.55 1.76 -30.32
C LYS C 60 27.17 1.81 -29.69
N PHE C 61 26.29 0.94 -30.19
CA PHE C 61 24.92 0.76 -29.72
C PHE C 61 24.69 -0.72 -29.46
N ASN C 62 23.77 -1.03 -28.54
CA ASN C 62 23.48 -2.43 -28.24
C ASN C 62 22.06 -2.51 -27.65
N MET C 63 21.12 -3.01 -28.46
CA MET C 63 19.75 -3.14 -28.00
C MET C 63 19.50 -4.45 -27.26
N TRP C 64 20.41 -5.42 -27.38
CA TRP C 64 20.26 -6.72 -26.73
C TRP C 64 20.90 -6.76 -25.34
N LYS C 65 21.40 -5.63 -24.83
CA LYS C 65 22.02 -5.59 -23.52
C LYS C 65 21.50 -4.43 -22.67
N ASN C 66 20.89 -3.43 -23.29
CA ASN C 66 20.37 -2.29 -22.53
C ASN C 66 19.25 -2.73 -21.61
N ASN C 67 19.25 -2.18 -20.40
CA ASN C 67 18.22 -2.51 -19.40
C ASN C 67 16.93 -1.74 -19.60
N MET C 68 16.88 -0.80 -20.55
CA MET C 68 15.65 -0.04 -20.77
C MET C 68 14.52 -0.95 -21.24
N VAL C 69 14.84 -1.93 -22.09
CA VAL C 69 13.80 -2.84 -22.56
C VAL C 69 13.24 -3.66 -21.41
N GLU C 70 14.10 -4.02 -20.45
CA GLU C 70 13.63 -4.78 -19.30
C GLU C 70 12.62 -3.98 -18.48
N GLN C 71 12.92 -2.70 -18.27
CA GLN C 71 11.99 -1.86 -17.53
C GLN C 71 10.68 -1.70 -18.29
N MET C 72 10.75 -1.66 -19.61
CA MET C 72 9.53 -1.54 -20.42
C MET C 72 8.63 -2.75 -20.17
N HIS C 73 9.23 -3.95 -20.12
CA HIS C 73 8.45 -5.15 -19.87
C HIS C 73 7.87 -5.12 -18.46
N GLU C 74 8.70 -4.81 -17.46
CA GLU C 74 8.22 -4.75 -16.09
C GLU C 74 7.21 -3.63 -15.89
N ASP C 75 7.44 -2.46 -16.48
CA ASP C 75 6.50 -1.36 -16.33
C ASP C 75 5.15 -1.73 -16.92
N ILE C 76 5.15 -2.35 -18.11
CA ILE C 76 3.89 -2.74 -18.74
C ILE C 76 3.19 -3.80 -17.88
N ILE C 77 3.97 -4.69 -17.24
CA ILE C 77 3.38 -5.71 -16.38
C ILE C 77 2.69 -5.05 -15.19
N SER C 78 3.37 -4.08 -14.57
CA SER C 78 2.78 -3.40 -13.41
C SER C 78 1.52 -2.64 -13.79
N LEU C 79 1.55 -1.95 -14.94
CA LEU C 79 0.38 -1.20 -15.38
C LEU C 79 -0.78 -2.14 -15.66
N TRP C 80 -0.51 -3.29 -16.25
CA TRP C 80 -1.57 -4.25 -16.56
C TRP C 80 -2.22 -4.72 -15.27
N ASP C 81 -1.42 -5.03 -14.25
CA ASP C 81 -1.98 -5.48 -12.98
C ASP C 81 -2.64 -4.33 -12.25
N GLN C 82 -2.07 -3.12 -12.34
CA GLN C 82 -2.66 -1.96 -11.67
C GLN C 82 -4.05 -1.65 -12.22
N SER C 83 -4.28 -1.91 -13.50
CA SER C 83 -5.57 -1.66 -14.12
C SER C 83 -6.58 -2.77 -13.85
N LEU C 84 -6.15 -3.89 -13.25
CA LEU C 84 -7.03 -5.01 -12.96
C LEU C 84 -7.45 -5.06 -11.50
N LYS C 85 -6.61 -4.56 -10.59
CA LYS C 85 -6.93 -4.58 -9.17
C LYS C 85 -8.22 -3.82 -8.85
N PRO C 86 -8.49 -2.62 -9.40
CA PRO C 86 -9.76 -1.96 -9.04
C PRO C 86 -10.98 -2.59 -9.68
N CYS C 87 -10.81 -3.37 -10.73
CA CYS C 87 -11.95 -4.00 -11.40
C CYS C 87 -12.46 -5.18 -10.57
N VAL C 88 -13.63 -5.66 -10.95
CA VAL C 88 -14.28 -6.77 -10.26
C VAL C 88 -13.48 -8.05 -10.45
N LYS C 89 -13.49 -8.88 -9.41
CA LYS C 89 -12.81 -10.19 -9.49
C LYS C 89 -13.89 -11.27 -9.62
N LEU C 90 -13.62 -12.30 -10.41
CA LEU C 90 -14.57 -13.38 -10.63
C LEU C 90 -14.27 -14.62 -9.79
N THR C 91 -13.86 -14.45 -8.54
CA THR C 91 -13.59 -15.59 -7.67
C THR C 91 -14.77 -16.53 -7.50
N PRO C 92 -16.02 -16.06 -7.28
CA PRO C 92 -17.12 -17.02 -7.12
C PRO C 92 -17.61 -17.68 -8.41
N LEU C 93 -16.98 -17.39 -9.55
CA LEU C 93 -17.40 -17.98 -10.82
C LEU C 93 -16.79 -19.36 -11.07
N CYS C 94 -16.04 -19.92 -10.12
CA CYS C 94 -15.41 -21.22 -10.31
C CYS C 94 -16.37 -22.40 -10.14
N VAL C 95 -17.67 -22.13 -10.00
CA VAL C 95 -18.65 -23.20 -9.85
C VAL C 95 -18.62 -24.08 -11.10
N THR C 96 -18.95 -25.36 -10.93
CA THR C 96 -18.96 -26.30 -12.05
C THR C 96 -19.94 -25.85 -13.12
N LEU C 97 -19.75 -26.36 -14.33
CA LEU C 97 -20.57 -26.03 -15.49
C LEU C 97 -21.10 -27.28 -16.17
N HIS C 98 -22.35 -27.19 -16.64
CA HIS C 98 -23.02 -28.26 -17.37
C HIS C 98 -23.20 -27.73 -18.78
N CYS C 99 -22.43 -28.29 -19.73
CA CYS C 99 -22.45 -27.82 -21.10
C CYS C 99 -23.04 -28.83 -22.08
N THR C 100 -23.51 -28.28 -23.20
CA THR C 100 -24.11 -29.01 -24.30
C THR C 100 -23.80 -28.25 -25.58
N ASN C 101 -24.03 -28.90 -26.72
CA ASN C 101 -23.76 -28.25 -27.99
C ASN C 101 -24.72 -27.09 -28.24
N VAL C 102 -24.26 -26.11 -29.01
CA VAL C 102 -25.04 -24.93 -29.32
C VAL C 102 -26.21 -25.33 -30.21
N THR C 103 -27.33 -24.62 -30.05
CA THR C 103 -28.52 -24.92 -30.84
C THR C 103 -28.31 -24.60 -32.32
N SER C 104 -27.76 -23.44 -32.64
CA SER C 104 -27.52 -23.06 -34.03
C SER C 104 -26.46 -23.95 -34.67
N GLU C 112 -18.71 -25.50 -33.36
CA GLU C 112 -17.98 -26.60 -32.77
C GLU C 112 -17.09 -26.12 -31.61
N GLY C 113 -16.64 -24.87 -31.69
CA GLY C 113 -15.79 -24.31 -30.67
C GLY C 113 -16.53 -23.62 -29.53
N LEU C 114 -17.86 -23.56 -29.61
CA LEU C 114 -18.68 -22.93 -28.58
C LEU C 114 -19.53 -23.97 -27.89
N LYS C 115 -19.72 -23.80 -26.58
CA LYS C 115 -20.49 -24.71 -25.75
C LYS C 115 -21.53 -23.93 -24.95
N ASN C 116 -22.76 -24.42 -24.94
CA ASN C 116 -23.86 -23.80 -24.20
C ASN C 116 -23.79 -24.34 -22.77
N CYS C 117 -23.05 -23.63 -21.92
CA CYS C 117 -22.84 -24.02 -20.54
C CYS C 117 -23.83 -23.34 -19.60
N SER C 118 -24.31 -24.10 -18.61
CA SER C 118 -25.23 -23.63 -17.60
C SER C 118 -24.60 -23.85 -16.24
N PHE C 119 -24.75 -22.89 -15.34
CA PHE C 119 -24.16 -22.98 -14.01
C PHE C 119 -25.00 -22.16 -13.04
N ASN C 120 -24.66 -22.28 -11.76
CA ASN C 120 -25.34 -21.60 -10.68
C ASN C 120 -24.43 -20.54 -10.07
N MET C 121 -25.04 -19.43 -9.64
CA MET C 121 -24.30 -18.33 -9.05
C MET C 121 -25.18 -17.61 -8.04
N THR C 122 -24.53 -16.96 -7.09
CA THR C 122 -25.25 -16.20 -6.07
C THR C 122 -25.58 -14.82 -6.62
N THR C 123 -26.83 -14.41 -6.45
CA THR C 123 -27.29 -13.11 -6.94
C THR C 123 -26.74 -12.03 -6.02
N GLU C 124 -27.22 -10.78 -6.18
CA GLU C 124 -26.76 -9.69 -5.34
C GLU C 124 -26.92 -10.03 -3.86
N LEU C 125 -28.03 -10.66 -3.49
CA LEU C 125 -28.20 -11.09 -2.12
C LEU C 125 -27.27 -12.28 -1.90
N ARG C 126 -26.55 -12.30 -0.78
CA ARG C 126 -25.64 -13.41 -0.54
C ARG C 126 -26.35 -14.58 0.15
N ASP C 127 -27.56 -14.90 -0.30
CA ASP C 127 -28.34 -16.00 0.26
C ASP C 127 -29.02 -16.82 -0.83
N LYS C 128 -29.51 -16.15 -1.86
CA LYS C 128 -30.22 -16.80 -2.95
C LYS C 128 -29.28 -17.14 -4.10
N ARG C 129 -29.56 -18.26 -4.76
CA ARG C 129 -28.78 -18.72 -5.90
C ARG C 129 -29.54 -18.41 -7.19
N GLN C 130 -28.81 -18.30 -8.28
CA GLN C 130 -29.37 -17.99 -9.59
C GLN C 130 -28.81 -18.92 -10.65
N LYS C 131 -29.71 -19.53 -11.43
CA LYS C 131 -29.33 -20.42 -12.52
C LYS C 131 -29.32 -19.61 -13.80
N VAL C 132 -28.20 -19.67 -14.52
CA VAL C 132 -28.03 -18.91 -15.76
C VAL C 132 -27.47 -19.82 -16.84
N TYR C 133 -27.58 -19.34 -18.09
CA TYR C 133 -27.09 -20.03 -19.27
C TYR C 133 -26.17 -19.07 -20.01
N SER C 134 -25.02 -19.56 -20.46
CA SER C 134 -24.07 -18.72 -21.16
C SER C 134 -23.27 -19.56 -22.13
N LEU C 135 -22.63 -18.87 -23.08
CA LEU C 135 -21.81 -19.49 -24.10
C LEU C 135 -20.34 -19.21 -23.81
N PHE C 136 -19.56 -20.29 -23.68
CA PHE C 136 -18.13 -20.20 -23.41
C PHE C 136 -17.39 -20.97 -24.49
N TYR C 137 -16.27 -20.39 -24.95
CA TYR C 137 -15.48 -21.04 -25.97
C TYR C 137 -14.85 -22.31 -25.41
N ARG C 138 -14.77 -23.35 -26.25
CA ARG C 138 -14.21 -24.62 -25.80
C ARG C 138 -12.77 -24.50 -25.33
N LEU C 139 -12.02 -23.52 -25.85
CA LEU C 139 -10.63 -23.36 -25.43
C LEU C 139 -10.51 -23.02 -23.95
N ASP C 140 -11.49 -22.30 -23.39
CA ASP C 140 -11.47 -21.91 -21.99
C ASP C 140 -12.32 -22.81 -21.09
N ILE C 141 -12.82 -23.93 -21.62
CA ILE C 141 -13.65 -24.86 -20.87
C ILE C 141 -13.02 -26.24 -21.03
N VAL C 142 -12.79 -26.92 -19.91
CA VAL C 142 -12.19 -28.26 -19.90
C VAL C 142 -13.14 -29.22 -19.20
N PRO C 143 -13.11 -30.52 -19.51
CA PRO C 143 -14.02 -31.45 -18.85
C PRO C 143 -13.46 -31.94 -17.52
N ILE C 144 -14.30 -32.68 -16.80
CA ILE C 144 -13.95 -33.25 -15.51
C ILE C 144 -13.78 -34.77 -15.57
N ASN C 145 -14.48 -35.46 -16.46
CA ASN C 145 -14.37 -36.90 -16.59
C ASN C 145 -14.50 -37.32 -18.05
N GLY C 149 -19.37 -37.08 -19.35
CA GLY C 149 -18.61 -35.92 -19.77
C GLY C 149 -19.48 -34.68 -19.95
N SER C 150 -20.55 -34.60 -19.16
CA SER C 150 -21.47 -33.47 -19.23
C SER C 150 -21.10 -32.33 -18.27
N GLU C 151 -20.10 -32.53 -17.41
CA GLU C 151 -19.66 -31.54 -16.45
C GLU C 151 -18.30 -30.99 -16.89
N TYR C 152 -18.14 -29.67 -16.81
CA TYR C 152 -16.90 -29.01 -17.22
C TYR C 152 -16.48 -28.02 -16.14
N ARG C 153 -15.26 -27.50 -16.31
CA ARG C 153 -14.66 -26.53 -15.40
C ARG C 153 -13.97 -25.45 -16.21
N LEU C 154 -13.89 -24.26 -15.64
CA LEU C 154 -13.23 -23.15 -16.33
C LEU C 154 -11.72 -23.31 -16.27
N ILE C 155 -11.04 -22.98 -17.37
CA ILE C 155 -9.59 -23.11 -17.38
C ILE C 155 -9.01 -22.05 -16.45
N ASN C 156 -7.85 -22.36 -15.87
CA ASN C 156 -7.14 -21.50 -14.92
C ASN C 156 -7.86 -21.40 -13.58
N CYS C 157 -9.01 -22.05 -13.42
CA CYS C 157 -9.71 -22.00 -12.15
C CYS C 157 -8.93 -22.77 -11.08
N ASN C 158 -8.14 -23.76 -11.50
CA ASN C 158 -7.31 -24.55 -10.62
C ASN C 158 -5.91 -23.97 -10.46
N THR C 159 -5.66 -22.76 -10.97
CA THR C 159 -4.36 -22.10 -10.88
C THR C 159 -4.41 -20.74 -10.19
N SER C 160 -5.43 -19.93 -10.47
CA SER C 160 -5.52 -18.62 -9.84
C SER C 160 -6.94 -18.10 -10.00
N ALA C 161 -7.23 -17.04 -9.25
CA ALA C 161 -8.55 -16.41 -9.28
C ALA C 161 -8.76 -15.64 -10.58
N ILE C 162 -9.91 -15.84 -11.22
CA ILE C 162 -10.20 -15.15 -12.47
C ILE C 162 -10.64 -13.73 -12.17
N THR C 163 -10.06 -12.77 -12.90
CA THR C 163 -10.37 -11.36 -12.75
C THR C 163 -10.92 -10.83 -14.07
N GLN C 164 -11.96 -10.01 -13.99
CA GLN C 164 -12.59 -9.43 -15.17
C GLN C 164 -12.15 -7.98 -15.35
N ALA C 165 -11.72 -7.66 -16.56
CA ALA C 165 -11.31 -6.28 -16.85
C ALA C 165 -12.55 -5.41 -16.96
N CYS C 166 -12.43 -4.16 -16.54
CA CYS C 166 -13.56 -3.25 -16.61
C CYS C 166 -13.97 -3.05 -18.06
N PRO C 167 -15.25 -3.19 -18.42
CA PRO C 167 -15.63 -3.03 -19.83
C PRO C 167 -15.47 -1.61 -20.36
N LYS C 168 -15.41 -0.60 -19.50
CA LYS C 168 -15.29 0.78 -19.95
C LYS C 168 -13.85 1.20 -20.27
N VAL C 169 -12.86 0.35 -20.00
CA VAL C 169 -11.46 0.65 -20.30
C VAL C 169 -10.99 -0.36 -21.35
N SER C 170 -10.44 0.15 -22.44
CA SER C 170 -9.99 -0.67 -23.56
C SER C 170 -8.49 -0.94 -23.46
N PHE C 171 -8.06 -1.96 -24.20
CA PHE C 171 -6.66 -2.38 -24.27
C PHE C 171 -5.96 -1.83 -25.50
N GLU C 172 -6.41 -0.70 -26.03
CA GLU C 172 -5.80 -0.13 -27.23
C GLU C 172 -4.34 0.24 -26.95
N PRO C 173 -3.39 -0.13 -27.83
CA PRO C 173 -1.99 0.25 -27.56
C PRO C 173 -1.76 1.76 -27.70
N ILE C 174 -2.27 2.54 -26.76
CA ILE C 174 -2.08 3.99 -26.81
C ILE C 174 -0.59 4.28 -26.62
N PRO C 175 0.02 5.17 -27.41
CA PRO C 175 1.47 5.41 -27.23
C PRO C 175 1.80 6.06 -25.90
N ILE C 176 3.01 5.76 -25.44
CA ILE C 176 3.56 6.28 -24.20
C ILE C 176 4.97 6.75 -24.52
N HIS C 177 5.46 7.70 -23.73
CA HIS C 177 6.79 8.27 -23.91
C HIS C 177 7.66 7.98 -22.70
N TYR C 178 8.81 7.34 -22.95
CA TYR C 178 9.76 7.02 -21.90
C TYR C 178 10.74 8.17 -21.77
N CYS C 179 10.98 8.57 -20.52
CA CYS C 179 11.87 9.68 -20.21
C CYS C 179 12.87 9.28 -19.14
N THR C 180 14.03 9.98 -19.13
CA THR C 180 15.10 9.77 -18.18
C THR C 180 15.18 10.95 -17.21
N PRO C 181 15.58 10.76 -15.95
CA PRO C 181 15.68 11.90 -15.04
C PRO C 181 16.83 12.81 -15.45
N ALA C 182 16.89 13.97 -14.83
CA ALA C 182 17.97 14.90 -15.14
C ALA C 182 19.30 14.26 -14.79
N GLY C 183 20.31 14.55 -15.61
CA GLY C 183 21.63 13.96 -15.45
C GLY C 183 21.85 12.75 -16.31
N PHE C 184 20.78 12.19 -16.88
CA PHE C 184 20.81 11.04 -17.77
C PHE C 184 20.13 11.43 -19.08
N ALA C 185 20.62 10.87 -20.17
CA ALA C 185 20.07 11.15 -21.49
C ALA C 185 20.05 9.87 -22.31
N ILE C 186 19.16 9.82 -23.29
CA ILE C 186 19.01 8.66 -24.17
C ILE C 186 19.48 9.06 -25.57
N LEU C 187 20.41 8.29 -26.11
CA LEU C 187 20.94 8.53 -27.44
C LEU C 187 20.03 7.84 -28.46
N LYS C 188 19.81 8.52 -29.57
CA LYS C 188 18.92 8.03 -30.63
C LYS C 188 19.70 7.80 -31.91
N CYS C 189 19.83 6.54 -32.31
CA CYS C 189 20.52 6.21 -33.55
C CYS C 189 19.57 6.47 -34.71
N LYS C 190 20.06 7.18 -35.73
CA LYS C 190 19.24 7.52 -36.89
C LYS C 190 19.91 7.14 -38.20
N ASP C 191 20.64 6.03 -38.22
CA ASP C 191 21.29 5.58 -39.44
C ASP C 191 20.31 4.73 -40.24
N GLU C 192 20.06 5.13 -41.50
CA GLU C 192 19.14 4.38 -42.33
C GLU C 192 19.68 2.97 -42.55
N GLY C 193 18.82 1.97 -42.36
CA GLY C 193 19.24 0.60 -42.51
C GLY C 193 20.04 0.09 -41.35
N PHE C 194 19.97 0.76 -40.19
CA PHE C 194 20.71 0.35 -39.00
C PHE C 194 20.27 -1.05 -38.58
N ASN C 195 21.23 -1.97 -38.48
CA ASN C 195 20.89 -3.35 -38.12
C ASN C 195 20.86 -3.56 -36.60
N GLY C 196 21.84 -3.03 -35.88
CA GLY C 196 21.84 -3.21 -34.44
C GLY C 196 23.19 -3.06 -33.77
N THR C 197 23.59 -4.09 -33.01
CA THR C 197 24.85 -4.09 -32.29
C THR C 197 26.01 -3.75 -33.21
N GLY C 198 26.66 -2.62 -32.94
CA GLY C 198 27.78 -2.15 -33.71
C GLY C 198 27.82 -0.63 -33.70
N LEU C 199 28.66 -0.08 -34.57
CA LEU C 199 28.80 1.36 -34.69
C LEU C 199 27.57 1.98 -35.33
N CYS C 200 27.26 3.21 -34.94
CA CYS C 200 26.12 3.96 -35.45
C CYS C 200 26.56 5.38 -35.78
N LYS C 201 25.93 5.97 -36.79
CA LYS C 201 26.20 7.33 -37.25
C LYS C 201 24.90 8.12 -37.23
N ASN C 202 25.03 9.45 -37.35
CA ASN C 202 23.88 10.35 -37.33
C ASN C 202 23.14 10.25 -36.00
N VAL C 203 23.91 10.15 -34.91
CA VAL C 203 23.31 10.04 -33.59
C VAL C 203 22.66 11.36 -33.18
N SER C 204 21.65 11.26 -32.33
CA SER C 204 20.92 12.40 -31.81
C SER C 204 20.50 12.08 -30.37
N THR C 205 20.36 13.13 -29.56
CA THR C 205 19.97 12.98 -28.16
C THR C 205 18.64 13.70 -27.91
N VAL C 206 17.86 13.14 -27.00
CA VAL C 206 16.57 13.69 -26.63
C VAL C 206 16.29 13.26 -25.20
N GLN C 207 15.51 14.07 -24.47
CA GLN C 207 15.18 13.75 -23.08
C GLN C 207 14.03 12.77 -22.93
N CYS C 208 13.30 12.47 -24.01
CA CYS C 208 12.18 11.55 -23.95
C CYS C 208 12.03 10.82 -25.29
N THR C 209 11.70 9.54 -25.20
CA THR C 209 11.51 8.74 -26.41
C THR C 209 10.24 9.17 -27.14
N HIS C 210 10.17 8.84 -28.43
CA HIS C 210 9.01 9.18 -29.21
C HIS C 210 7.82 8.33 -28.75
N GLY C 211 6.66 8.60 -29.33
CA GLY C 211 5.48 7.86 -28.96
C GLY C 211 5.60 6.40 -29.35
N ILE C 212 5.81 5.53 -28.37
CA ILE C 212 5.95 4.09 -28.59
C ILE C 212 4.67 3.40 -28.14
N LYS C 213 4.08 2.62 -29.04
CA LYS C 213 2.84 1.92 -28.76
C LYS C 213 3.15 0.53 -28.22
N PRO C 214 2.77 0.18 -26.98
CA PRO C 214 3.06 -1.19 -26.52
C PRO C 214 2.12 -2.19 -27.18
N VAL C 215 2.44 -2.54 -28.43
CA VAL C 215 1.62 -3.47 -29.20
C VAL C 215 1.92 -4.91 -28.79
N VAL C 216 1.13 -5.42 -27.85
CA VAL C 216 1.31 -6.79 -27.38
C VAL C 216 0.87 -7.74 -28.48
N SER C 217 1.74 -8.70 -28.82
CA SER C 217 1.44 -9.67 -29.87
C SER C 217 2.58 -10.68 -29.90
N THR C 218 2.36 -11.78 -30.61
CA THR C 218 3.33 -12.84 -30.77
C THR C 218 3.55 -13.12 -32.24
N GLN C 219 4.81 -13.36 -32.60
CA GLN C 219 5.31 -13.68 -33.93
C GLN C 219 4.81 -12.79 -35.06
N LEU C 220 4.31 -11.59 -34.73
CA LEU C 220 3.82 -10.62 -35.70
C LEU C 220 3.68 -9.28 -35.01
N LEU C 221 4.48 -8.31 -35.45
CA LEU C 221 4.46 -6.97 -34.88
C LEU C 221 3.49 -6.12 -35.68
N LEU C 222 2.41 -5.70 -35.01
CA LEU C 222 1.36 -4.89 -35.62
C LEU C 222 1.51 -3.43 -35.22
N ASN C 223 1.25 -2.53 -36.16
CA ASN C 223 1.33 -1.08 -35.93
C ASN C 223 2.71 -0.66 -35.42
N GLY C 224 3.76 -1.32 -35.91
CA GLY C 224 5.11 -0.98 -35.50
C GLY C 224 5.74 0.06 -36.40
N SER C 225 7.01 0.33 -36.14
CA SER C 225 7.74 1.30 -36.94
C SER C 225 8.25 0.67 -38.23
N LEU C 226 7.98 1.32 -39.36
CA LEU C 226 8.40 0.82 -40.65
C LEU C 226 9.88 1.08 -40.86
N ALA C 227 10.48 0.30 -41.76
CA ALA C 227 11.90 0.48 -42.06
C ALA C 227 12.11 1.82 -42.76
N GLU C 228 13.34 2.32 -42.69
CA GLU C 228 13.64 3.61 -43.31
C GLU C 228 13.56 3.53 -44.83
N LYS C 229 14.41 2.70 -45.45
CA LYS C 229 14.42 2.58 -46.91
C LYS C 229 14.53 1.15 -47.44
N ASN C 230 14.85 0.19 -46.58
CA ASN C 230 14.99 -1.18 -47.05
C ASN C 230 14.73 -2.15 -45.90
N ILE C 231 14.51 -3.42 -46.26
CA ILE C 231 14.24 -4.46 -45.27
C ILE C 231 15.44 -4.60 -44.34
N ILE C 232 15.17 -4.65 -43.04
CA ILE C 232 16.19 -4.76 -42.01
C ILE C 232 15.97 -6.04 -41.21
N ILE C 233 17.04 -6.80 -41.04
CA ILE C 233 17.04 -8.04 -40.26
C ILE C 233 18.02 -7.82 -39.12
N ARG C 234 17.57 -8.06 -37.89
CA ARG C 234 18.40 -7.85 -36.72
C ARG C 234 18.27 -9.00 -35.73
N SER C 235 19.38 -9.26 -35.05
CA SER C 235 19.51 -10.31 -34.04
C SER C 235 20.88 -10.16 -33.42
N GLU C 236 21.00 -10.52 -32.14
CA GLU C 236 22.31 -10.40 -31.48
C GLU C 236 23.32 -11.37 -32.08
N ASN C 237 22.86 -12.46 -32.70
CA ASN C 237 23.74 -13.44 -33.31
C ASN C 237 22.99 -14.15 -34.44
N ILE C 238 23.22 -13.72 -35.69
CA ILE C 238 22.55 -14.36 -36.80
C ILE C 238 23.01 -15.80 -36.98
N THR C 239 24.29 -16.09 -36.73
CA THR C 239 24.79 -17.45 -36.87
C THR C 239 24.15 -18.39 -35.86
N ASN C 240 23.75 -17.88 -34.70
CA ASN C 240 23.09 -18.72 -33.70
C ASN C 240 21.77 -19.20 -34.26
N ASN C 241 21.57 -20.52 -34.21
CA ASN C 241 20.34 -21.10 -34.75
C ASN C 241 19.21 -21.09 -33.73
N ALA C 242 19.53 -21.26 -32.45
CA ALA C 242 18.51 -21.32 -31.40
C ALA C 242 18.18 -19.95 -30.81
N LYS C 243 18.32 -18.89 -31.60
CA LYS C 243 18.02 -17.53 -31.13
C LYS C 243 17.02 -16.87 -32.07
N ILE C 244 16.37 -15.82 -31.55
CA ILE C 244 15.35 -15.11 -32.30
C ILE C 244 15.98 -14.22 -33.38
N ILE C 245 15.27 -14.09 -34.49
CA ILE C 245 15.67 -13.25 -35.62
C ILE C 245 14.51 -12.31 -35.92
N ILE C 246 14.71 -11.02 -35.68
CA ILE C 246 13.69 -10.01 -35.90
C ILE C 246 13.90 -9.38 -37.26
N VAL C 247 12.79 -9.18 -37.98
CA VAL C 247 12.80 -8.60 -39.32
C VAL C 247 11.84 -7.41 -39.33
N GLN C 248 12.28 -6.33 -39.98
CA GLN C 248 11.50 -5.10 -40.09
C GLN C 248 11.14 -4.90 -41.56
N LEU C 249 9.88 -4.56 -41.82
CA LEU C 249 9.38 -4.36 -43.18
C LEU C 249 9.34 -2.87 -43.53
N VAL C 250 9.68 -2.56 -44.79
CA VAL C 250 9.66 -1.18 -45.26
C VAL C 250 8.28 -0.77 -45.72
N GLN C 251 7.43 -1.71 -46.12
CA GLN C 251 6.07 -1.47 -46.56
C GLN C 251 5.11 -2.12 -45.58
N PRO C 252 3.94 -1.53 -45.33
CA PRO C 252 3.01 -2.15 -44.37
C PRO C 252 2.11 -3.18 -45.03
N VAL C 253 2.09 -4.39 -44.46
CA VAL C 253 1.26 -5.48 -44.94
C VAL C 253 -0.02 -5.44 -44.13
N THR C 254 -1.03 -4.77 -44.66
CA THR C 254 -2.31 -4.62 -43.97
C THR C 254 -2.97 -5.98 -43.75
N ILE C 255 -3.48 -6.19 -42.54
CA ILE C 255 -4.17 -7.41 -42.14
C ILE C 255 -5.57 -7.00 -41.68
N LYS C 256 -6.58 -7.74 -42.14
CA LYS C 256 -7.97 -7.47 -41.81
C LYS C 256 -8.56 -8.70 -41.14
N CYS C 257 -9.15 -8.51 -39.96
CA CYS C 257 -9.76 -9.61 -39.21
C CYS C 257 -11.18 -9.20 -38.82
N ILE C 258 -12.01 -10.21 -38.56
CA ILE C 258 -13.41 -9.96 -38.21
C ILE C 258 -13.99 -11.19 -37.52
N ARG C 259 -14.95 -10.94 -36.62
CA ARG C 259 -15.66 -11.99 -35.90
C ARG C 259 -17.11 -11.89 -36.40
N PRO C 260 -17.53 -12.68 -37.40
CA PRO C 260 -18.91 -12.56 -37.90
C PRO C 260 -20.00 -12.91 -36.91
N ASN C 261 -19.69 -13.56 -35.79
CA ASN C 261 -20.72 -13.92 -34.83
C ASN C 261 -21.33 -12.67 -34.20
N ASN C 262 -22.62 -12.45 -34.44
CA ASN C 262 -23.31 -11.30 -33.87
C ASN C 262 -23.58 -11.58 -32.40
N ASN C 263 -22.58 -11.32 -31.55
CA ASN C 263 -22.71 -11.58 -30.13
C ASN C 263 -23.63 -10.56 -29.46
N THR C 264 -24.43 -11.03 -28.52
CA THR C 264 -25.34 -10.22 -27.73
C THR C 264 -24.97 -10.44 -26.27
N VAL C 265 -24.44 -9.40 -25.64
CA VAL C 265 -23.99 -9.49 -24.25
C VAL C 265 -25.14 -9.32 -23.28
N LYS C 266 -25.04 -10.06 -22.16
CA LYS C 266 -25.99 -10.03 -21.06
C LYS C 266 -25.14 -9.92 -19.80
N SER C 267 -25.76 -9.58 -18.68
CA SER C 267 -25.01 -9.43 -17.44
C SER C 267 -25.83 -9.78 -16.21
N ILE C 268 -25.12 -10.12 -15.15
CA ILE C 268 -25.67 -10.46 -13.85
C ILE C 268 -24.72 -9.90 -12.80
N ARG C 269 -25.24 -9.73 -11.59
CA ARG C 269 -24.46 -9.20 -10.47
C ARG C 269 -24.09 -10.32 -9.52
N ILE C 270 -22.81 -10.71 -9.54
CA ILE C 270 -22.32 -11.78 -8.66
C ILE C 270 -22.17 -11.31 -7.21
N GLY C 271 -22.23 -10.01 -6.96
CA GLY C 271 -22.10 -9.48 -5.62
C GLY C 271 -22.59 -8.05 -5.56
N PRO C 272 -22.32 -7.37 -4.44
CA PRO C 272 -22.78 -5.97 -4.32
C PRO C 272 -22.05 -5.08 -5.31
N GLY C 273 -22.79 -4.59 -6.30
CA GLY C 273 -22.21 -3.74 -7.32
C GLY C 273 -21.15 -4.40 -8.17
N GLN C 274 -21.09 -5.74 -8.16
CA GLN C 274 -20.10 -6.50 -8.91
C GLN C 274 -20.79 -7.15 -10.10
N ALA C 275 -20.83 -6.44 -11.22
CA ALA C 275 -21.47 -6.92 -12.43
C ALA C 275 -20.52 -7.83 -13.21
N PHE C 276 -21.07 -8.90 -13.78
CA PHE C 276 -20.33 -9.87 -14.56
C PHE C 276 -20.96 -9.95 -15.96
N TYR C 277 -20.12 -9.85 -16.98
CA TYR C 277 -20.56 -9.88 -18.37
C TYR C 277 -20.21 -11.22 -19.00
N TYR C 278 -21.08 -11.69 -19.89
CA TYR C 278 -20.88 -12.97 -20.56
C TYR C 278 -21.64 -12.97 -21.88
N THR C 279 -21.31 -13.96 -22.72
CA THR C 279 -21.97 -14.11 -24.02
C THR C 279 -23.36 -14.68 -23.81
N GLY C 280 -24.38 -13.84 -23.97
CA GLY C 280 -25.75 -14.26 -23.79
C GLY C 280 -26.27 -15.17 -24.89
N ASP C 281 -26.27 -14.66 -26.13
CA ASP C 281 -26.75 -15.44 -27.26
C ASP C 281 -26.11 -14.91 -28.53
N ILE C 282 -26.13 -15.73 -29.57
CA ILE C 282 -25.57 -15.38 -30.88
C ILE C 282 -26.69 -15.43 -31.91
N ILE C 283 -26.82 -14.36 -32.68
CA ILE C 283 -27.83 -14.24 -33.71
C ILE C 283 -27.22 -14.76 -35.02
N GLY C 284 -27.92 -15.69 -35.66
CA GLY C 284 -27.44 -16.27 -36.90
C GLY C 284 -26.63 -17.53 -36.67
N ASP C 285 -25.84 -17.91 -37.67
CA ASP C 285 -25.00 -19.09 -37.59
C ASP C 285 -23.60 -18.73 -37.11
N ILE C 286 -23.04 -19.59 -36.24
CA ILE C 286 -21.71 -19.35 -35.72
C ILE C 286 -20.68 -19.58 -36.80
N ARG C 287 -19.74 -18.66 -36.93
CA ARG C 287 -18.67 -18.73 -37.91
C ARG C 287 -17.36 -18.37 -37.23
N GLN C 288 -16.34 -19.20 -37.43
CA GLN C 288 -15.04 -18.97 -36.80
C GLN C 288 -14.43 -17.67 -37.30
N ALA C 289 -13.79 -16.94 -36.39
CA ALA C 289 -13.13 -15.70 -36.76
C ALA C 289 -11.96 -16.00 -37.68
N HIS C 290 -11.63 -15.05 -38.54
CA HIS C 290 -10.55 -15.23 -39.49
C HIS C 290 -9.87 -13.90 -39.78
N CYS C 291 -8.67 -14.00 -40.34
CA CYS C 291 -7.85 -12.86 -40.71
C CYS C 291 -7.46 -12.93 -42.18
N ASN C 292 -7.70 -11.84 -42.89
CA ASN C 292 -7.40 -11.74 -44.31
C ASN C 292 -6.12 -10.93 -44.53
N VAL C 293 -5.48 -11.22 -45.66
CA VAL C 293 -4.26 -10.55 -46.08
C VAL C 293 -4.13 -10.79 -47.57
N THR C 294 -3.84 -9.74 -48.33
CA THR C 294 -3.70 -9.84 -49.77
C THR C 294 -2.59 -10.83 -50.10
N ARG C 295 -2.93 -11.83 -50.92
CA ARG C 295 -1.96 -12.86 -51.29
C ARG C 295 -0.79 -12.26 -52.07
N SER C 296 -1.08 -11.33 -52.98
CA SER C 296 -0.02 -10.72 -53.78
C SER C 296 0.96 -9.94 -52.91
N ARG C 297 0.44 -9.08 -52.02
CA ARG C 297 1.33 -8.28 -51.18
C ARG C 297 2.16 -9.15 -50.25
N TRP C 298 1.54 -10.13 -49.60
CA TRP C 298 2.29 -10.99 -48.69
C TRP C 298 3.33 -11.81 -49.44
N ASN C 299 2.96 -12.33 -50.62
CA ASN C 299 3.90 -13.12 -51.41
C ASN C 299 5.09 -12.27 -51.83
N LYS C 300 4.84 -11.04 -52.27
CA LYS C 300 5.94 -10.16 -52.69
C LYS C 300 6.74 -9.68 -51.49
N THR C 301 6.05 -9.28 -50.42
CA THR C 301 6.74 -8.80 -49.23
C THR C 301 7.59 -9.90 -48.60
N LEU C 302 7.03 -11.10 -48.48
CA LEU C 302 7.79 -12.19 -47.90
C LEU C 302 8.97 -12.57 -48.78
N GLN C 303 8.83 -12.41 -50.09
CA GLN C 303 9.93 -12.73 -51.00
C GLN C 303 11.11 -11.81 -50.74
N GLU C 304 10.85 -10.53 -50.51
CA GLU C 304 11.93 -9.58 -50.24
C GLU C 304 12.64 -9.93 -48.95
N VAL C 305 11.89 -10.35 -47.93
CA VAL C 305 12.49 -10.72 -46.65
C VAL C 305 13.43 -11.90 -46.85
N ALA C 306 13.05 -12.84 -47.71
CA ALA C 306 13.89 -14.00 -47.97
C ALA C 306 15.21 -13.60 -48.61
N GLU C 307 15.18 -12.62 -49.52
CA GLU C 307 16.40 -12.19 -50.17
C GLU C 307 17.40 -11.62 -49.16
N LYS C 308 16.93 -10.75 -48.26
CA LYS C 308 17.83 -10.18 -47.26
C LYS C 308 18.30 -11.27 -46.30
N LEU C 309 17.42 -12.24 -46.01
CA LEU C 309 17.80 -13.32 -45.11
C LEU C 309 18.91 -14.16 -45.72
N ARG C 310 18.87 -14.36 -47.04
CA ARG C 310 19.91 -15.13 -47.71
C ARG C 310 21.24 -14.39 -47.69
N THR C 311 21.19 -13.05 -47.78
CA THR C 311 22.42 -12.26 -47.79
C THR C 311 23.23 -12.45 -46.52
N TYR C 312 22.57 -12.49 -45.36
CA TYR C 312 23.29 -12.69 -44.10
C TYR C 312 23.97 -14.04 -44.05
N PHE C 313 23.23 -15.10 -44.41
CA PHE C 313 23.82 -16.46 -44.30
C PHE C 313 23.08 -17.41 -45.21
N GLY C 314 23.80 -18.40 -45.76
CA GLY C 314 23.17 -19.42 -46.61
C GLY C 314 22.87 -18.91 -48.00
N ASN C 315 22.54 -19.83 -48.92
CA ASN C 315 22.14 -19.42 -50.29
C ASN C 315 21.04 -20.37 -50.76
N LYS C 316 19.91 -19.83 -51.22
CA LYS C 316 18.74 -20.66 -51.66
C LYS C 316 18.09 -21.32 -50.45
N THR C 317 17.19 -22.27 -50.68
CA THR C 317 16.55 -23.03 -49.57
C THR C 317 16.04 -22.08 -48.51
N ILE C 318 15.41 -20.98 -48.91
CA ILE C 318 14.78 -20.06 -47.92
C ILE C 318 13.39 -20.66 -47.63
N ILE C 319 13.27 -21.47 -46.58
CA ILE C 319 11.98 -22.18 -46.32
C ILE C 319 11.33 -21.65 -45.03
N PHE C 320 10.01 -21.46 -45.05
CA PHE C 320 9.27 -21.02 -43.83
C PHE C 320 8.31 -22.15 -43.45
N ALA C 321 8.20 -22.46 -42.16
CA ALA C 321 7.37 -23.62 -41.74
C ALA C 321 6.21 -23.14 -40.86
N ASN C 322 5.28 -24.04 -40.56
CA ASN C 322 4.09 -23.64 -39.79
C ASN C 322 4.33 -23.79 -38.28
N SER C 323 5.05 -22.83 -37.72
CA SER C 323 5.36 -22.81 -36.29
C SER C 323 6.06 -24.07 -35.81
N SER C 324 6.24 -24.20 -34.49
CA SER C 324 6.90 -25.37 -33.92
C SER C 324 5.88 -26.36 -33.38
N GLY C 325 5.00 -25.91 -32.47
CA GLY C 325 3.98 -26.74 -31.88
C GLY C 325 4.05 -26.72 -30.36
N GLY C 326 2.90 -26.97 -29.74
CA GLY C 326 2.77 -27.00 -28.30
C GLY C 326 1.60 -26.19 -27.78
N ASP C 327 1.87 -25.27 -26.86
CA ASP C 327 0.81 -24.44 -26.29
C ASP C 327 0.25 -23.50 -27.36
N LEU C 328 -1.03 -23.17 -27.21
CA LEU C 328 -1.71 -22.29 -28.16
C LEU C 328 -1.20 -20.86 -28.04
N GLU C 329 -0.80 -20.44 -26.84
CA GLU C 329 -0.35 -19.07 -26.65
C GLU C 329 0.93 -18.76 -27.41
N ILE C 330 1.78 -19.77 -27.64
CA ILE C 330 3.05 -19.54 -28.33
C ILE C 330 2.96 -19.94 -29.80
N THR C 331 2.26 -21.04 -30.10
CA THR C 331 2.15 -21.49 -31.48
C THR C 331 1.37 -20.52 -32.36
N THR C 332 0.19 -20.09 -31.91
CA THR C 332 -0.65 -19.18 -32.69
C THR C 332 -0.20 -17.73 -32.54
N HIS C 333 -0.78 -16.89 -33.39
CA HIS C 333 -0.48 -15.46 -33.41
C HIS C 333 -1.41 -14.70 -32.46
N SER C 334 -0.84 -14.21 -31.36
CA SER C 334 -1.60 -13.44 -30.39
C SER C 334 -2.04 -12.14 -31.04
N PHE C 335 -3.31 -11.77 -30.83
CA PHE C 335 -3.81 -10.57 -31.47
C PHE C 335 -5.00 -10.07 -30.67
N ASN C 336 -5.10 -8.75 -30.50
CA ASN C 336 -6.21 -8.13 -29.78
C ASN C 336 -6.60 -6.82 -30.43
N CYS C 337 -7.90 -6.60 -30.59
CA CYS C 337 -8.46 -5.39 -31.18
C CYS C 337 -9.92 -5.31 -30.81
N GLY C 338 -10.33 -4.16 -30.26
CA GLY C 338 -11.71 -3.96 -29.86
C GLY C 338 -12.08 -4.53 -28.50
N GLY C 339 -11.19 -5.30 -27.86
CA GLY C 339 -11.45 -5.89 -26.57
C GLY C 339 -11.26 -7.40 -26.59
N GLU C 340 -11.65 -8.03 -27.69
CA GLU C 340 -11.52 -9.47 -27.84
C GLU C 340 -10.08 -9.85 -28.16
N PHE C 341 -9.70 -11.06 -27.75
CA PHE C 341 -8.38 -11.61 -27.99
C PHE C 341 -8.49 -12.72 -29.02
N PHE C 342 -7.61 -12.67 -30.02
CA PHE C 342 -7.60 -13.62 -31.13
C PHE C 342 -6.35 -14.49 -31.11
N TYR C 343 -6.51 -15.71 -31.62
CA TYR C 343 -5.44 -16.70 -31.74
C TYR C 343 -5.66 -17.35 -33.10
N CYS C 344 -4.84 -17.00 -34.08
CA CYS C 344 -4.99 -17.48 -35.45
C CYS C 344 -3.91 -18.48 -35.84
N ASN C 345 -4.30 -19.39 -36.74
CA ASN C 345 -3.45 -20.44 -37.29
C ASN C 345 -2.67 -19.80 -38.44
N THR C 346 -1.44 -19.40 -38.14
CA THR C 346 -0.58 -18.74 -39.13
C THR C 346 0.07 -19.71 -40.11
N SER C 347 -0.38 -20.95 -40.20
CA SER C 347 0.22 -21.90 -41.13
C SER C 347 0.05 -21.45 -42.58
N GLY C 348 -0.99 -20.68 -42.87
CA GLY C 348 -1.23 -20.22 -44.23
C GLY C 348 -0.22 -19.21 -44.73
N LEU C 349 0.52 -18.57 -43.82
CA LEU C 349 1.52 -17.57 -44.21
C LEU C 349 2.91 -18.17 -44.40
N PHE C 350 3.42 -18.85 -43.38
CA PHE C 350 4.76 -19.44 -43.43
C PHE C 350 4.77 -20.85 -44.02
N ASN C 351 4.26 -20.97 -45.26
CA ASN C 351 4.21 -22.25 -45.98
C ASN C 351 4.69 -21.97 -47.40
N SER C 352 6.00 -22.04 -47.60
CA SER C 352 6.59 -21.79 -48.91
C SER C 352 8.08 -22.11 -48.88
N THR C 353 8.67 -22.11 -50.07
CA THR C 353 10.09 -22.35 -50.28
C THR C 353 10.51 -21.58 -51.52
N TRP C 354 11.76 -21.12 -51.54
CA TRP C 354 12.24 -20.33 -52.67
C TRP C 354 13.72 -20.59 -52.92
N TYR C 355 14.18 -20.12 -54.08
CA TYR C 355 15.56 -20.24 -54.51
C TYR C 355 16.02 -18.89 -55.03
N VAL C 356 17.21 -18.87 -55.64
CA VAL C 356 17.74 -17.62 -56.18
C VAL C 356 16.90 -17.11 -57.33
N ASN C 357 16.24 -18.02 -58.06
CA ASN C 357 15.41 -17.60 -59.19
C ASN C 357 14.25 -16.73 -58.72
N SER C 358 13.60 -17.13 -57.63
CA SER C 358 12.48 -16.38 -57.09
C SER C 358 12.08 -16.94 -55.73
N ASN C 370 -10.22 -15.89 -53.63
CA ASN C 370 -9.72 -14.92 -54.59
C ASN C 370 -8.20 -14.70 -54.34
N ASP C 371 -7.75 -13.44 -54.22
CA ASP C 371 -6.34 -13.15 -54.00
C ASP C 371 -6.07 -12.73 -52.56
N THR C 372 -6.77 -13.35 -51.61
CA THR C 372 -6.62 -13.05 -50.18
C THR C 372 -6.38 -14.34 -49.41
N ILE C 373 -5.39 -14.31 -48.52
CA ILE C 373 -5.06 -15.47 -47.69
C ILE C 373 -5.82 -15.35 -46.38
N THR C 374 -6.62 -16.36 -46.06
CA THR C 374 -7.42 -16.39 -44.85
C THR C 374 -6.76 -17.26 -43.80
N LEU C 375 -6.70 -16.75 -42.57
CA LEU C 375 -6.11 -17.45 -41.43
C LEU C 375 -7.21 -17.80 -40.45
N PRO C 376 -7.56 -19.08 -40.23
CA PRO C 376 -8.60 -19.39 -39.25
C PRO C 376 -8.18 -18.93 -37.86
N CYS C 377 -9.15 -18.40 -37.10
CA CYS C 377 -8.90 -17.90 -35.76
C CYS C 377 -9.93 -18.45 -34.79
N ARG C 378 -9.48 -18.70 -33.57
CA ARG C 378 -10.30 -19.21 -32.48
C ARG C 378 -10.24 -18.20 -31.34
N ILE C 379 -11.39 -17.60 -31.03
CA ILE C 379 -11.44 -16.59 -29.98
C ILE C 379 -11.19 -17.23 -28.61
N LYS C 380 -10.58 -16.45 -27.72
CA LYS C 380 -10.28 -16.87 -26.36
C LYS C 380 -10.67 -15.75 -25.40
N GLN C 381 -11.13 -16.15 -24.22
CA GLN C 381 -11.54 -15.21 -23.17
C GLN C 381 -10.63 -15.23 -21.96
N ILE C 382 -10.23 -16.41 -21.49
CA ILE C 382 -9.33 -16.55 -20.36
C ILE C 382 -7.92 -16.53 -20.92
N ILE C 383 -7.11 -15.57 -20.49
CA ILE C 383 -5.74 -15.43 -20.98
C ILE C 383 -4.77 -15.17 -19.84
N ASN C 384 -3.50 -15.46 -20.09
CA ASN C 384 -2.45 -15.19 -19.06
C ASN C 384 -1.39 -14.28 -19.68
N MET C 385 -1.75 -13.02 -19.95
CA MET C 385 -0.78 -12.07 -20.54
C MET C 385 0.49 -12.08 -19.67
N TRP C 386 1.67 -12.00 -20.31
CA TRP C 386 2.96 -12.03 -19.56
C TRP C 386 3.19 -13.45 -19.02
N GLN C 387 2.43 -14.44 -19.52
CA GLN C 387 2.62 -15.85 -19.12
C GLN C 387 2.71 -16.01 -17.59
N ARG C 388 1.78 -15.41 -16.85
CA ARG C 388 1.84 -15.48 -15.37
C ARG C 388 0.85 -16.53 -14.86
N ALA C 389 1.33 -17.56 -14.15
CA ALA C 389 0.42 -18.54 -13.55
C ALA C 389 -0.31 -17.97 -12.34
N GLY C 390 0.26 -16.97 -11.68
CA GLY C 390 -0.39 -16.38 -10.52
C GLY C 390 -1.50 -15.40 -10.81
N GLN C 391 -1.72 -15.06 -12.09
CA GLN C 391 -2.76 -14.13 -12.47
C GLN C 391 -3.42 -14.61 -13.76
N ALA C 392 -4.74 -14.43 -13.84
CA ALA C 392 -5.52 -14.83 -15.00
C ALA C 392 -6.47 -13.70 -15.35
N MET C 393 -6.49 -13.33 -16.63
CA MET C 393 -7.35 -12.25 -17.11
C MET C 393 -8.55 -12.83 -17.84
N TYR C 394 -9.68 -12.11 -17.75
CA TYR C 394 -10.92 -12.51 -18.40
C TYR C 394 -11.49 -11.30 -19.12
N ALA C 395 -11.33 -11.26 -20.44
CA ALA C 395 -11.83 -10.14 -21.22
C ALA C 395 -13.35 -10.26 -21.38
N PRO C 396 -14.12 -9.22 -21.05
CA PRO C 396 -15.58 -9.34 -21.22
C PRO C 396 -15.94 -9.41 -22.69
N PRO C 397 -17.01 -10.12 -23.05
CA PRO C 397 -17.37 -10.20 -24.48
C PRO C 397 -17.93 -8.88 -24.98
N ILE C 398 -17.49 -8.48 -26.17
CA ILE C 398 -17.92 -7.24 -26.80
C ILE C 398 -19.18 -7.54 -27.62
N PRO C 399 -20.30 -6.83 -27.41
CA PRO C 399 -21.50 -7.13 -28.19
C PRO C 399 -21.39 -6.68 -29.64
N GLY C 400 -22.16 -7.35 -30.49
CA GLY C 400 -22.19 -7.05 -31.90
C GLY C 400 -20.97 -7.55 -32.66
N VAL C 401 -21.06 -7.45 -33.98
CA VAL C 401 -19.97 -7.88 -34.84
C VAL C 401 -18.80 -6.95 -34.64
N ILE C 402 -17.60 -7.51 -34.53
CA ILE C 402 -16.37 -6.76 -34.30
C ILE C 402 -15.40 -7.06 -35.43
N LYS C 403 -14.90 -6.01 -36.08
CA LYS C 403 -13.93 -6.12 -37.15
C LYS C 403 -12.86 -5.08 -36.90
N CYS C 404 -11.65 -5.36 -37.39
CA CYS C 404 -10.53 -4.45 -37.19
C CYS C 404 -9.47 -4.73 -38.24
N GLU C 405 -8.51 -3.81 -38.33
CA GLU C 405 -7.41 -3.91 -39.28
C GLU C 405 -6.15 -3.37 -38.63
N SER C 406 -5.00 -3.82 -39.13
CA SER C 406 -3.71 -3.38 -38.59
C SER C 406 -2.65 -3.51 -39.67
N ASN C 407 -1.48 -2.92 -39.39
CA ASN C 407 -0.36 -2.93 -40.30
C ASN C 407 0.73 -3.86 -39.78
N ILE C 408 1.04 -4.91 -40.54
CA ILE C 408 2.10 -5.83 -40.13
C ILE C 408 3.43 -5.21 -40.53
N THR C 409 4.24 -4.82 -39.55
CA THR C 409 5.51 -4.18 -39.79
C THR C 409 6.73 -4.99 -39.37
N GLY C 410 6.55 -6.08 -38.62
CA GLY C 410 7.70 -6.88 -38.20
C GLY C 410 7.33 -8.32 -37.94
N LEU C 411 8.32 -9.18 -38.12
CA LEU C 411 8.17 -10.61 -37.93
C LEU C 411 9.27 -11.15 -37.03
N LEU C 412 8.89 -12.08 -36.15
CA LEU C 412 9.82 -12.74 -35.23
C LEU C 412 10.00 -14.16 -35.74
N LEU C 413 11.20 -14.47 -36.22
CA LEU C 413 11.50 -15.78 -36.78
C LEU C 413 12.62 -16.46 -36.01
N THR C 414 12.54 -17.79 -36.01
CA THR C 414 13.51 -18.67 -35.35
C THR C 414 13.82 -19.79 -36.33
N ARG C 415 15.01 -20.37 -36.19
CA ARG C 415 15.44 -21.45 -37.06
C ARG C 415 15.85 -22.66 -36.23
N ASP C 416 15.67 -23.84 -36.83
CA ASP C 416 16.03 -25.11 -36.19
C ASP C 416 17.06 -25.86 -37.02
N GLY C 417 18.01 -25.15 -37.61
CA GLY C 417 19.03 -25.76 -38.44
C GLY C 417 20.19 -26.39 -37.70
N GLY C 418 19.91 -27.13 -36.62
CA GLY C 418 20.98 -27.78 -35.90
C GLY C 418 21.73 -28.78 -36.75
N LYS C 419 21.03 -29.43 -37.68
CA LYS C 419 21.64 -30.39 -38.58
C LYS C 419 22.43 -29.63 -39.65
N ASP C 420 23.32 -30.34 -40.34
CA ASP C 420 24.16 -29.73 -41.37
C ASP C 420 23.33 -28.99 -42.40
N ASN C 421 23.51 -27.67 -42.47
CA ASN C 421 22.79 -26.82 -43.41
C ASN C 421 23.45 -26.74 -44.77
N ASN C 422 24.24 -27.74 -45.16
CA ASN C 422 24.92 -27.73 -46.44
C ASN C 422 23.93 -27.66 -47.61
N VAL C 423 22.79 -28.33 -47.48
CA VAL C 423 21.79 -28.36 -48.55
C VAL C 423 20.55 -27.55 -48.20
N ASN C 424 20.02 -27.65 -46.98
CA ASN C 424 18.83 -26.87 -46.66
C ASN C 424 18.66 -26.66 -45.17
N GLU C 425 17.83 -25.66 -44.86
CA GLU C 425 17.48 -25.24 -43.51
C GLU C 425 16.16 -24.50 -43.62
N THR C 426 15.53 -24.22 -42.48
CA THR C 426 14.25 -23.52 -42.49
C THR C 426 14.14 -22.58 -41.29
N PHE C 427 13.11 -21.74 -41.35
CA PHE C 427 12.80 -20.75 -40.33
C PHE C 427 11.38 -20.99 -39.84
N ARG C 428 11.10 -20.58 -38.61
CA ARG C 428 9.79 -20.75 -38.00
C ARG C 428 9.41 -19.53 -37.17
N PRO C 429 8.12 -19.22 -37.05
CA PRO C 429 7.71 -18.07 -36.23
C PRO C 429 7.64 -18.44 -34.76
N GLY C 430 7.72 -17.42 -33.90
CA GLY C 430 7.65 -17.65 -32.48
C GLY C 430 8.31 -16.55 -31.69
N GLY C 431 9.12 -16.97 -30.71
CA GLY C 431 9.85 -16.05 -29.86
C GLY C 431 9.85 -16.47 -28.40
N SER C 432 8.74 -17.06 -27.95
CA SER C 432 8.61 -17.54 -26.58
C SER C 432 8.89 -16.51 -25.51
N ASP C 433 8.83 -15.21 -25.84
CA ASP C 433 9.09 -14.16 -24.85
C ASP C 433 8.50 -12.86 -25.34
N MET C 434 7.97 -12.06 -24.41
CA MET C 434 7.37 -10.78 -24.77
C MET C 434 8.38 -9.64 -24.73
N ARG C 435 9.54 -9.85 -24.07
CA ARG C 435 10.55 -8.79 -24.01
C ARG C 435 11.03 -8.41 -25.40
N ASP C 436 11.23 -9.40 -26.27
CA ASP C 436 11.70 -9.14 -27.61
C ASP C 436 10.71 -8.37 -28.47
N ASN C 437 9.43 -8.34 -28.08
CA ASN C 437 8.42 -7.61 -28.85
C ASN C 437 8.74 -6.12 -28.86
N TRP C 438 8.96 -5.54 -27.68
CA TRP C 438 9.28 -4.12 -27.61
C TRP C 438 10.69 -3.83 -28.08
N ARG C 439 11.56 -4.86 -28.10
CA ARG C 439 12.93 -4.65 -28.54
C ARG C 439 12.97 -4.18 -30.00
N SER C 440 12.00 -4.61 -30.80
CA SER C 440 11.94 -4.19 -32.20
C SER C 440 11.62 -2.72 -32.35
N GLU C 441 10.99 -2.11 -31.35
CA GLU C 441 10.63 -0.69 -31.37
C GLU C 441 11.67 0.18 -30.70
N LEU C 442 12.30 -0.31 -29.62
CA LEU C 442 13.33 0.42 -28.89
C LEU C 442 14.74 0.18 -29.46
N TYR C 443 14.81 -0.36 -30.69
CA TYR C 443 16.09 -0.64 -31.32
C TYR C 443 16.90 0.61 -31.56
N LYS C 444 16.25 1.77 -31.69
CA LYS C 444 16.91 3.04 -31.95
C LYS C 444 17.11 3.89 -30.70
N TYR C 445 17.41 3.27 -29.55
CA TYR C 445 17.61 4.02 -28.31
C TYR C 445 18.64 3.34 -27.43
N LYS C 446 19.29 4.16 -26.59
CA LYS C 446 20.30 3.73 -25.64
C LYS C 446 20.42 4.80 -24.57
N VAL C 447 20.33 4.39 -23.30
CA VAL C 447 20.40 5.30 -22.17
C VAL C 447 21.82 5.35 -21.65
N VAL C 448 22.31 6.56 -21.37
CA VAL C 448 23.66 6.77 -20.86
C VAL C 448 23.59 7.78 -19.72
N GLU C 449 24.63 7.77 -18.88
CA GLU C 449 24.74 8.67 -17.74
C GLU C 449 25.71 9.79 -18.09
N ILE C 450 25.30 11.03 -17.81
CA ILE C 450 26.14 12.19 -18.09
C ILE C 450 26.92 12.58 -16.84
N GLU C 451 28.25 12.60 -16.97
CA GLU C 451 29.17 12.98 -15.90
C GLU C 451 29.90 14.22 -16.40
N PRO C 452 29.33 15.41 -16.20
CA PRO C 452 29.96 16.63 -16.73
C PRO C 452 31.25 17.06 -16.05
N LEU C 453 31.84 16.27 -15.17
CA LEU C 453 33.10 16.65 -14.53
C LEU C 453 34.25 16.05 -15.34
N GLY C 454 35.03 16.92 -15.99
CA GLY C 454 36.15 16.49 -16.80
C GLY C 454 37.44 17.17 -16.37
N VAL C 455 38.55 16.54 -16.75
CA VAL C 455 39.89 17.03 -16.44
C VAL C 455 40.74 16.98 -17.69
N ALA C 456 41.78 17.81 -17.74
CA ALA C 456 42.69 17.87 -18.87
C ALA C 456 43.87 18.75 -18.50
N PRO C 457 45.03 18.58 -19.16
CA PRO C 457 46.17 19.42 -18.81
C PRO C 457 46.08 20.80 -19.45
N THR C 458 46.67 21.79 -18.79
CA THR C 458 46.67 23.16 -19.27
C THR C 458 47.73 23.95 -18.51
N ARG C 459 48.28 24.97 -19.16
CA ARG C 459 49.31 25.82 -18.57
C ARG C 459 48.63 26.89 -17.71
N CYS C 460 48.05 26.42 -16.59
CA CYS C 460 47.34 27.27 -15.63
C CYS C 460 47.97 27.11 -14.26
N LYS C 461 48.11 28.24 -13.55
CA LYS C 461 48.69 28.27 -12.21
C LYS C 461 47.71 28.96 -11.28
N ARG C 462 47.45 28.33 -10.13
CA ARG C 462 46.53 28.91 -9.15
C ARG C 462 47.27 29.88 -8.24
N ARG C 463 46.58 30.97 -7.88
CA ARG C 463 47.13 31.99 -7.02
C ARG C 463 46.69 31.75 -5.58
N VAL C 464 47.33 32.48 -4.65
CA VAL C 464 47.00 32.35 -3.24
C VAL C 464 45.68 33.05 -2.97
N ASN D 1 25.55 54.85 -17.96
CA ASN D 1 25.84 53.39 -17.99
C ASN D 1 25.07 52.66 -16.88
N LEU D 2 24.59 51.46 -17.19
CA LEU D 2 23.84 50.64 -16.24
C LEU D 2 24.06 49.18 -16.59
N TRP D 3 24.61 48.42 -15.63
CA TRP D 3 24.88 47.00 -15.82
C TRP D 3 23.96 46.19 -14.91
N VAL D 4 23.52 45.05 -15.45
CA VAL D 4 22.61 44.15 -14.73
C VAL D 4 23.32 43.56 -13.51
N THR D 5 22.56 43.30 -12.47
CA THR D 5 23.07 42.72 -11.23
C THR D 5 22.00 41.78 -10.68
N VAL D 6 22.42 40.60 -10.25
CA VAL D 6 21.51 39.58 -9.71
C VAL D 6 21.50 39.68 -8.19
N TYR D 7 20.32 39.51 -7.60
CA TYR D 7 20.13 39.57 -6.16
C TYR D 7 19.54 38.26 -5.69
N TYR D 8 20.14 37.68 -4.63
CA TYR D 8 19.69 36.43 -4.05
C TYR D 8 18.92 36.73 -2.78
N GLY D 9 17.97 35.84 -2.46
CA GLY D 9 17.16 36.04 -1.27
C GLY D 9 16.17 37.17 -1.40
N VAL D 10 15.84 37.57 -2.62
CA VAL D 10 14.89 38.67 -2.85
C VAL D 10 13.53 38.28 -2.29
N PRO D 11 12.82 39.17 -1.55
CA PRO D 11 11.50 38.79 -1.03
C PRO D 11 10.39 38.98 -2.06
N VAL D 12 10.21 37.99 -2.94
CA VAL D 12 9.19 38.02 -3.98
C VAL D 12 8.69 36.60 -4.20
N TRP D 13 7.44 36.48 -4.61
CA TRP D 13 6.83 35.18 -4.83
C TRP D 13 5.91 35.23 -6.04
N ARG D 14 5.37 34.05 -6.38
CA ARG D 14 4.45 33.88 -7.49
C ARG D 14 3.40 32.85 -7.11
N ASP D 15 2.17 33.05 -7.58
CA ASP D 15 1.09 32.12 -7.28
C ASP D 15 1.32 30.79 -7.98
N ALA D 16 1.25 29.70 -7.22
CA ALA D 16 1.44 28.37 -7.78
C ALA D 16 1.08 27.33 -6.73
N ASP D 17 0.48 26.24 -7.19
CA ASP D 17 0.10 25.16 -6.29
C ASP D 17 1.33 24.35 -5.90
N THR D 18 1.20 23.59 -4.81
CA THR D 18 2.30 22.76 -4.32
C THR D 18 1.71 21.54 -3.63
N THR D 19 2.59 20.70 -3.09
CA THR D 19 2.21 19.48 -2.38
C THR D 19 2.11 19.79 -0.89
N LEU D 20 0.92 20.21 -0.48
CA LEU D 20 0.68 20.54 0.92
C LEU D 20 0.66 19.27 1.76
N PHE D 21 0.96 19.42 3.05
CA PHE D 21 0.97 18.29 3.98
C PHE D 21 0.41 18.74 5.32
N CYS D 22 0.08 17.76 6.15
CA CYS D 22 -0.53 18.00 7.45
C CYS D 22 0.48 18.41 8.52
N ALA D 23 -0.10 18.77 9.68
CA ALA D 23 0.59 19.17 10.89
C ALA D 23 -0.49 19.23 11.97
N SER D 24 -0.21 18.68 13.14
CA SER D 24 -1.23 18.67 14.19
C SER D 24 -0.58 18.60 15.57
N ASP D 25 -1.40 18.88 16.58
CA ASP D 25 -0.95 18.85 17.97
C ASP D 25 -0.87 17.40 18.46
N ALA D 26 0.00 17.18 19.43
CA ALA D 26 0.17 15.85 20.01
C ALA D 26 -1.11 15.39 20.71
N LYS D 33 -4.01 6.24 15.52
CA LYS D 33 -4.34 4.85 15.76
C LYS D 33 -5.78 4.70 16.25
N HIS D 34 -6.27 5.75 16.94
CA HIS D 34 -7.65 5.75 17.43
C HIS D 34 -8.44 6.92 16.88
N ASN D 35 -7.98 7.59 15.83
CA ASN D 35 -8.67 8.73 15.22
C ASN D 35 -8.65 8.51 13.71
N VAL D 36 -9.79 8.76 13.05
CA VAL D 36 -9.87 8.56 11.62
C VAL D 36 -8.98 9.53 10.83
N TRP D 37 -8.70 10.71 11.38
CA TRP D 37 -7.85 11.67 10.69
C TRP D 37 -6.36 11.35 10.80
N ALA D 38 -6.00 10.37 11.63
CA ALA D 38 -4.61 9.94 11.79
C ALA D 38 -3.69 11.07 12.24
N THR D 39 -3.96 11.62 13.42
CA THR D 39 -3.10 12.67 13.94
C THR D 39 -1.75 12.11 14.37
N HIS D 40 -1.72 10.85 14.81
CA HIS D 40 -0.49 10.21 15.24
C HIS D 40 0.50 10.08 14.09
N ALA D 41 0.03 9.73 12.90
CA ALA D 41 0.89 9.61 11.73
C ALA D 41 1.32 10.96 11.19
N CYS D 42 0.47 11.98 11.30
CA CYS D 42 0.81 13.31 10.83
C CYS D 42 1.95 13.88 11.66
N VAL D 43 2.79 14.69 11.03
CA VAL D 43 3.94 15.28 11.72
C VAL D 43 3.45 16.22 12.83
N PRO D 44 4.10 16.29 13.98
CA PRO D 44 3.63 17.22 15.03
C PRO D 44 3.75 18.66 14.58
N THR D 45 2.83 19.50 15.05
CA THR D 45 2.84 20.91 14.70
C THR D 45 3.76 21.69 15.63
N ASP D 46 4.32 22.77 15.11
CA ASP D 46 5.21 23.59 15.92
C ASP D 46 4.40 24.28 17.02
N PRO D 47 4.89 24.28 18.28
CA PRO D 47 4.10 24.92 19.35
C PRO D 47 3.93 26.43 19.17
N ASN D 48 4.85 27.08 18.47
CA ASN D 48 4.82 28.52 18.24
C ASN D 48 5.03 28.86 16.77
N PRO D 49 3.97 28.79 15.95
CA PRO D 49 4.13 29.15 14.53
C PRO D 49 4.48 30.62 14.39
N GLN D 50 5.59 30.89 13.73
CA GLN D 50 6.08 32.26 13.54
C GLN D 50 5.34 32.95 12.39
N GLU D 51 4.26 33.65 12.76
CA GLU D 51 3.47 34.39 11.79
C GLU D 51 4.06 35.78 11.63
N ILE D 52 4.56 36.08 10.43
CA ILE D 52 5.20 37.36 10.13
C ILE D 52 4.19 38.29 9.46
N HIS D 53 4.10 39.52 9.97
CA HIS D 53 3.20 40.51 9.41
C HIS D 53 3.94 41.29 8.33
N LEU D 54 3.19 41.72 7.31
CA LEU D 54 3.75 42.46 6.18
C LEU D 54 3.14 43.86 6.14
N ASP D 55 3.93 44.82 5.66
CA ASP D 55 3.50 46.20 5.55
C ASP D 55 3.65 46.69 4.11
N ASN D 56 2.71 47.55 3.69
CA ASN D 56 2.65 48.14 2.36
C ASN D 56 2.33 47.13 1.25
N VAL D 57 2.17 45.86 1.57
CA VAL D 57 1.92 44.86 0.54
C VAL D 57 0.43 44.59 0.36
N THR D 58 0.02 44.41 -0.89
CA THR D 58 -1.34 44.11 -1.28
C THR D 58 -1.30 42.86 -2.14
N GLU D 59 -2.24 41.95 -1.92
CA GLU D 59 -2.29 40.69 -2.66
C GLU D 59 -3.70 40.43 -3.15
N LYS D 60 -3.79 39.86 -4.35
CA LYS D 60 -5.07 39.54 -4.97
C LYS D 60 -5.45 38.12 -4.56
N PHE D 61 -6.47 37.99 -3.72
CA PHE D 61 -6.94 36.71 -3.25
C PHE D 61 -8.16 36.25 -4.04
N ASN D 62 -8.22 34.94 -4.30
CA ASN D 62 -9.34 34.34 -5.02
C ASN D 62 -9.49 32.92 -4.46
N MET D 63 -10.30 32.80 -3.41
CA MET D 63 -10.51 31.49 -2.80
C MET D 63 -11.29 30.54 -3.68
N TRP D 64 -11.98 31.04 -4.72
CA TRP D 64 -12.68 30.12 -5.62
C TRP D 64 -11.71 29.43 -6.55
N LYS D 65 -10.72 30.17 -7.06
CA LYS D 65 -9.70 29.60 -7.94
C LYS D 65 -8.62 28.87 -7.16
N ASN D 66 -8.65 28.93 -5.83
CA ASN D 66 -7.66 28.27 -4.99
C ASN D 66 -7.66 26.78 -5.24
N ASN D 67 -6.45 26.20 -5.37
CA ASN D 67 -6.32 24.77 -5.65
C ASN D 67 -6.07 23.96 -4.40
N MET D 68 -5.66 24.59 -3.29
CA MET D 68 -5.40 23.81 -2.08
C MET D 68 -6.68 23.20 -1.51
N VAL D 69 -7.84 23.83 -1.76
CA VAL D 69 -9.09 23.28 -1.26
C VAL D 69 -9.36 21.92 -1.88
N GLU D 70 -9.07 21.79 -3.19
CA GLU D 70 -9.26 20.49 -3.84
C GLU D 70 -8.30 19.47 -3.27
N GLN D 71 -7.07 19.88 -2.99
CA GLN D 71 -6.09 18.95 -2.42
C GLN D 71 -6.56 18.48 -1.04
N MET D 72 -7.15 19.39 -0.25
CA MET D 72 -7.63 18.98 1.06
C MET D 72 -8.79 18.01 0.92
N HIS D 73 -9.64 18.21 -0.10
CA HIS D 73 -10.75 17.31 -0.34
C HIS D 73 -10.23 15.91 -0.63
N GLU D 74 -9.08 15.82 -1.30
CA GLU D 74 -8.50 14.52 -1.61
C GLU D 74 -7.90 13.89 -0.36
N ASP D 75 -7.24 14.70 0.47
CA ASP D 75 -6.63 14.18 1.69
C ASP D 75 -7.70 13.64 2.65
N ILE D 76 -8.81 14.36 2.80
CA ILE D 76 -9.88 13.90 3.68
C ILE D 76 -10.42 12.56 3.19
N ILE D 77 -10.67 12.46 1.88
CA ILE D 77 -11.17 11.21 1.32
C ILE D 77 -10.10 10.13 1.43
N SER D 78 -8.84 10.50 1.17
CA SER D 78 -7.76 9.53 1.28
C SER D 78 -7.62 9.02 2.71
N LEU D 79 -7.72 9.93 3.69
CA LEU D 79 -7.63 9.52 5.08
C LEU D 79 -8.83 8.64 5.45
N TRP D 80 -9.98 8.92 4.86
CA TRP D 80 -11.18 8.15 5.17
C TRP D 80 -11.00 6.69 4.73
N ASP D 81 -10.48 6.48 3.53
CA ASP D 81 -10.25 5.12 3.05
C ASP D 81 -9.19 4.42 3.88
N GLN D 82 -8.13 5.14 4.26
CA GLN D 82 -7.06 4.55 5.06
C GLN D 82 -7.52 4.15 6.44
N SER D 83 -8.65 4.67 6.92
CA SER D 83 -9.15 4.34 8.25
C SER D 83 -10.17 3.20 8.21
N LEU D 84 -10.90 3.06 7.10
CA LEU D 84 -11.91 2.01 7.00
C LEU D 84 -11.30 0.70 6.49
N LYS D 85 -10.44 0.78 5.50
CA LYS D 85 -9.76 -0.35 4.87
C LYS D 85 -9.03 -1.32 5.80
N PRO D 86 -8.26 -0.85 6.81
CA PRO D 86 -7.52 -1.80 7.65
C PRO D 86 -8.35 -2.88 8.35
N CYS D 87 -9.33 -2.52 9.17
CA CYS D 87 -10.13 -3.50 9.90
C CYS D 87 -11.29 -4.06 9.06
N VAL D 88 -12.14 -4.83 9.75
CA VAL D 88 -13.26 -5.58 9.17
C VAL D 88 -14.06 -4.88 8.09
N LYS D 89 -14.43 -5.67 7.07
CA LYS D 89 -15.29 -5.27 5.96
C LYS D 89 -16.66 -5.88 6.27
N LEU D 90 -17.73 -5.36 5.64
CA LEU D 90 -19.08 -5.85 5.92
C LEU D 90 -19.83 -6.39 4.69
N THR D 91 -19.16 -7.11 3.81
CA THR D 91 -19.86 -7.66 2.65
C THR D 91 -20.77 -8.87 2.98
N PRO D 92 -20.48 -9.72 3.98
CA PRO D 92 -21.37 -10.86 4.22
C PRO D 92 -22.80 -10.53 4.61
N LEU D 93 -23.10 -9.28 5.01
CA LEU D 93 -24.44 -8.93 5.45
C LEU D 93 -25.45 -8.71 4.31
N CYS D 94 -25.16 -9.15 3.09
CA CYS D 94 -26.12 -8.96 2.01
C CYS D 94 -27.21 -10.04 2.00
N VAL D 95 -27.30 -10.84 3.07
CA VAL D 95 -28.31 -11.88 3.19
C VAL D 95 -29.69 -11.23 3.26
N THR D 96 -30.71 -11.97 2.82
CA THR D 96 -32.07 -11.45 2.85
C THR D 96 -32.46 -11.13 4.29
N LEU D 97 -33.38 -10.18 4.44
CA LEU D 97 -33.82 -9.73 5.76
C LEU D 97 -35.33 -9.88 5.90
N HIS D 98 -35.75 -10.35 7.07
CA HIS D 98 -37.15 -10.53 7.43
C HIS D 98 -37.41 -9.59 8.60
N CYS D 99 -38.23 -8.56 8.37
CA CYS D 99 -38.49 -7.56 9.40
C CYS D 99 -39.98 -7.36 9.64
N THR D 100 -40.28 -6.75 10.78
CA THR D 100 -41.64 -6.44 11.22
C THR D 100 -41.56 -5.18 12.08
N ASN D 101 -42.72 -4.56 12.32
CA ASN D 101 -42.73 -3.36 13.14
C ASN D 101 -42.34 -3.68 14.58
N VAL D 102 -41.81 -2.67 15.27
CA VAL D 102 -41.42 -2.85 16.65
C VAL D 102 -42.66 -2.84 17.54
N THR D 103 -42.67 -3.74 18.52
CA THR D 103 -43.81 -3.84 19.44
C THR D 103 -43.96 -2.60 20.32
N SER D 104 -42.86 -2.04 20.81
CA SER D 104 -42.92 -0.86 21.67
C SER D 104 -43.46 0.34 20.90
N GLU D 112 -42.65 2.35 12.69
CA GLU D 112 -42.54 3.62 11.96
C GLU D 112 -41.12 3.79 11.39
N GLY D 113 -40.20 4.33 12.18
CA GLY D 113 -38.83 4.53 11.73
C GLY D 113 -37.89 3.39 12.04
N LEU D 114 -38.34 2.37 12.78
CA LEU D 114 -37.53 1.22 13.15
C LEU D 114 -38.24 -0.06 12.74
N LYS D 115 -37.46 -1.07 12.38
CA LYS D 115 -37.97 -2.37 11.97
C LYS D 115 -37.15 -3.46 12.65
N ASN D 116 -37.85 -4.38 13.32
CA ASN D 116 -37.20 -5.49 14.02
C ASN D 116 -36.84 -6.53 12.97
N CYS D 117 -35.68 -6.33 12.34
CA CYS D 117 -35.19 -7.22 11.29
C CYS D 117 -34.52 -8.46 11.87
N SER D 118 -34.75 -9.59 11.20
CA SER D 118 -34.18 -10.87 11.58
C SER D 118 -33.63 -11.53 10.32
N PHE D 119 -32.51 -12.23 10.47
CA PHE D 119 -31.91 -12.88 9.31
C PHE D 119 -30.97 -13.99 9.77
N ASN D 120 -30.65 -14.88 8.84
CA ASN D 120 -29.74 -15.97 9.09
C ASN D 120 -28.33 -15.53 8.76
N MET D 121 -27.38 -15.89 9.62
CA MET D 121 -26.00 -15.48 9.44
C MET D 121 -25.08 -16.58 9.92
N THR D 122 -23.84 -16.53 9.42
CA THR D 122 -22.84 -17.51 9.78
C THR D 122 -22.09 -17.06 11.04
N THR D 123 -21.89 -17.99 11.96
CA THR D 123 -21.19 -17.73 13.21
C THR D 123 -19.68 -17.74 12.93
N GLU D 124 -18.86 -17.79 13.99
CA GLU D 124 -17.42 -17.81 13.80
C GLU D 124 -17.00 -18.97 12.89
N LEU D 125 -17.63 -20.13 13.07
CA LEU D 125 -17.34 -21.28 12.23
C LEU D 125 -18.25 -21.22 11.01
N ARG D 126 -17.66 -21.41 9.83
CA ARG D 126 -18.44 -21.35 8.59
C ARG D 126 -19.49 -22.45 8.52
N ASP D 127 -19.16 -23.64 9.02
CA ASP D 127 -20.10 -24.76 8.96
C ASP D 127 -21.35 -24.55 9.80
N LYS D 128 -21.32 -23.66 10.79
CA LYS D 128 -22.46 -23.41 11.66
C LYS D 128 -23.10 -22.06 11.35
N ARG D 129 -24.43 -22.03 11.41
CA ARG D 129 -25.22 -20.83 11.15
C ARG D 129 -25.76 -20.27 12.47
N GLN D 130 -26.48 -19.16 12.37
CA GLN D 130 -27.07 -18.52 13.54
C GLN D 130 -28.16 -17.56 13.12
N LYS D 131 -29.25 -17.55 13.88
CA LYS D 131 -30.39 -16.67 13.65
C LYS D 131 -30.29 -15.54 14.65
N VAL D 132 -30.30 -14.30 14.15
CA VAL D 132 -30.18 -13.11 14.98
C VAL D 132 -31.35 -12.17 14.71
N TYR D 133 -31.51 -11.22 15.62
CA TYR D 133 -32.55 -10.20 15.55
C TYR D 133 -31.88 -8.85 15.77
N SER D 134 -32.29 -7.86 14.98
CA SER D 134 -31.71 -6.52 15.07
C SER D 134 -32.77 -5.49 14.71
N LEU D 135 -32.51 -4.24 15.09
CA LEU D 135 -33.40 -3.11 14.85
C LEU D 135 -32.70 -2.14 13.91
N PHE D 136 -33.04 -2.20 12.63
CA PHE D 136 -32.46 -1.33 11.62
C PHE D 136 -33.45 -0.21 11.29
N TYR D 137 -32.90 0.97 11.01
CA TYR D 137 -33.74 2.10 10.67
C TYR D 137 -34.38 1.87 9.30
N ARG D 138 -35.56 2.45 9.09
CA ARG D 138 -36.27 2.26 7.83
C ARG D 138 -35.45 2.76 6.64
N LEU D 139 -34.67 3.83 6.82
CA LEU D 139 -33.86 4.34 5.73
C LEU D 139 -32.77 3.37 5.31
N ASP D 140 -32.31 2.52 6.22
CA ASP D 140 -31.27 1.54 5.90
C ASP D 140 -31.83 0.23 5.37
N ILE D 141 -33.14 0.14 5.15
CA ILE D 141 -33.78 -1.07 4.66
C ILE D 141 -34.67 -0.70 3.47
N VAL D 142 -34.70 -1.56 2.46
CA VAL D 142 -35.51 -1.34 1.26
C VAL D 142 -36.26 -2.63 0.94
N PRO D 143 -37.53 -2.58 0.52
CA PRO D 143 -38.23 -3.84 0.21
C PRO D 143 -37.66 -4.51 -1.02
N ILE D 144 -37.90 -5.82 -1.09
CA ILE D 144 -37.44 -6.66 -2.20
C ILE D 144 -38.58 -7.40 -2.88
N ASN D 145 -39.72 -7.56 -2.24
CA ASN D 145 -40.85 -8.26 -2.85
C ASN D 145 -41.35 -7.52 -4.08
N GLY D 149 -45.11 -10.78 2.01
CA GLY D 149 -44.31 -9.70 1.44
C GLY D 149 -43.41 -9.01 2.45
N SER D 150 -43.22 -9.63 3.61
CA SER D 150 -42.37 -9.06 4.66
C SER D 150 -40.91 -9.41 4.50
N GLU D 151 -40.34 -9.15 3.31
CA GLU D 151 -38.95 -9.42 3.00
C GLU D 151 -38.29 -8.13 2.53
N TYR D 152 -37.06 -7.90 2.97
CA TYR D 152 -36.33 -6.69 2.61
C TYR D 152 -34.88 -7.03 2.31
N ARG D 153 -34.16 -6.00 1.86
CA ARG D 153 -32.75 -6.08 1.52
C ARG D 153 -32.02 -4.89 2.14
N LEU D 154 -30.76 -5.09 2.49
CA LEU D 154 -29.97 -4.01 3.07
C LEU D 154 -29.69 -2.98 1.98
N ILE D 155 -29.86 -1.71 2.29
CA ILE D 155 -29.68 -0.67 1.23
C ILE D 155 -28.20 -0.64 0.83
N ASN D 156 -27.91 -0.35 -0.44
CA ASN D 156 -26.50 -0.19 -0.91
C ASN D 156 -25.82 -1.53 -1.16
N CYS D 157 -26.47 -2.67 -0.92
CA CYS D 157 -25.77 -3.93 -1.29
C CYS D 157 -26.05 -4.28 -2.76
N ASN D 158 -26.66 -3.36 -3.52
CA ASN D 158 -26.82 -3.65 -4.97
C ASN D 158 -26.01 -2.60 -5.73
N THR D 159 -25.05 -1.97 -5.05
CA THR D 159 -24.22 -0.95 -5.68
C THR D 159 -22.78 -0.90 -5.17
N SER D 160 -22.54 -1.35 -3.95
CA SER D 160 -21.19 -1.33 -3.40
C SER D 160 -21.09 -2.23 -2.18
N ALA D 161 -19.86 -2.64 -1.88
CA ALA D 161 -19.59 -3.50 -0.72
C ALA D 161 -19.65 -2.66 0.54
N ILE D 162 -20.33 -3.15 1.57
CA ILE D 162 -20.43 -2.40 2.82
C ILE D 162 -19.20 -2.64 3.68
N THR D 163 -18.72 -1.57 4.30
CA THR D 163 -17.57 -1.60 5.19
C THR D 163 -18.00 -1.03 6.54
N GLN D 164 -18.05 -1.90 7.55
CA GLN D 164 -18.47 -1.47 8.88
C GLN D 164 -17.48 -0.48 9.46
N ALA D 165 -17.97 0.66 9.92
CA ALA D 165 -17.09 1.65 10.52
C ALA D 165 -16.48 1.04 11.78
N CYS D 166 -15.20 0.96 11.78
CA CYS D 166 -14.39 0.35 12.81
C CYS D 166 -14.58 1.14 14.12
N PRO D 167 -15.08 0.51 15.21
CA PRO D 167 -15.33 1.28 16.44
C PRO D 167 -14.09 1.73 17.19
N LYS D 168 -12.92 1.12 16.96
CA LYS D 168 -11.73 1.55 17.70
C LYS D 168 -11.27 2.95 17.35
N VAL D 169 -11.80 3.56 16.29
CA VAL D 169 -11.45 4.91 15.87
C VAL D 169 -12.67 5.80 16.07
N SER D 170 -12.42 7.09 16.29
CA SER D 170 -13.46 8.09 16.51
C SER D 170 -13.47 9.11 15.39
N PHE D 171 -14.66 9.62 15.07
CA PHE D 171 -14.82 10.61 14.01
C PHE D 171 -14.77 12.04 14.52
N GLU D 172 -14.17 12.29 15.68
CA GLU D 172 -14.12 13.64 16.23
C GLU D 172 -13.29 14.54 15.31
N PRO D 173 -13.84 15.68 14.80
CA PRO D 173 -13.03 16.54 13.92
C PRO D 173 -11.90 17.28 14.62
N ILE D 174 -10.83 16.55 14.95
CA ILE D 174 -9.70 17.21 15.60
C ILE D 174 -9.05 18.16 14.59
N PRO D 175 -8.71 19.40 14.93
CA PRO D 175 -8.12 20.30 13.93
C PRO D 175 -6.78 19.81 13.42
N ILE D 176 -6.52 20.09 12.15
CA ILE D 176 -5.28 19.72 11.48
C ILE D 176 -4.67 20.97 10.88
N HIS D 177 -3.41 21.23 11.20
CA HIS D 177 -2.69 22.38 10.67
C HIS D 177 -2.09 21.98 9.34
N TYR D 178 -2.37 22.78 8.30
CA TYR D 178 -1.88 22.51 6.95
C TYR D 178 -0.64 23.34 6.68
N CYS D 179 0.47 22.66 6.42
CA CYS D 179 1.75 23.27 6.13
C CYS D 179 2.08 23.10 4.65
N THR D 180 3.10 23.78 4.22
CA THR D 180 3.60 23.75 2.86
C THR D 180 5.10 23.42 2.89
N PRO D 181 5.66 22.76 1.87
CA PRO D 181 7.10 22.46 1.91
C PRO D 181 7.94 23.72 1.95
N ALA D 182 9.18 23.56 2.38
CA ALA D 182 10.09 24.69 2.46
C ALA D 182 10.27 25.31 1.08
N GLY D 183 10.56 26.61 1.05
CA GLY D 183 10.70 27.32 -0.18
C GLY D 183 9.40 27.92 -0.69
N PHE D 184 8.28 27.61 -0.04
CA PHE D 184 6.97 28.12 -0.39
C PHE D 184 6.43 28.86 0.83
N ALA D 185 5.26 29.48 0.68
CA ALA D 185 4.66 30.22 1.78
C ALA D 185 3.16 30.34 1.56
N ILE D 186 2.45 30.49 2.66
CA ILE D 186 0.99 30.64 2.67
C ILE D 186 0.67 32.05 3.14
N LEU D 187 -0.09 32.78 2.32
CA LEU D 187 -0.48 34.15 2.63
C LEU D 187 -1.83 34.13 3.34
N LYS D 188 -1.86 34.68 4.55
CA LYS D 188 -3.06 34.73 5.38
C LYS D 188 -3.58 36.16 5.40
N CYS D 189 -4.80 36.35 4.90
CA CYS D 189 -5.43 37.66 4.88
C CYS D 189 -6.12 37.90 6.22
N LYS D 190 -5.87 39.07 6.80
CA LYS D 190 -6.43 39.44 8.10
C LYS D 190 -7.29 40.70 8.04
N ASP D 191 -7.83 41.06 6.88
CA ASP D 191 -8.65 42.26 6.77
C ASP D 191 -10.08 41.95 7.19
N GLU D 192 -10.64 42.81 8.05
CA GLU D 192 -12.01 42.62 8.50
C GLU D 192 -12.99 42.85 7.37
N GLY D 193 -14.03 42.02 7.32
CA GLY D 193 -15.03 42.15 6.27
C GLY D 193 -14.54 41.82 4.89
N PHE D 194 -13.43 41.11 4.77
CA PHE D 194 -12.87 40.74 3.46
C PHE D 194 -13.59 39.51 2.94
N ASN D 195 -14.29 39.65 1.82
CA ASN D 195 -14.99 38.52 1.25
C ASN D 195 -13.99 37.59 0.56
N GLY D 196 -14.52 36.60 -0.17
CA GLY D 196 -13.67 35.63 -0.84
C GLY D 196 -12.67 36.22 -1.83
N THR D 197 -13.09 37.16 -2.66
CA THR D 197 -12.23 37.78 -3.67
C THR D 197 -12.00 39.23 -3.29
N GLY D 198 -10.93 39.82 -3.83
CA GLY D 198 -10.56 41.21 -3.60
C GLY D 198 -9.09 41.33 -3.26
N LEU D 199 -8.63 42.57 -3.18
CA LEU D 199 -7.24 42.87 -2.86
C LEU D 199 -7.10 43.01 -1.35
N CYS D 200 -6.40 42.07 -0.71
CA CYS D 200 -6.21 42.13 0.74
C CYS D 200 -5.10 43.11 1.06
N LYS D 201 -5.41 44.11 1.89
CA LYS D 201 -4.45 45.15 2.28
C LYS D 201 -3.89 44.93 3.68
N ASN D 202 -4.13 43.76 4.27
CA ASN D 202 -3.63 43.41 5.60
C ASN D 202 -3.08 41.99 5.53
N VAL D 203 -2.31 41.73 4.47
CA VAL D 203 -1.74 40.40 4.24
C VAL D 203 -0.71 40.06 5.30
N SER D 204 -0.58 38.76 5.56
CA SER D 204 0.38 38.22 6.52
C SER D 204 0.78 36.84 6.02
N THR D 205 2.01 36.45 6.32
CA THR D 205 2.56 35.17 5.90
C THR D 205 2.80 34.27 7.09
N VAL D 206 2.52 32.98 6.91
CA VAL D 206 2.71 31.98 7.96
C VAL D 206 3.07 30.66 7.28
N GLN D 207 3.90 29.87 7.97
CA GLN D 207 4.32 28.59 7.42
C GLN D 207 3.16 27.62 7.27
N CYS D 208 2.24 27.58 8.23
CA CYS D 208 1.10 26.67 8.19
C CYS D 208 -0.17 27.38 8.62
N THR D 209 -1.29 26.83 8.16
CA THR D 209 -2.60 27.37 8.50
C THR D 209 -2.94 27.03 9.95
N HIS D 210 -3.83 27.82 10.54
CA HIS D 210 -4.23 27.57 11.91
C HIS D 210 -5.06 26.29 11.98
N GLY D 211 -5.44 25.92 13.21
CA GLY D 211 -6.25 24.74 13.41
C GLY D 211 -7.58 24.78 12.70
N ILE D 212 -7.74 23.95 11.68
CA ILE D 212 -8.96 23.85 10.89
C ILE D 212 -9.58 22.49 11.15
N LYS D 213 -10.80 22.48 11.69
CA LYS D 213 -11.49 21.24 12.00
C LYS D 213 -12.21 20.75 10.75
N PRO D 214 -11.88 19.58 10.19
CA PRO D 214 -12.59 19.16 8.97
C PRO D 214 -13.95 18.53 9.27
N VAL D 215 -14.93 19.40 9.55
CA VAL D 215 -16.28 18.92 9.84
C VAL D 215 -16.90 18.37 8.56
N VAL D 216 -17.64 17.28 8.70
CA VAL D 216 -18.29 16.63 7.57
C VAL D 216 -19.76 17.07 7.44
N SER D 217 -20.11 18.21 8.02
CA SER D 217 -21.48 18.69 7.95
C SER D 217 -21.80 19.24 6.57
N THR D 218 -23.09 19.19 6.21
CA THR D 218 -23.59 19.69 4.94
C THR D 218 -24.86 20.48 5.19
N GLN D 219 -25.07 21.49 4.34
CA GLN D 219 -26.23 22.39 4.39
C GLN D 219 -26.14 23.41 5.53
N LEU D 220 -25.14 23.28 6.40
CA LEU D 220 -24.92 24.19 7.52
C LEU D 220 -23.51 23.96 8.03
N LEU D 221 -22.77 25.06 8.19
CA LEU D 221 -21.39 25.01 8.67
C LEU D 221 -21.42 24.97 10.19
N LEU D 222 -20.89 23.89 10.76
CA LEU D 222 -20.84 23.67 12.19
C LEU D 222 -19.41 23.75 12.71
N ASN D 223 -19.25 24.32 13.90
CA ASN D 223 -17.98 24.48 14.59
C ASN D 223 -16.93 25.22 13.75
N GLY D 224 -17.37 26.05 12.80
CA GLY D 224 -16.44 26.80 11.98
C GLY D 224 -16.06 28.12 12.60
N SER D 225 -15.28 28.88 11.85
CA SER D 225 -14.84 30.19 12.32
C SER D 225 -15.99 31.19 12.22
N LEU D 226 -15.84 32.32 12.93
CA LEU D 226 -16.83 33.38 12.97
C LEU D 226 -16.25 34.67 12.38
N ALA D 227 -17.15 35.56 11.98
CA ALA D 227 -16.75 36.83 11.42
C ALA D 227 -16.18 37.74 12.51
N GLU D 228 -15.61 38.87 12.08
CA GLU D 228 -15.00 39.80 13.02
C GLU D 228 -16.03 40.78 13.59
N LYS D 229 -16.74 41.50 12.72
CA LYS D 229 -17.71 42.50 13.17
C LYS D 229 -19.07 42.44 12.46
N ASN D 230 -19.14 41.88 11.26
CA ASN D 230 -20.40 41.83 10.54
C ASN D 230 -20.48 40.59 9.67
N ILE D 231 -21.72 40.28 9.26
CA ILE D 231 -21.95 39.12 8.41
C ILE D 231 -21.32 39.38 7.05
N ILE D 232 -20.73 38.34 6.48
CA ILE D 232 -20.06 38.42 5.18
C ILE D 232 -20.61 37.33 4.27
N ILE D 233 -20.80 37.69 3.00
CA ILE D 233 -21.33 36.80 1.96
C ILE D 233 -20.21 36.54 0.97
N ARG D 234 -20.08 35.27 0.56
CA ARG D 234 -19.06 34.85 -0.40
C ARG D 234 -19.71 34.12 -1.56
N SER D 235 -19.39 34.56 -2.77
CA SER D 235 -19.92 33.95 -3.99
C SER D 235 -19.11 34.46 -5.16
N GLU D 236 -18.65 33.53 -6.01
CA GLU D 236 -17.88 33.94 -7.17
C GLU D 236 -18.71 34.83 -8.09
N ASN D 237 -20.02 34.56 -8.17
CA ASN D 237 -20.92 35.34 -9.00
C ASN D 237 -22.27 35.31 -8.28
N ILE D 238 -22.52 36.34 -7.46
CA ILE D 238 -23.77 36.39 -6.72
C ILE D 238 -24.97 36.49 -7.65
N THR D 239 -24.83 37.12 -8.82
CA THR D 239 -25.96 37.23 -9.74
C THR D 239 -26.33 35.87 -10.31
N ASN D 240 -25.35 34.98 -10.49
CA ASN D 240 -25.62 33.65 -11.03
C ASN D 240 -26.34 32.82 -9.97
N ASN D 241 -27.51 32.29 -10.33
CA ASN D 241 -28.28 31.49 -9.39
C ASN D 241 -27.68 30.09 -9.19
N ALA D 242 -26.89 29.62 -10.15
CA ALA D 242 -26.28 28.30 -10.04
C ALA D 242 -25.02 28.27 -9.19
N LYS D 243 -24.59 29.41 -8.65
CA LYS D 243 -23.39 29.48 -7.82
C LYS D 243 -23.79 29.55 -6.35
N ILE D 244 -23.07 28.80 -5.52
CA ILE D 244 -23.35 28.77 -4.09
C ILE D 244 -23.08 30.14 -3.48
N ILE D 245 -23.86 30.50 -2.47
CA ILE D 245 -23.73 31.77 -1.76
C ILE D 245 -23.43 31.42 -0.31
N ILE D 246 -22.15 31.36 0.03
CA ILE D 246 -21.72 31.03 1.39
C ILE D 246 -21.92 32.25 2.27
N VAL D 247 -22.55 32.05 3.43
CA VAL D 247 -22.82 33.11 4.39
C VAL D 247 -22.17 32.73 5.72
N GLN D 248 -21.53 33.71 6.36
CA GLN D 248 -20.86 33.52 7.63
C GLN D 248 -21.47 34.46 8.67
N LEU D 249 -21.77 33.92 9.84
CA LEU D 249 -22.39 34.68 10.91
C LEU D 249 -21.35 35.33 11.82
N VAL D 250 -21.77 36.43 12.46
CA VAL D 250 -20.88 37.14 13.38
C VAL D 250 -21.00 36.55 14.78
N GLN D 251 -22.19 36.05 15.15
CA GLN D 251 -22.45 35.44 16.43
C GLN D 251 -22.95 34.03 16.13
N PRO D 252 -22.48 32.99 16.83
CA PRO D 252 -22.95 31.65 16.53
C PRO D 252 -24.32 31.36 17.11
N VAL D 253 -24.97 30.36 16.53
CA VAL D 253 -26.30 29.91 16.94
C VAL D 253 -26.14 28.50 17.50
N THR D 254 -26.24 28.37 18.82
CA THR D 254 -26.09 27.07 19.45
C THR D 254 -27.21 26.13 19.01
N ILE D 255 -26.84 24.90 18.68
CA ILE D 255 -27.78 23.86 18.26
C ILE D 255 -27.47 22.59 19.03
N LYS D 256 -28.50 22.00 19.63
CA LYS D 256 -28.39 20.78 20.42
C LYS D 256 -29.24 19.70 19.77
N CYS D 257 -28.65 18.52 19.58
CA CYS D 257 -29.32 17.38 18.96
C CYS D 257 -29.14 16.15 19.84
N ILE D 258 -30.18 15.33 19.93
CA ILE D 258 -30.15 14.13 20.75
C ILE D 258 -31.08 13.08 20.17
N ARG D 259 -30.83 11.82 20.54
CA ARG D 259 -31.63 10.67 20.15
C ARG D 259 -31.98 10.00 21.48
N PRO D 260 -33.20 10.21 22.00
CA PRO D 260 -33.56 9.64 23.30
C PRO D 260 -33.51 8.11 23.38
N ASN D 261 -33.51 7.41 22.25
CA ASN D 261 -33.49 5.95 22.29
C ASN D 261 -32.21 5.44 22.97
N ASN D 262 -32.36 4.62 24.00
CA ASN D 262 -31.20 4.07 24.70
C ASN D 262 -30.35 3.24 23.74
N ASN D 263 -31.01 2.34 22.99
CA ASN D 263 -30.34 1.54 21.98
C ASN D 263 -29.19 0.66 22.48
N THR D 264 -29.50 -0.38 23.26
CA THR D 264 -28.47 -1.29 23.73
C THR D 264 -27.72 -1.89 22.54
N VAL D 265 -26.46 -2.24 22.77
CA VAL D 265 -25.58 -2.77 21.73
C VAL D 265 -25.24 -4.23 22.01
N LYS D 266 -25.26 -5.04 20.95
CA LYS D 266 -24.93 -6.45 20.98
C LYS D 266 -23.89 -6.70 19.89
N SER D 267 -23.32 -7.90 19.87
CA SER D 267 -22.31 -8.24 18.88
C SER D 267 -22.33 -9.71 18.54
N ILE D 268 -21.98 -10.01 17.29
CA ILE D 268 -21.92 -11.35 16.75
C ILE D 268 -20.67 -11.45 15.89
N ARG D 269 -20.06 -12.63 15.83
CA ARG D 269 -18.84 -12.85 15.06
C ARG D 269 -19.22 -13.47 13.72
N ILE D 270 -19.02 -12.70 12.65
CA ILE D 270 -19.30 -13.16 11.29
C ILE D 270 -18.02 -13.74 10.70
N GLY D 271 -17.83 -15.04 10.84
CA GLY D 271 -16.65 -15.70 10.35
C GLY D 271 -15.52 -15.51 11.33
N PRO D 272 -14.28 -15.83 10.93
CA PRO D 272 -13.16 -15.67 11.85
C PRO D 272 -12.94 -14.19 12.18
N GLY D 273 -13.01 -13.90 13.48
CA GLY D 273 -12.85 -12.52 13.91
C GLY D 273 -14.01 -11.72 13.34
N GLN D 274 -13.75 -10.47 12.97
CA GLN D 274 -14.77 -9.61 12.37
C GLN D 274 -15.99 -9.50 13.27
N ALA D 275 -15.78 -8.95 14.47
CA ALA D 275 -16.86 -8.80 15.45
C ALA D 275 -17.83 -7.72 14.99
N PHE D 276 -18.96 -8.14 14.44
CA PHE D 276 -19.97 -7.19 13.99
C PHE D 276 -20.77 -6.67 15.18
N TYR D 277 -21.13 -5.38 15.12
CA TYR D 277 -21.89 -4.71 16.18
C TYR D 277 -23.25 -4.33 15.61
N TYR D 278 -24.32 -4.63 16.36
CA TYR D 278 -25.67 -4.32 15.93
C TYR D 278 -26.50 -3.85 17.12
N THR D 279 -27.62 -3.19 16.80
CA THR D 279 -28.51 -2.67 17.83
C THR D 279 -29.31 -3.81 18.48
N GLY D 280 -29.55 -3.67 19.79
CA GLY D 280 -30.31 -4.64 20.54
C GLY D 280 -31.72 -4.13 20.79
N ASP D 281 -32.17 -4.28 22.04
CA ASP D 281 -33.51 -3.82 22.41
C ASP D 281 -33.44 -2.37 22.90
N ILE D 282 -34.46 -1.60 22.56
CA ILE D 282 -34.53 -0.20 22.96
C ILE D 282 -35.09 -0.12 24.38
N ILE D 283 -34.29 0.36 25.31
CA ILE D 283 -34.74 0.49 26.69
C ILE D 283 -35.53 1.78 26.81
N GLY D 284 -36.77 1.67 27.28
CA GLY D 284 -37.62 2.83 27.42
C GLY D 284 -38.44 3.07 26.16
N ASP D 285 -39.24 4.13 26.22
CA ASP D 285 -40.10 4.50 25.10
C ASP D 285 -39.28 4.94 23.91
N ILE D 286 -39.72 4.54 22.71
CA ILE D 286 -39.02 4.91 21.49
C ILE D 286 -39.43 6.32 21.10
N ARG D 287 -38.47 7.11 20.62
CA ARG D 287 -38.71 8.48 20.20
C ARG D 287 -37.86 8.82 19.00
N GLN D 288 -38.30 9.84 18.27
CA GLN D 288 -37.60 10.28 17.07
C GLN D 288 -36.44 11.21 17.43
N ALA D 289 -35.50 11.33 16.49
CA ALA D 289 -34.36 12.20 16.68
C ALA D 289 -34.76 13.64 16.33
N HIS D 290 -34.23 14.59 17.09
CA HIS D 290 -34.57 15.99 16.85
C HIS D 290 -33.42 16.88 17.29
N CYS D 291 -33.56 18.17 16.96
CA CYS D 291 -32.59 19.20 17.29
C CYS D 291 -33.32 20.42 17.83
N ASN D 292 -32.60 21.25 18.58
CA ASN D 292 -33.15 22.46 19.17
C ASN D 292 -32.31 23.67 18.79
N VAL D 293 -32.98 24.79 18.55
CA VAL D 293 -32.35 26.05 18.20
C VAL D 293 -33.22 27.17 18.76
N THR D 294 -32.58 28.14 19.41
CA THR D 294 -33.31 29.26 19.99
C THR D 294 -34.00 30.04 18.88
N ARG D 295 -35.30 30.28 19.06
CA ARG D 295 -36.07 31.02 18.05
C ARG D 295 -35.56 32.45 17.91
N SER D 296 -35.43 33.16 19.02
CA SER D 296 -34.98 34.55 18.99
C SER D 296 -33.59 34.68 18.36
N ARG D 297 -32.65 33.82 18.76
CA ARG D 297 -31.30 33.90 18.22
C ARG D 297 -31.29 33.57 16.73
N TRP D 298 -32.02 32.53 16.31
CA TRP D 298 -32.04 32.17 14.91
C TRP D 298 -32.83 33.18 14.09
N ASN D 299 -34.00 33.60 14.58
CA ASN D 299 -34.81 34.57 13.85
C ASN D 299 -34.05 35.88 13.69
N LYS D 300 -33.34 36.29 14.74
CA LYS D 300 -32.57 37.53 14.66
C LYS D 300 -31.45 37.42 13.63
N THR D 301 -30.84 36.24 13.53
CA THR D 301 -29.76 36.04 12.57
C THR D 301 -30.26 36.22 11.14
N LEU D 302 -31.44 35.67 10.84
CA LEU D 302 -31.99 35.80 9.50
C LEU D 302 -32.30 37.25 9.17
N GLN D 303 -32.67 38.04 10.19
CA GLN D 303 -32.97 39.45 9.96
C GLN D 303 -31.72 40.17 9.45
N GLU D 304 -30.58 39.90 10.07
CA GLU D 304 -29.33 40.53 9.64
C GLU D 304 -28.83 39.90 8.35
N VAL D 305 -28.97 38.58 8.20
CA VAL D 305 -28.54 37.92 6.97
C VAL D 305 -29.35 38.43 5.80
N ALA D 306 -30.66 38.55 5.97
CA ALA D 306 -31.51 39.06 4.91
C ALA D 306 -31.16 40.52 4.61
N GLU D 307 -30.85 41.29 5.66
CA GLU D 307 -30.46 42.68 5.47
C GLU D 307 -29.17 42.77 4.66
N LYS D 308 -28.22 41.89 4.97
CA LYS D 308 -26.96 41.88 4.22
C LYS D 308 -27.21 41.53 2.76
N LEU D 309 -28.06 40.53 2.51
CA LEU D 309 -28.36 40.16 1.14
C LEU D 309 -29.08 41.29 0.43
N ARG D 310 -30.00 41.96 1.13
CA ARG D 310 -30.73 43.08 0.55
C ARG D 310 -29.78 44.22 0.20
N THR D 311 -28.80 44.48 1.07
CA THR D 311 -27.84 45.56 0.82
C THR D 311 -26.94 45.23 -0.36
N TYR D 312 -26.69 43.95 -0.62
CA TYR D 312 -25.83 43.58 -1.74
C TYR D 312 -26.55 43.73 -3.07
N PHE D 313 -27.67 43.02 -3.23
CA PHE D 313 -28.44 43.07 -4.47
C PHE D 313 -29.91 42.85 -4.14
N GLY D 314 -30.76 43.31 -5.05
CA GLY D 314 -32.19 43.15 -4.84
C GLY D 314 -32.69 43.91 -3.63
N ASN D 315 -32.74 45.25 -3.72
CA ASN D 315 -33.19 46.06 -2.60
C ASN D 315 -34.70 45.95 -2.42
N LYS D 316 -35.19 44.74 -2.14
CA LYS D 316 -36.59 44.46 -1.94
C LYS D 316 -36.73 43.32 -0.94
N THR D 317 -37.90 42.68 -0.87
CA THR D 317 -38.17 41.59 0.06
C THR D 317 -37.28 40.38 -0.23
N ILE D 318 -36.83 39.72 0.84
CA ILE D 318 -36.00 38.52 0.79
C ILE D 318 -36.76 37.42 1.54
N ILE D 319 -36.83 36.23 0.95
CA ILE D 319 -37.54 35.10 1.55
C ILE D 319 -36.66 33.85 1.50
N PHE D 320 -36.87 32.95 2.46
CA PHE D 320 -36.14 31.70 2.57
C PHE D 320 -37.12 30.54 2.45
N ALA D 321 -36.83 29.60 1.56
CA ALA D 321 -37.67 28.43 1.34
C ALA D 321 -37.02 27.20 1.97
N ASN D 322 -37.81 26.13 2.09
CA ASN D 322 -37.33 24.88 2.70
C ASN D 322 -36.68 23.95 1.68
N SER D 323 -35.50 24.38 1.22
CA SER D 323 -34.69 23.62 0.27
C SER D 323 -35.40 23.30 -1.03
N SER D 324 -34.70 22.58 -1.91
CA SER D 324 -35.26 22.20 -3.20
C SER D 324 -35.89 20.80 -3.18
N GLY D 325 -35.36 19.91 -2.35
CA GLY D 325 -35.87 18.57 -2.24
C GLY D 325 -35.09 17.58 -3.09
N GLY D 326 -35.12 16.32 -2.66
CA GLY D 326 -34.44 15.24 -3.34
C GLY D 326 -33.96 14.22 -2.33
N ASP D 327 -32.81 13.62 -2.63
CA ASP D 327 -32.23 12.60 -1.76
C ASP D 327 -31.84 13.22 -0.43
N LEU D 328 -31.92 12.42 0.64
CA LEU D 328 -31.56 12.91 1.97
C LEU D 328 -30.09 13.27 2.06
N GLU D 329 -29.25 12.74 1.17
CA GLU D 329 -27.83 13.06 1.20
C GLU D 329 -27.54 14.43 0.59
N ILE D 330 -28.55 15.09 0.03
CA ILE D 330 -28.37 16.40 -0.61
C ILE D 330 -29.31 17.45 -0.04
N THR D 331 -30.59 17.13 0.14
CA THR D 331 -31.59 18.08 0.61
C THR D 331 -31.81 18.09 2.13
N THR D 332 -30.89 17.56 2.92
CA THR D 332 -31.06 17.55 4.38
C THR D 332 -29.74 17.83 5.07
N HIS D 333 -29.84 18.48 6.23
CA HIS D 333 -28.69 18.83 7.05
C HIS D 333 -28.19 17.55 7.74
N SER D 334 -26.88 17.34 7.68
CA SER D 334 -26.26 16.17 8.28
C SER D 334 -25.04 16.57 9.10
N PHE D 335 -24.72 15.76 10.10
CA PHE D 335 -23.57 16.01 10.96
C PHE D 335 -23.10 14.68 11.53
N ASN D 336 -21.91 14.71 12.15
CA ASN D 336 -21.25 13.53 12.69
C ASN D 336 -21.19 13.47 14.21
N CYS D 337 -21.50 14.56 14.92
CA CYS D 337 -21.44 14.58 16.38
C CYS D 337 -22.23 13.43 17.00
N GLY D 338 -21.63 12.82 18.03
CA GLY D 338 -22.23 11.72 18.75
C GLY D 338 -21.82 10.34 18.27
N GLY D 339 -21.01 10.24 17.22
CA GLY D 339 -20.59 8.96 16.70
C GLY D 339 -21.54 8.33 15.71
N GLU D 340 -22.78 8.81 15.64
CA GLU D 340 -23.79 8.30 14.71
C GLU D 340 -24.18 9.45 13.80
N PHE D 341 -24.25 9.19 12.50
CA PHE D 341 -24.58 10.23 11.54
C PHE D 341 -26.05 10.58 11.58
N PHE D 342 -26.33 11.88 11.61
CA PHE D 342 -27.69 12.38 11.66
C PHE D 342 -28.12 12.94 10.31
N TYR D 343 -29.42 12.96 10.08
CA TYR D 343 -30.01 13.49 8.85
C TYR D 343 -31.23 14.28 9.28
N CYS D 344 -31.04 15.58 9.55
CA CYS D 344 -32.09 16.45 10.05
C CYS D 344 -32.79 17.19 8.91
N ASN D 345 -34.09 17.41 9.11
CA ASN D 345 -34.97 18.11 8.18
C ASN D 345 -34.99 19.58 8.59
N THR D 346 -34.24 20.41 7.87
CA THR D 346 -34.15 21.83 8.18
C THR D 346 -35.30 22.66 7.61
N SER D 347 -36.43 22.05 7.27
CA SER D 347 -37.55 22.82 6.74
C SER D 347 -38.13 23.79 7.76
N GLY D 348 -37.91 23.53 9.05
CA GLY D 348 -38.44 24.41 10.08
C GLY D 348 -37.67 25.69 10.28
N LEU D 349 -36.51 25.84 9.64
CA LEU D 349 -35.69 27.04 9.78
C LEU D 349 -35.92 28.03 8.66
N PHE D 350 -35.77 27.59 7.41
CA PHE D 350 -35.92 28.44 6.23
C PHE D 350 -37.40 28.50 5.82
N ASN D 351 -38.20 29.10 6.71
CA ASN D 351 -39.64 29.25 6.50
C ASN D 351 -40.06 30.66 6.90
N SER D 352 -39.35 31.68 6.39
CA SER D 352 -39.69 33.06 6.73
C SER D 352 -39.40 34.00 5.58
N THR D 353 -40.07 35.15 5.63
CA THR D 353 -39.95 36.22 4.64
C THR D 353 -39.36 37.44 5.34
N TRP D 354 -38.68 38.30 4.58
CA TRP D 354 -38.06 39.49 5.14
C TRP D 354 -38.22 40.68 4.21
N TYR D 355 -39.04 41.64 4.61
CA TYR D 355 -39.27 42.84 3.83
C TYR D 355 -38.18 43.88 4.16
N VAL D 356 -38.34 45.08 3.59
CA VAL D 356 -37.38 46.14 3.85
C VAL D 356 -37.51 46.63 5.28
N ASN D 357 -38.74 46.72 5.79
CA ASN D 357 -38.95 47.18 7.16
C ASN D 357 -38.37 46.20 8.17
N SER D 358 -38.67 44.91 8.00
CA SER D 358 -38.17 43.88 8.90
C SER D 358 -38.44 42.50 8.33
N ASN D 370 -36.69 26.04 26.12
CA ASN D 370 -38.02 26.44 26.58
C ASN D 370 -38.85 26.98 25.42
N ASP D 371 -38.18 27.70 24.51
CA ASP D 371 -38.82 28.30 23.34
C ASP D 371 -38.03 28.03 22.07
N THR D 372 -37.29 26.93 22.01
CA THR D 372 -36.49 26.61 20.83
C THR D 372 -37.36 26.01 19.72
N ILE D 373 -36.81 26.02 18.51
CA ILE D 373 -37.51 25.46 17.35
C ILE D 373 -37.05 24.03 17.16
N THR D 374 -38.01 23.11 17.10
CA THR D 374 -37.71 21.70 16.93
C THR D 374 -37.58 21.34 15.46
N LEU D 375 -36.58 20.50 15.16
CA LEU D 375 -36.30 20.03 13.81
C LEU D 375 -36.31 18.51 13.80
N PRO D 376 -37.27 17.82 13.18
CA PRO D 376 -37.22 16.35 13.21
C PRO D 376 -35.99 15.83 12.47
N CYS D 377 -35.45 14.72 12.96
CA CYS D 377 -34.26 14.11 12.39
C CYS D 377 -34.44 12.60 12.31
N ARG D 378 -33.69 12.00 11.38
CA ARG D 378 -33.70 10.57 11.14
C ARG D 378 -32.26 10.06 11.13
N ILE D 379 -32.04 8.93 11.76
CA ILE D 379 -30.71 8.32 11.83
C ILE D 379 -30.52 7.42 10.61
N LYS D 380 -29.28 7.33 10.14
CA LYS D 380 -28.95 6.52 8.98
C LYS D 380 -27.56 5.92 9.21
N GLN D 381 -27.50 4.59 9.27
CA GLN D 381 -26.23 3.89 9.48
C GLN D 381 -25.48 3.66 8.18
N ILE D 382 -26.15 3.15 7.14
CA ILE D 382 -25.51 2.93 5.85
C ILE D 382 -25.39 4.31 5.20
N ILE D 383 -24.16 4.79 5.03
CA ILE D 383 -23.91 6.11 4.47
C ILE D 383 -22.72 6.08 3.53
N ASN D 384 -22.56 7.20 2.81
CA ASN D 384 -21.47 7.43 1.87
C ASN D 384 -20.74 8.74 2.13
N MET D 385 -21.47 9.80 2.48
CA MET D 385 -21.00 11.15 2.84
C MET D 385 -20.12 11.85 1.80
N TRP D 386 -19.91 11.27 0.63
CA TRP D 386 -19.11 11.89 -0.42
C TRP D 386 -19.72 11.71 -1.81
N GLN D 387 -20.98 11.31 -1.90
CA GLN D 387 -21.66 11.06 -3.16
C GLN D 387 -20.95 10.01 -4.00
N ARG D 388 -20.18 9.12 -3.36
CA ARG D 388 -19.46 8.07 -4.05
C ARG D 388 -20.29 6.79 -4.06
N ALA D 389 -20.84 6.45 -5.22
CA ALA D 389 -21.64 5.24 -5.34
C ALA D 389 -20.80 3.98 -5.36
N GLY D 390 -19.48 4.10 -5.49
CA GLY D 390 -18.63 2.92 -5.51
C GLY D 390 -18.26 2.41 -4.14
N GLN D 391 -18.35 3.27 -3.12
CA GLN D 391 -18.01 2.90 -1.74
C GLN D 391 -19.12 3.31 -0.80
N ALA D 392 -19.33 2.49 0.24
CA ALA D 392 -20.33 2.72 1.26
C ALA D 392 -19.78 2.23 2.59
N MET D 393 -20.24 2.83 3.69
CA MET D 393 -19.80 2.48 5.03
C MET D 393 -21.00 2.38 5.95
N TYR D 394 -20.93 1.43 6.88
CA TYR D 394 -21.97 1.19 7.88
C TYR D 394 -21.50 1.71 9.23
N ALA D 395 -22.25 2.64 9.82
CA ALA D 395 -21.87 3.20 11.10
C ALA D 395 -22.34 2.28 12.24
N PRO D 396 -21.46 1.88 13.17
CA PRO D 396 -21.90 1.01 14.25
C PRO D 396 -22.75 1.78 15.24
N PRO D 397 -23.62 1.08 15.98
CA PRO D 397 -24.46 1.80 16.95
C PRO D 397 -23.66 2.26 18.16
N ILE D 398 -24.10 3.36 18.75
CA ILE D 398 -23.49 3.96 19.93
C ILE D 398 -24.38 3.63 21.12
N PRO D 399 -23.92 2.85 22.11
CA PRO D 399 -24.81 2.52 23.23
C PRO D 399 -25.15 3.74 24.07
N GLY D 400 -26.36 3.73 24.61
CA GLY D 400 -26.85 4.80 25.45
C GLY D 400 -27.18 6.06 24.67
N VAL D 401 -27.89 6.97 25.35
CA VAL D 401 -28.26 8.22 24.71
C VAL D 401 -27.02 9.05 24.48
N ILE D 402 -26.98 9.77 23.36
CA ILE D 402 -25.83 10.59 23.00
C ILE D 402 -26.21 12.06 23.05
N LYS D 403 -25.39 12.86 23.72
CA LYS D 403 -25.60 14.29 23.84
C LYS D 403 -24.69 14.98 22.84
N CYS D 404 -25.18 16.07 22.24
CA CYS D 404 -24.38 16.78 21.25
C CYS D 404 -24.78 18.25 21.22
N GLU D 405 -23.80 19.10 20.97
CA GLU D 405 -23.97 20.55 20.88
C GLU D 405 -22.93 21.08 19.92
N SER D 406 -23.30 22.10 19.15
CA SER D 406 -22.39 22.69 18.19
C SER D 406 -22.78 24.14 17.92
N ASN D 407 -21.86 24.88 17.32
CA ASN D 407 -22.06 26.28 16.99
C ASN D 407 -22.27 26.43 15.49
N ILE D 408 -23.43 26.96 15.10
CA ILE D 408 -23.70 27.18 13.68
C ILE D 408 -23.09 28.52 13.29
N THR D 409 -21.99 28.47 12.54
CA THR D 409 -21.29 29.67 12.11
C THR D 409 -21.44 30.02 10.65
N GLY D 410 -22.11 29.20 9.84
CA GLY D 410 -22.26 29.53 8.44
C GLY D 410 -23.37 28.73 7.81
N LEU D 411 -23.67 29.09 6.56
CA LEU D 411 -24.72 28.45 5.79
C LEU D 411 -24.32 28.36 4.33
N LEU D 412 -24.91 27.39 3.63
CA LEU D 412 -24.67 27.16 2.20
C LEU D 412 -25.98 27.48 1.48
N LEU D 413 -26.16 28.74 1.12
CA LEU D 413 -27.36 29.18 0.45
C LEU D 413 -27.19 29.18 -1.07
N THR D 414 -28.30 28.94 -1.76
CA THR D 414 -28.35 28.91 -3.21
C THR D 414 -29.63 29.60 -3.64
N ARG D 415 -29.51 30.83 -4.17
CA ARG D 415 -30.68 31.58 -4.60
C ARG D 415 -31.33 30.88 -5.79
N ASP D 416 -32.64 30.70 -5.70
CA ASP D 416 -33.38 30.05 -6.78
C ASP D 416 -33.65 31.06 -7.89
N GLY D 417 -33.08 30.80 -9.07
CA GLY D 417 -33.24 31.69 -10.21
C GLY D 417 -33.89 31.06 -11.42
N GLY D 418 -34.88 30.19 -11.18
CA GLY D 418 -35.57 29.56 -12.28
C GLY D 418 -36.53 30.47 -13.02
N LYS D 419 -36.78 31.66 -12.49
CA LYS D 419 -37.67 32.64 -13.11
C LYS D 419 -37.07 34.02 -12.88
N ASP D 420 -37.35 34.92 -13.82
CA ASP D 420 -36.83 36.28 -13.72
C ASP D 420 -37.36 36.96 -12.46
N ASN D 421 -36.45 37.45 -11.64
CA ASN D 421 -36.83 38.12 -10.40
C ASN D 421 -37.63 39.39 -10.71
N ASN D 422 -38.68 39.61 -9.93
CA ASN D 422 -39.53 40.78 -10.10
C ASN D 422 -39.48 41.72 -8.91
N VAL D 423 -39.88 41.23 -7.72
CA VAL D 423 -39.87 42.03 -6.50
C VAL D 423 -39.32 41.28 -5.30
N ASN D 424 -39.24 39.95 -5.35
CA ASN D 424 -38.72 39.16 -4.24
C ASN D 424 -37.87 38.03 -4.78
N GLU D 425 -36.85 37.66 -4.01
CA GLU D 425 -35.91 36.61 -4.37
C GLU D 425 -36.06 35.45 -3.39
N THR D 426 -35.93 34.24 -3.92
CA THR D 426 -36.04 33.02 -3.12
C THR D 426 -34.67 32.42 -2.87
N PHE D 427 -34.36 32.17 -1.60
CA PHE D 427 -33.09 31.58 -1.19
C PHE D 427 -33.36 30.24 -0.54
N ARG D 428 -32.57 29.23 -0.92
CA ARG D 428 -32.73 27.88 -0.41
C ARG D 428 -31.39 27.32 0.08
N PRO D 429 -31.37 26.53 1.16
CA PRO D 429 -30.10 25.97 1.62
C PRO D 429 -29.70 24.81 0.73
N GLY D 430 -29.13 25.12 -0.43
CA GLY D 430 -28.75 24.10 -1.39
C GLY D 430 -27.42 23.42 -1.12
N GLY D 431 -26.39 23.78 -1.88
CA GLY D 431 -25.08 23.17 -1.72
C GLY D 431 -24.89 22.05 -2.73
N SER D 432 -25.03 20.81 -2.26
CA SER D 432 -24.88 19.61 -3.09
C SER D 432 -23.43 19.39 -3.53
N ASP D 433 -22.48 20.08 -2.90
CA ASP D 433 -21.07 19.93 -3.20
C ASP D 433 -20.31 20.03 -1.88
N MET D 434 -19.40 19.09 -1.66
CA MET D 434 -18.63 19.08 -0.42
C MET D 434 -17.42 20.01 -0.45
N ARG D 435 -16.93 20.37 -1.64
CA ARG D 435 -15.79 21.27 -1.70
C ARG D 435 -16.14 22.64 -1.14
N ASP D 436 -17.34 23.12 -1.42
CA ASP D 436 -17.79 24.42 -0.92
C ASP D 436 -17.94 24.44 0.59
N ASN D 437 -18.16 23.30 1.23
CA ASN D 437 -18.31 23.25 2.68
C ASN D 437 -17.05 23.73 3.36
N TRP D 438 -15.89 23.26 2.89
CA TRP D 438 -14.62 23.66 3.49
C TRP D 438 -14.08 24.96 2.92
N ARG D 439 -14.63 25.43 1.79
CA ARG D 439 -14.15 26.69 1.21
C ARG D 439 -14.41 27.86 2.15
N SER D 440 -15.41 27.74 3.04
CA SER D 440 -15.72 28.80 3.98
C SER D 440 -14.65 28.99 5.03
N GLU D 441 -13.76 28.00 5.21
CA GLU D 441 -12.69 28.07 6.21
C GLU D 441 -11.34 28.43 5.59
N LEU D 442 -11.08 28.02 4.36
CA LEU D 442 -9.83 28.32 3.67
C LEU D 442 -9.92 29.58 2.83
N TYR D 443 -10.94 30.41 3.04
CA TYR D 443 -11.09 31.63 2.26
C TYR D 443 -9.93 32.59 2.45
N LYS D 444 -9.28 32.55 3.61
CA LYS D 444 -8.19 33.46 3.92
C LYS D 444 -6.81 32.96 3.54
N TYR D 445 -6.69 31.85 2.81
CA TYR D 445 -5.39 31.31 2.45
C TYR D 445 -5.15 31.23 0.95
N LYS D 446 -3.86 31.26 0.59
CA LYS D 446 -3.36 31.16 -0.76
C LYS D 446 -1.90 30.73 -0.66
N VAL D 447 -1.54 29.72 -1.46
CA VAL D 447 -0.19 29.18 -1.46
C VAL D 447 0.57 29.77 -2.64
N VAL D 448 1.80 30.22 -2.38
CA VAL D 448 2.66 30.82 -3.38
C VAL D 448 4.06 30.24 -3.22
N GLU D 449 4.82 30.24 -4.30
CA GLU D 449 6.18 29.73 -4.31
C GLU D 449 7.16 30.89 -4.23
N ILE D 450 8.11 30.81 -3.30
CA ILE D 450 9.08 31.87 -3.14
C ILE D 450 10.08 31.85 -4.28
N GLU D 451 10.38 33.04 -4.80
CA GLU D 451 11.34 33.24 -5.90
C GLU D 451 12.48 34.08 -5.33
N PRO D 452 13.46 33.44 -4.65
CA PRO D 452 14.55 34.21 -4.04
C PRO D 452 15.63 34.69 -5.00
N LEU D 453 15.38 34.65 -6.31
CA LEU D 453 16.35 35.09 -7.30
C LEU D 453 15.71 36.15 -8.19
N GLY D 454 16.42 37.27 -8.36
CA GLY D 454 15.93 38.36 -9.18
C GLY D 454 17.09 39.14 -9.77
N VAL D 455 16.74 40.09 -10.63
CA VAL D 455 17.72 40.94 -11.31
C VAL D 455 17.23 42.38 -11.29
N ALA D 456 18.16 43.30 -11.53
CA ALA D 456 17.88 44.72 -11.55
C ALA D 456 19.11 45.45 -12.06
N PRO D 457 18.98 46.71 -12.48
CA PRO D 457 20.15 47.45 -12.96
C PRO D 457 20.89 48.17 -11.84
N THR D 458 22.19 48.34 -12.04
CA THR D 458 23.03 49.00 -11.06
C THR D 458 24.34 49.41 -11.75
N ARG D 459 24.89 50.55 -11.31
CA ARG D 459 26.14 51.06 -11.87
C ARG D 459 27.31 50.40 -11.15
N CYS D 460 27.59 49.15 -11.55
CA CYS D 460 28.68 48.37 -10.98
C CYS D 460 29.30 47.55 -12.11
N LYS D 461 30.58 47.21 -11.96
CA LYS D 461 31.30 46.44 -12.97
C LYS D 461 32.20 45.42 -12.28
N ARG D 462 31.89 44.14 -12.46
CA ARG D 462 32.69 43.09 -11.86
C ARG D 462 34.06 43.05 -12.52
N ARG D 463 35.11 43.06 -11.72
CA ARG D 463 36.47 43.04 -12.25
C ARG D 463 36.86 41.63 -12.68
N VAL D 464 37.89 41.54 -13.51
CA VAL D 464 38.39 40.27 -14.00
C VAL D 464 39.12 39.53 -12.88
N LEU E 1 23.40 27.38 -28.52
CA LEU E 1 23.28 26.25 -29.48
C LEU E 1 22.24 25.24 -29.00
N GLY E 2 22.61 24.45 -28.00
CA GLY E 2 21.69 23.46 -27.47
C GLY E 2 22.41 22.51 -26.53
N PHE E 3 21.61 21.70 -25.85
CA PHE E 3 22.15 20.72 -24.91
C PHE E 3 22.92 19.65 -25.67
N LEU E 4 24.17 19.42 -25.26
CA LEU E 4 25.06 18.43 -25.86
C LEU E 4 25.34 18.71 -27.34
N GLY E 5 25.07 19.93 -27.81
CA GLY E 5 25.30 20.24 -29.22
C GLY E 5 26.75 20.29 -29.64
N ALA E 6 27.67 20.47 -28.68
CA ALA E 6 29.10 20.54 -28.97
C ALA E 6 29.86 19.32 -28.48
N ALA E 7 29.18 18.18 -28.26
CA ALA E 7 29.87 16.99 -27.80
C ALA E 7 30.87 16.48 -28.83
N GLY E 8 30.47 16.43 -30.10
CA GLY E 8 31.35 15.97 -31.16
C GLY E 8 32.26 17.00 -31.78
N SER E 9 32.03 18.28 -31.51
CA SER E 9 32.89 19.32 -32.07
C SER E 9 34.31 19.18 -31.50
N THR E 10 35.21 20.03 -31.96
CA THR E 10 36.59 19.96 -31.47
C THR E 10 36.66 20.30 -29.98
N MET E 11 37.68 19.77 -29.31
CA MET E 11 37.90 19.98 -27.86
C MET E 11 37.88 21.45 -27.47
N GLY E 12 38.62 22.30 -28.17
CA GLY E 12 38.66 23.71 -27.80
C GLY E 12 37.35 24.44 -27.95
N ALA E 13 36.58 24.12 -29.00
CA ALA E 13 35.32 24.81 -29.24
C ALA E 13 34.25 24.45 -28.21
N ALA E 14 34.26 23.21 -27.72
CA ALA E 14 33.25 22.81 -26.74
C ALA E 14 33.46 23.50 -25.39
N SER E 15 34.66 24.00 -25.12
CA SER E 15 34.92 24.65 -23.84
C SER E 15 34.17 25.97 -23.71
N ILE E 16 33.83 26.62 -24.83
CA ILE E 16 33.12 27.90 -24.77
C ILE E 16 31.61 27.75 -24.68
N THR E 17 31.09 26.52 -24.60
CA THR E 17 29.65 26.28 -24.51
C THR E 17 29.34 25.23 -23.45
N LEU E 18 29.95 25.37 -22.27
CA LEU E 18 29.71 24.44 -21.18
C LEU E 18 28.58 24.92 -20.27
N THR E 19 28.28 26.22 -20.31
CA THR E 19 27.21 26.76 -19.47
C THR E 19 25.85 26.17 -19.82
N VAL E 20 25.59 25.95 -21.12
CA VAL E 20 24.30 25.39 -21.52
C VAL E 20 24.13 23.99 -20.93
N GLN E 21 25.18 23.18 -20.98
CA GLN E 21 25.12 21.83 -20.43
C GLN E 21 24.98 21.86 -18.92
N ALA E 22 25.68 22.78 -18.25
CA ALA E 22 25.56 22.87 -16.80
C ALA E 22 24.17 23.34 -16.39
N ARG E 23 23.55 24.21 -17.20
CA ARG E 23 22.21 24.71 -16.92
C ARG E 23 21.16 23.64 -17.14
N ASN E 24 21.29 22.87 -18.22
CA ASN E 24 20.31 21.81 -18.50
C ASN E 24 20.54 20.55 -17.67
N LEU E 25 21.52 20.56 -16.76
CA LEU E 25 21.79 19.39 -15.93
C LEU E 25 20.68 19.09 -14.92
N LEU E 26 19.74 20.02 -14.72
CA LEU E 26 18.64 19.81 -13.78
C LEU E 26 17.37 20.48 -14.28
N LEU E 49 -0.50 5.23 -11.98
CA LEU E 49 -0.91 6.13 -10.90
C LEU E 49 0.03 5.97 -9.71
N THR E 50 -0.06 4.84 -8.99
CA THR E 50 0.82 4.64 -7.85
C THR E 50 2.21 4.21 -8.31
N HIS E 51 2.30 3.47 -9.41
CA HIS E 51 3.59 3.02 -9.92
C HIS E 51 4.43 4.21 -10.38
N TRP E 52 3.80 5.16 -11.08
CA TRP E 52 4.54 6.33 -11.55
C TRP E 52 4.88 7.28 -10.41
N GLY E 53 4.02 7.37 -9.40
CA GLY E 53 4.28 8.25 -8.28
C GLY E 53 5.55 7.89 -7.55
N ILE E 54 5.71 6.60 -7.23
CA ILE E 54 6.92 6.16 -6.55
C ILE E 54 8.10 6.15 -7.51
N LYS E 55 7.86 5.77 -8.78
CA LYS E 55 8.93 5.75 -9.76
C LYS E 55 9.43 7.16 -10.05
N GLN E 56 8.51 8.10 -10.25
CA GLN E 56 8.90 9.48 -10.53
C GLN E 56 9.64 10.07 -9.33
N LEU E 57 9.17 9.77 -8.11
CA LEU E 57 9.84 10.28 -6.92
C LEU E 57 11.26 9.76 -6.83
N GLN E 58 11.45 8.47 -7.16
CA GLN E 58 12.79 7.89 -7.13
C GLN E 58 13.66 8.53 -8.21
N ALA E 59 13.09 8.76 -9.38
CA ALA E 59 13.84 9.37 -10.48
C ALA E 59 14.27 10.79 -10.14
N ARG E 60 13.37 11.57 -9.54
CA ARG E 60 13.71 12.95 -9.18
C ARG E 60 14.81 12.98 -8.13
N VAL E 61 14.76 12.09 -7.13
CA VAL E 61 15.79 12.06 -6.10
C VAL E 61 17.13 11.68 -6.72
N LEU E 62 17.12 10.74 -7.65
CA LEU E 62 18.36 10.32 -8.30
C LEU E 62 18.99 11.47 -9.07
N ALA E 63 18.17 12.30 -9.70
CA ALA E 63 18.68 13.43 -10.46
C ALA E 63 19.41 14.42 -9.55
N VAL E 64 18.81 14.73 -8.39
CA VAL E 64 19.45 15.66 -7.47
C VAL E 64 20.71 15.05 -6.89
N GLU E 65 20.67 13.75 -6.58
CA GLU E 65 21.85 13.08 -6.02
C GLU E 65 23.01 13.12 -6.99
N HIS E 66 22.76 12.82 -8.27
CA HIS E 66 23.84 12.85 -9.24
C HIS E 66 24.38 14.24 -9.48
N TYR E 67 23.53 15.27 -9.34
CA TYR E 67 23.99 16.64 -9.53
C TYR E 67 24.85 17.07 -8.34
N LEU E 68 24.45 16.69 -7.13
CA LEU E 68 25.22 17.05 -5.94
C LEU E 68 26.51 16.24 -5.85
N ARG E 69 26.51 15.02 -6.40
CA ARG E 69 27.70 14.18 -6.36
C ARG E 69 28.87 14.87 -7.03
N ASP E 70 28.67 15.32 -8.27
CA ASP E 70 29.74 16.00 -8.99
C ASP E 70 29.94 17.42 -8.47
N GLN E 71 28.87 18.08 -8.02
CA GLN E 71 29.00 19.43 -7.51
C GLN E 71 29.80 19.44 -6.21
N GLN E 72 29.69 18.38 -5.42
CA GLN E 72 30.42 18.30 -4.16
C GLN E 72 31.93 18.28 -4.39
N LEU E 73 32.38 17.54 -5.42
CA LEU E 73 33.82 17.47 -5.69
C LEU E 73 34.39 18.84 -6.01
N LEU E 74 33.70 19.60 -6.87
CA LEU E 74 34.19 20.94 -7.20
C LEU E 74 34.14 21.87 -6.00
N GLY E 75 33.14 21.70 -5.13
CA GLY E 75 33.05 22.56 -3.96
C GLY E 75 34.22 22.38 -3.01
N ILE E 76 34.57 21.12 -2.71
CA ILE E 76 35.69 20.88 -1.81
C ILE E 76 37.03 21.21 -2.44
N TRP E 77 37.12 21.19 -3.77
CA TRP E 77 38.37 21.50 -4.46
C TRP E 77 38.60 23.00 -4.61
N GLY E 78 37.74 23.85 -4.04
CA GLY E 78 37.90 25.27 -4.16
C GLY E 78 37.37 25.86 -5.44
N CYS E 79 36.80 25.03 -6.32
CA CYS E 79 36.25 25.49 -7.60
C CYS E 79 34.74 25.50 -7.53
N SER E 80 34.21 25.92 -6.38
CA SER E 80 32.76 25.97 -6.16
C SER E 80 32.05 26.88 -7.14
N GLY E 81 31.17 26.30 -7.96
CA GLY E 81 30.41 27.08 -8.92
C GLY E 81 31.18 27.67 -10.08
N LYS E 82 32.42 27.24 -10.30
CA LYS E 82 33.25 27.74 -11.39
C LYS E 82 33.35 26.67 -12.47
N LEU E 83 33.05 27.07 -13.71
CA LEU E 83 33.09 26.13 -14.82
C LEU E 83 34.51 25.64 -15.12
N ILE E 84 35.48 26.56 -15.18
CA ILE E 84 36.87 26.24 -15.46
C ILE E 84 37.67 26.51 -14.19
N CYS E 85 38.59 25.59 -13.85
CA CYS E 85 39.39 25.73 -12.66
C CYS E 85 40.65 24.87 -12.77
N CYS E 86 41.75 25.38 -12.21
CA CYS E 86 43.03 24.70 -12.22
C CYS E 86 43.62 24.73 -10.81
N THR E 87 44.47 23.75 -10.53
CA THR E 87 45.10 23.62 -9.21
C THR E 87 46.60 23.47 -9.36
N ASN E 88 47.25 23.11 -8.26
CA ASN E 88 48.71 22.95 -8.20
C ASN E 88 49.20 21.55 -8.54
N VAL E 89 48.42 20.77 -9.28
CA VAL E 89 48.81 19.41 -9.64
C VAL E 89 49.73 19.42 -10.86
N PRO E 90 50.97 18.94 -10.79
CA PRO E 90 51.78 18.91 -12.00
C PRO E 90 51.43 17.69 -12.84
N TRP E 91 51.26 17.90 -14.14
CA TRP E 91 50.88 16.79 -15.01
C TRP E 91 51.97 15.72 -15.03
N ASN E 92 51.52 14.47 -15.11
CA ASN E 92 52.37 13.29 -15.14
C ASN E 92 52.34 12.66 -16.52
N SER E 93 53.52 12.29 -17.02
CA SER E 93 53.62 11.68 -18.35
C SER E 93 52.88 10.35 -18.42
N SER E 94 52.74 9.64 -17.30
CA SER E 94 52.05 8.35 -17.32
C SER E 94 50.60 8.50 -17.72
N TRP E 95 49.94 9.59 -17.32
CA TRP E 95 48.54 9.80 -17.66
C TRP E 95 48.36 10.00 -19.16
N SER E 96 49.26 10.76 -19.79
CA SER E 96 49.18 11.00 -21.23
C SER E 96 50.44 11.72 -21.67
N ASN E 97 50.67 11.69 -22.98
CA ASN E 97 51.83 12.33 -23.60
C ASN E 97 51.49 13.09 -24.87
N LYS E 98 50.21 13.28 -25.18
CA LYS E 98 49.82 13.99 -26.39
C LYS E 98 50.20 15.47 -26.27
N SER E 99 50.44 16.10 -27.42
CA SER E 99 50.80 17.51 -27.43
C SER E 99 49.58 18.36 -27.08
N LEU E 100 49.86 19.61 -26.71
CA LEU E 100 48.78 20.52 -26.33
C LEU E 100 47.91 20.88 -27.53
N ASP E 101 48.50 21.01 -28.72
CA ASP E 101 47.74 21.37 -29.90
C ASP E 101 46.72 20.30 -30.28
N GLU E 102 47.11 19.02 -30.21
CA GLU E 102 46.17 17.95 -30.56
C GLU E 102 45.15 17.73 -29.46
N ILE E 103 45.53 18.00 -28.20
CA ILE E 103 44.62 17.80 -27.07
C ILE E 103 43.46 18.77 -27.14
N TRP E 104 43.69 19.99 -27.62
CA TRP E 104 42.64 21.02 -27.67
C TRP E 104 42.08 21.28 -29.06
N ASN E 105 42.81 21.02 -30.15
CA ASN E 105 42.31 21.28 -31.49
C ASN E 105 41.95 20.04 -32.30
N ASN E 106 42.43 18.85 -31.93
CA ASN E 106 42.14 17.62 -32.66
C ASN E 106 41.76 16.48 -31.70
N MET E 107 40.81 16.74 -30.81
CA MET E 107 40.38 15.73 -29.87
C MET E 107 38.90 15.91 -29.57
N THR E 108 38.25 14.80 -29.20
CA THR E 108 36.84 14.78 -28.83
C THR E 108 36.78 14.45 -27.34
N TRP E 109 35.78 15.01 -26.66
CA TRP E 109 35.62 14.76 -25.22
C TRP E 109 35.44 13.28 -24.91
N LEU E 110 34.63 12.58 -25.70
CA LEU E 110 34.40 11.17 -25.44
C LEU E 110 35.69 10.36 -25.59
N GLN E 111 36.46 10.64 -26.65
CA GLN E 111 37.71 9.91 -26.84
C GLN E 111 38.71 10.23 -25.74
N TRP E 112 38.80 11.50 -25.33
CA TRP E 112 39.74 11.86 -24.28
C TRP E 112 39.39 11.18 -22.96
N ASP E 113 38.10 11.14 -22.62
CA ASP E 113 37.70 10.50 -21.37
C ASP E 113 38.07 9.02 -21.36
N LYS E 114 37.87 8.33 -22.49
CA LYS E 114 38.21 6.92 -22.54
C LYS E 114 39.72 6.71 -22.43
N GLU E 115 40.51 7.69 -22.87
CA GLU E 115 41.96 7.56 -22.80
C GLU E 115 42.45 7.66 -21.36
N ILE E 116 41.81 8.49 -20.53
CA ILE E 116 42.16 8.68 -19.14
C ILE E 116 41.08 8.18 -18.20
N ASN E 117 40.25 7.23 -18.63
CA ASN E 117 39.20 6.70 -17.77
C ASN E 117 39.78 6.05 -16.53
N ASN E 118 40.83 5.25 -16.70
CA ASN E 118 41.46 4.60 -15.56
C ASN E 118 42.13 5.62 -14.65
N TYR E 119 42.76 6.63 -15.25
CA TYR E 119 43.42 7.67 -14.48
C TYR E 119 42.46 8.68 -13.90
N THR E 120 41.16 8.60 -14.24
CA THR E 120 40.17 9.54 -13.74
C THR E 120 40.15 9.54 -12.22
N GLN E 121 39.98 8.36 -11.62
CA GLN E 121 39.97 8.29 -10.16
C GLN E 121 41.35 8.62 -9.60
N LEU E 122 42.40 8.17 -10.27
CA LEU E 122 43.75 8.46 -9.81
C LEU E 122 44.02 9.96 -9.89
N ILE E 123 43.52 10.60 -10.95
CA ILE E 123 43.73 12.04 -11.09
C ILE E 123 42.99 12.77 -9.97
N TYR E 124 41.76 12.33 -9.67
CA TYR E 124 40.97 12.94 -8.60
C TYR E 124 41.74 12.97 -7.29
N ARG E 125 42.52 11.92 -7.03
CA ARG E 125 43.32 11.87 -5.81
C ARG E 125 44.37 12.97 -5.81
N LEU E 126 44.97 13.24 -6.97
CA LEU E 126 46.00 14.28 -7.04
C LEU E 126 45.42 15.66 -6.76
N ILE E 127 44.28 16.01 -7.37
CA ILE E 127 43.71 17.33 -7.08
C ILE E 127 43.32 17.39 -5.60
N GLU E 128 42.89 16.26 -5.04
CA GLU E 128 42.56 16.26 -3.61
C GLU E 128 43.82 16.51 -2.79
N GLU E 129 44.91 15.82 -3.13
CA GLU E 129 46.16 16.03 -2.41
C GLU E 129 46.68 17.46 -2.59
N SER E 130 46.67 17.96 -3.83
CA SER E 130 47.11 19.33 -4.06
C SER E 130 46.22 20.33 -3.34
N GLN E 131 44.92 20.05 -3.30
CA GLN E 131 44.01 20.95 -2.59
C GLN E 131 44.36 20.99 -1.11
N ASN E 132 44.81 19.86 -0.56
CA ASN E 132 45.22 19.83 0.83
C ASN E 132 46.46 20.68 1.03
N GLN E 133 47.35 20.70 0.04
CA GLN E 133 48.56 21.51 0.15
C GLN E 133 48.19 22.98 0.34
N GLN E 134 47.24 23.48 -0.46
CA GLN E 134 46.81 24.86 -0.30
C GLN E 134 46.08 25.01 1.03
N GLU E 135 45.34 23.98 1.44
CA GLU E 135 44.64 24.02 2.71
C GLU E 135 45.64 24.10 3.86
N LYS E 136 46.79 23.44 3.72
CA LYS E 136 47.80 23.49 4.77
C LYS E 136 48.52 24.83 4.74
N ASN E 137 48.84 25.33 3.54
CA ASN E 137 49.56 26.58 3.39
C ASN E 137 48.71 27.78 3.79
N GLU E 138 47.41 27.75 3.44
CA GLU E 138 46.55 28.89 3.77
C GLU E 138 46.35 29.07 5.27
N LYS E 139 46.67 28.08 6.09
CA LYS E 139 46.49 28.21 7.53
C LYS E 139 47.48 29.21 8.13
N GLU E 140 48.78 29.07 7.81
CA GLU E 140 49.76 29.99 8.37
C GLU E 140 49.66 31.39 7.75
N LEU E 141 49.07 31.52 6.57
CA LEU E 141 48.96 32.83 5.94
C LEU E 141 48.08 33.76 6.77
N LEU E 142 47.16 33.21 7.54
CA LEU E 142 46.27 34.01 8.38
C LEU E 142 47.05 34.71 9.47
N LEU F 1 12.41 41.93 11.98
CA LEU F 1 11.97 41.86 10.55
C LEU F 1 11.23 40.56 10.28
N GLY F 2 11.91 39.44 10.48
CA GLY F 2 11.33 38.13 10.25
C GLY F 2 11.43 37.71 8.79
N PHE F 3 11.08 36.45 8.55
CA PHE F 3 11.11 35.91 7.20
C PHE F 3 10.07 36.56 6.32
N LEU F 4 10.51 37.07 5.17
CA LEU F 4 9.66 37.73 4.18
C LEU F 4 8.99 38.99 4.73
N GLY F 5 9.51 39.58 5.80
CA GLY F 5 8.91 40.76 6.38
C GLY F 5 9.16 42.07 5.65
N ALA F 6 10.00 42.04 4.62
CA ALA F 6 10.33 43.23 3.84
C ALA F 6 9.86 43.15 2.39
N ALA F 7 8.89 42.28 2.08
CA ALA F 7 8.42 42.16 0.71
C ALA F 7 7.76 43.45 0.23
N GLY F 8 6.91 44.07 1.06
CA GLY F 8 6.23 45.29 0.68
C GLY F 8 7.03 46.56 0.80
N SER F 9 8.19 46.52 1.46
CA SER F 9 9.00 47.71 1.61
C SER F 9 9.71 48.05 0.32
N THR F 10 10.41 49.19 0.32
CA THR F 10 11.13 49.62 -0.86
C THR F 10 12.28 48.65 -1.16
N MET F 11 12.70 48.62 -2.42
CA MET F 11 13.78 47.71 -2.81
C MET F 11 15.06 48.02 -2.06
N GLY F 12 15.38 49.31 -1.88
CA GLY F 12 16.59 49.67 -1.18
C GLY F 12 16.61 49.15 0.24
N ALA F 13 15.49 49.29 0.95
CA ALA F 13 15.42 48.80 2.32
C ALA F 13 15.41 47.28 2.36
N ALA F 14 14.72 46.66 1.41
CA ALA F 14 14.64 45.20 1.38
C ALA F 14 16.00 44.58 1.09
N SER F 15 16.86 45.26 0.33
CA SER F 15 18.17 44.73 0.01
C SER F 15 19.05 44.54 1.25
N ILE F 16 18.75 45.21 2.35
CA ILE F 16 19.55 45.08 3.56
C ILE F 16 19.22 43.82 4.36
N THR F 17 18.10 43.16 4.07
CA THR F 17 17.69 41.95 4.77
C THR F 17 17.40 40.79 3.82
N LEU F 18 18.31 40.52 2.89
CA LEU F 18 18.10 39.43 1.95
C LEU F 18 18.47 38.08 2.55
N THR F 19 19.36 38.08 3.55
CA THR F 19 19.81 36.83 4.16
C THR F 19 18.69 36.08 4.88
N VAL F 20 17.75 36.82 5.49
CA VAL F 20 16.68 36.15 6.23
C VAL F 20 15.84 35.27 5.32
N GLN F 21 15.66 35.65 4.05
CA GLN F 21 14.86 34.83 3.14
C GLN F 21 15.60 33.55 2.78
N ALA F 22 16.87 33.67 2.38
CA ALA F 22 17.66 32.51 2.00
C ALA F 22 17.80 31.53 3.15
N ARG F 23 18.02 32.06 4.37
CA ARG F 23 18.17 31.18 5.53
C ARG F 23 16.87 30.42 5.79
N ASN F 24 15.73 31.07 5.60
CA ASN F 24 14.44 30.43 5.83
C ASN F 24 13.97 29.59 4.65
N LEU F 25 14.69 29.58 3.53
CA LEU F 25 14.27 28.77 2.40
C LEU F 25 14.19 27.28 2.73
N LEU F 26 14.92 26.83 3.75
CA LEU F 26 14.91 25.43 4.15
C LEU F 26 14.78 25.32 5.67
N LEU F 49 -2.52 4.80 7.00
CA LEU F 49 -1.77 5.49 8.05
C LEU F 49 -0.54 6.18 7.49
N THR F 50 -0.03 5.66 6.37
CA THR F 50 1.16 6.23 5.74
C THR F 50 0.84 7.28 4.69
N HIS F 51 -0.40 7.78 4.64
CA HIS F 51 -0.75 8.80 3.65
C HIS F 51 0.08 10.06 3.83
N TRP F 52 0.16 10.57 5.06
CA TRP F 52 0.94 11.77 5.31
C TRP F 52 2.43 11.53 5.11
N GLY F 53 2.91 10.31 5.33
CA GLY F 53 4.31 10.00 5.16
C GLY F 53 4.75 10.19 3.72
N ILE F 54 3.96 9.66 2.78
CA ILE F 54 4.30 9.80 1.37
C ILE F 54 4.15 11.26 0.93
N LYS F 55 3.09 11.90 1.40
CA LYS F 55 2.87 13.32 1.07
C LYS F 55 4.11 14.11 1.53
N GLN F 56 4.48 13.97 2.80
CA GLN F 56 5.59 14.75 3.33
C GLN F 56 6.90 14.39 2.63
N LEU F 57 7.05 13.12 2.25
CA LEU F 57 8.27 12.71 1.57
C LEU F 57 8.43 13.47 0.25
N GLN F 58 7.36 13.50 -0.55
CA GLN F 58 7.42 14.25 -1.80
C GLN F 58 7.55 15.73 -1.55
N ALA F 59 6.97 16.21 -0.44
CA ALA F 59 7.06 17.63 -0.11
C ALA F 59 8.51 18.05 0.13
N ARG F 60 9.26 17.22 0.84
CA ARG F 60 10.67 17.54 1.10
C ARG F 60 11.47 17.52 -0.19
N VAL F 61 11.19 16.55 -1.07
CA VAL F 61 11.91 16.47 -2.34
C VAL F 61 11.64 17.71 -3.18
N LEU F 62 10.39 18.17 -3.17
CA LEU F 62 10.03 19.37 -3.93
C LEU F 62 10.75 20.59 -3.38
N ALA F 63 10.91 20.66 -2.06
CA ALA F 63 11.59 21.80 -1.45
C ALA F 63 13.07 21.81 -1.81
N VAL F 64 13.71 20.64 -1.75
CA VAL F 64 15.14 20.56 -2.05
C VAL F 64 15.40 20.89 -3.52
N GLU F 65 14.62 20.28 -4.42
CA GLU F 65 14.83 20.55 -5.84
C GLU F 65 14.51 22.00 -6.19
N HIS F 66 13.54 22.60 -5.52
CA HIS F 66 13.21 24.01 -5.80
C HIS F 66 14.36 24.92 -5.41
N TYR F 67 14.99 24.67 -4.26
CA TYR F 67 16.12 25.50 -3.84
C TYR F 67 17.30 25.32 -4.77
N LEU F 68 17.61 24.07 -5.13
CA LEU F 68 18.75 23.81 -6.01
C LEU F 68 18.51 24.40 -7.39
N ARG F 69 17.24 24.46 -7.82
CA ARG F 69 16.93 25.01 -9.14
C ARG F 69 17.41 26.46 -9.24
N ASP F 70 17.07 27.28 -8.25
CA ASP F 70 17.50 28.67 -8.26
C ASP F 70 18.96 28.80 -7.87
N GLN F 71 19.44 27.96 -6.95
CA GLN F 71 20.84 28.03 -6.55
C GLN F 71 21.75 27.61 -7.69
N GLN F 72 21.31 26.67 -8.54
CA GLN F 72 22.13 26.23 -9.66
C GLN F 72 22.38 27.39 -10.62
N LEU F 73 21.33 28.18 -10.90
CA LEU F 73 21.49 29.32 -11.80
C LEU F 73 22.48 30.31 -11.22
N LEU F 74 22.37 30.58 -9.91
CA LEU F 74 23.28 31.51 -9.26
C LEU F 74 24.72 30.97 -9.28
N GLY F 75 24.87 29.65 -9.17
CA GLY F 75 26.19 29.05 -9.17
C GLY F 75 26.95 29.18 -10.47
N ILE F 76 26.28 28.94 -11.61
CA ILE F 76 26.97 29.03 -12.90
C ILE F 76 27.24 30.47 -13.32
N TRP F 77 26.53 31.44 -12.75
CA TRP F 77 26.73 32.85 -13.09
C TRP F 77 27.94 33.46 -12.37
N GLY F 78 28.68 32.66 -11.60
CA GLY F 78 29.83 33.17 -10.88
C GLY F 78 29.52 33.84 -9.57
N CYS F 79 28.24 33.91 -9.18
CA CYS F 79 27.81 34.54 -7.94
C CYS F 79 27.60 33.53 -6.82
N SER F 80 28.30 32.40 -6.85
CA SER F 80 28.15 31.37 -5.82
C SER F 80 28.51 31.94 -4.44
N GLY F 81 27.64 31.70 -3.48
CA GLY F 81 27.87 32.18 -2.13
C GLY F 81 27.93 33.69 -2.00
N LYS F 82 27.15 34.41 -2.80
CA LYS F 82 27.12 35.86 -2.77
C LYS F 82 25.68 36.35 -2.85
N LEU F 83 25.28 37.20 -1.89
CA LEU F 83 23.94 37.74 -1.91
C LEU F 83 23.83 38.80 -3.00
N ILE F 84 24.67 39.84 -2.90
CA ILE F 84 24.72 40.90 -3.91
C ILE F 84 25.81 40.53 -4.90
N CYS F 85 25.49 40.54 -6.18
CA CYS F 85 26.48 40.17 -7.20
C CYS F 85 26.27 40.94 -8.48
N CYS F 86 27.38 41.35 -9.09
CA CYS F 86 27.38 42.08 -10.35
C CYS F 86 27.94 41.18 -11.45
N THR F 87 27.78 41.63 -12.69
CA THR F 87 28.26 40.88 -13.84
C THR F 87 28.68 41.86 -14.93
N ASN F 88 29.19 41.30 -16.03
CA ASN F 88 29.67 42.08 -17.16
C ASN F 88 28.59 42.36 -18.21
N VAL F 89 27.38 41.83 -18.06
CA VAL F 89 26.33 42.06 -19.05
C VAL F 89 25.76 43.45 -18.84
N PRO F 90 25.71 44.31 -19.86
CA PRO F 90 25.13 45.65 -19.66
C PRO F 90 23.60 45.59 -19.72
N TRP F 91 22.97 46.57 -19.06
CA TRP F 91 21.52 46.63 -19.05
C TRP F 91 20.99 47.13 -20.39
N ASN F 92 19.85 46.58 -20.79
CA ASN F 92 19.17 46.93 -22.03
C ASN F 92 17.92 47.74 -21.71
N SER F 93 17.78 48.90 -22.34
CA SER F 93 16.62 49.74 -22.10
C SER F 93 15.33 49.06 -22.52
N SER F 94 15.39 48.15 -23.50
CA SER F 94 14.19 47.44 -23.95
C SER F 94 13.52 46.67 -22.82
N TRP F 95 14.30 46.09 -21.91
CA TRP F 95 13.71 45.33 -20.81
C TRP F 95 12.90 46.25 -19.90
N SER F 96 13.42 47.44 -19.63
CA SER F 96 12.74 48.40 -18.77
C SER F 96 13.38 49.77 -18.94
N ASN F 97 12.56 50.79 -19.19
CA ASN F 97 13.03 52.15 -19.39
C ASN F 97 12.88 53.00 -18.14
N LYS F 98 12.55 52.41 -16.99
CA LYS F 98 12.39 53.18 -15.77
C LYS F 98 13.71 53.77 -15.30
N SER F 99 13.64 54.90 -14.62
CA SER F 99 14.84 55.57 -14.12
C SER F 99 15.44 54.78 -12.97
N LEU F 100 16.75 54.94 -12.77
CA LEU F 100 17.43 54.22 -11.70
C LEU F 100 16.89 54.63 -10.33
N ASP F 101 16.66 55.92 -10.11
CA ASP F 101 16.14 56.38 -8.83
C ASP F 101 14.75 55.82 -8.56
N GLU F 102 13.87 55.86 -9.56
CA GLU F 102 12.52 55.35 -9.38
C GLU F 102 12.51 53.86 -9.08
N ILE F 103 13.50 53.13 -9.58
CA ILE F 103 13.55 51.68 -9.36
C ILE F 103 13.99 51.35 -7.94
N TRP F 104 15.08 51.96 -7.48
CA TRP F 104 15.63 51.65 -6.16
C TRP F 104 15.09 52.49 -5.01
N ASN F 105 14.13 53.39 -5.23
CA ASN F 105 13.60 54.22 -4.15
C ASN F 105 12.09 54.31 -4.08
N ASN F 106 11.36 53.92 -5.14
CA ASN F 106 9.90 54.00 -5.12
C ASN F 106 9.23 52.64 -5.31
N MET F 107 9.67 51.88 -6.31
CA MET F 107 9.06 50.58 -6.56
C MET F 107 9.49 49.54 -5.54
N THR F 108 8.64 48.52 -5.39
CA THR F 108 8.86 47.42 -4.47
C THR F 108 9.34 46.20 -5.24
N TRP F 109 9.87 45.21 -4.51
CA TRP F 109 10.36 44.01 -5.16
C TRP F 109 9.23 43.25 -5.83
N LEU F 110 8.07 43.15 -5.17
CA LEU F 110 6.93 42.43 -5.77
C LEU F 110 6.47 43.14 -7.04
N GLN F 111 6.37 44.46 -7.00
CA GLN F 111 5.93 45.21 -8.18
C GLN F 111 7.02 45.22 -9.24
N TRP F 112 8.28 45.28 -8.83
CA TRP F 112 9.38 45.31 -9.79
C TRP F 112 9.46 44.00 -10.58
N ASP F 113 9.21 42.88 -9.92
CA ASP F 113 9.27 41.59 -10.61
C ASP F 113 8.23 41.50 -11.72
N LYS F 114 7.06 42.13 -11.52
CA LYS F 114 6.04 42.09 -12.55
C LYS F 114 6.51 42.82 -13.81
N GLU F 115 7.36 43.83 -13.65
CA GLU F 115 7.86 44.58 -14.79
C GLU F 115 8.82 43.75 -15.64
N ILE F 116 9.47 42.75 -15.05
CA ILE F 116 10.41 41.89 -15.78
C ILE F 116 9.85 40.48 -15.86
N ASN F 117 8.52 40.34 -15.88
CA ASN F 117 7.96 39.01 -16.02
C ASN F 117 8.40 38.41 -17.35
N ASN F 118 8.50 39.26 -18.36
CA ASN F 118 9.04 38.87 -19.66
C ASN F 118 10.55 39.12 -19.64
N TYR F 119 11.25 38.53 -20.60
CA TYR F 119 12.70 38.70 -20.74
C TYR F 119 13.52 38.14 -19.57
N THR F 120 12.89 37.58 -18.54
CA THR F 120 13.65 37.05 -17.42
C THR F 120 14.46 35.84 -17.85
N GLN F 121 13.89 35.00 -18.70
CA GLN F 121 14.61 33.83 -19.19
C GLN F 121 15.71 34.23 -20.15
N LEU F 122 15.54 35.34 -20.85
CA LEU F 122 16.55 35.81 -21.79
C LEU F 122 17.76 36.41 -21.07
N ILE F 123 17.51 37.14 -19.98
CA ILE F 123 18.61 37.74 -19.23
C ILE F 123 19.52 36.66 -18.66
N TYR F 124 18.93 35.53 -18.27
CA TYR F 124 19.74 34.44 -17.71
C TYR F 124 20.73 33.91 -18.74
N ARG F 125 20.30 33.84 -20.00
CA ARG F 125 21.20 33.34 -21.05
C ARG F 125 22.39 34.27 -21.26
N LEU F 126 22.14 35.58 -21.26
CA LEU F 126 23.22 36.54 -21.48
C LEU F 126 24.25 36.51 -20.36
N ILE F 127 23.81 36.47 -19.11
CA ILE F 127 24.76 36.46 -18.00
C ILE F 127 25.48 35.11 -17.92
N GLU F 128 24.77 34.01 -18.17
CA GLU F 128 25.43 32.70 -18.10
C GLU F 128 26.41 32.52 -19.25
N GLU F 129 26.06 32.95 -20.47
CA GLU F 129 26.98 32.78 -21.58
C GLU F 129 28.18 33.72 -21.44
N SER F 130 27.96 34.91 -20.89
CA SER F 130 29.06 35.85 -20.70
C SER F 130 30.06 35.29 -19.71
N GLN F 131 29.59 34.59 -18.68
CA GLN F 131 30.48 34.01 -17.69
C GLN F 131 31.36 32.93 -18.32
N ASN F 132 30.80 32.14 -19.23
CA ASN F 132 31.57 31.10 -19.89
C ASN F 132 32.73 31.70 -20.68
N GLN F 133 32.45 32.68 -21.53
CA GLN F 133 33.52 33.31 -22.29
C GLN F 133 34.46 34.11 -21.39
N GLN F 134 33.92 34.74 -20.34
CA GLN F 134 34.76 35.50 -19.44
C GLN F 134 35.73 34.57 -18.71
N GLU F 135 35.24 33.40 -18.28
CA GLU F 135 36.11 32.46 -17.59
C GLU F 135 37.21 31.96 -18.54
N LYS F 136 36.87 31.76 -19.81
CA LYS F 136 37.85 31.32 -20.78
C LYS F 136 38.95 32.35 -20.95
N ASN F 137 38.58 33.64 -20.96
CA ASN F 137 39.57 34.70 -21.08
C ASN F 137 40.52 34.69 -19.90
N GLU F 138 39.98 34.50 -18.69
CA GLU F 138 40.82 34.43 -17.51
C GLU F 138 41.63 33.14 -17.47
N LYS F 139 41.09 32.07 -18.05
CA LYS F 139 41.80 30.80 -18.09
C LYS F 139 43.09 30.93 -18.88
N GLU F 140 43.03 31.54 -20.07
CA GLU F 140 44.24 31.72 -20.87
C GLU F 140 45.16 32.75 -20.24
N LEU F 141 44.59 33.81 -19.65
CA LEU F 141 45.41 34.83 -19.02
C LEU F 141 46.16 34.27 -17.81
N LEU F 142 45.48 33.43 -17.03
CA LEU F 142 46.07 32.82 -15.85
C LEU F 142 47.01 31.69 -16.25
N GLN G 1 -52.95 -20.62 6.10
CA GLN G 1 -52.21 -21.53 7.01
C GLN G 1 -51.80 -22.78 6.23
N VAL G 2 -50.51 -23.12 6.27
CA VAL G 2 -50.02 -24.27 5.54
C VAL G 2 -50.64 -25.55 6.09
N THR G 3 -50.90 -26.50 5.20
CA THR G 3 -51.49 -27.78 5.57
C THR G 3 -51.12 -28.81 4.52
N LEU G 4 -50.90 -30.04 4.98
CA LEU G 4 -50.54 -31.17 4.13
C LEU G 4 -51.68 -32.18 4.16
N LYS G 5 -51.98 -32.77 3.00
CA LYS G 5 -53.05 -33.76 2.90
C LYS G 5 -52.59 -34.89 1.99
N GLU G 6 -52.38 -36.07 2.58
CA GLU G 6 -51.91 -37.23 1.81
C GLU G 6 -53.08 -38.14 1.45
N SER G 7 -52.88 -38.93 0.39
CA SER G 7 -53.89 -39.85 -0.09
C SER G 7 -53.19 -41.01 -0.81
N GLY G 8 -53.93 -42.12 -0.92
CA GLY G 8 -53.43 -43.30 -1.57
C GLY G 8 -54.32 -44.49 -1.25
N PRO G 9 -53.99 -45.66 -1.82
CA PRO G 9 -54.79 -46.87 -1.56
C PRO G 9 -54.62 -47.34 -0.13
N ALA G 10 -55.74 -47.65 0.53
CA ALA G 10 -55.67 -48.12 1.91
C ALA G 10 -55.18 -49.56 1.99
N LEU G 11 -55.48 -50.37 0.98
CA LEU G 11 -55.08 -51.77 0.92
C LEU G 11 -54.34 -52.04 -0.39
N VAL G 12 -53.25 -52.81 -0.31
CA VAL G 12 -52.44 -53.15 -1.47
C VAL G 12 -52.00 -54.60 -1.32
N LYS G 13 -52.02 -55.32 -2.44
CA LYS G 13 -51.62 -56.72 -2.43
C LYS G 13 -50.10 -56.82 -2.32
N PRO G 14 -49.58 -57.94 -1.79
CA PRO G 14 -48.12 -58.07 -1.68
C PRO G 14 -47.45 -58.21 -3.04
N THR G 15 -46.16 -57.85 -3.07
CA THR G 15 -45.32 -57.94 -4.27
C THR G 15 -45.76 -57.01 -5.39
N GLN G 16 -46.66 -56.07 -5.11
CA GLN G 16 -47.13 -55.14 -6.12
C GLN G 16 -46.52 -53.76 -5.89
N THR G 17 -46.82 -52.84 -6.80
CA THR G 17 -46.34 -51.47 -6.75
C THR G 17 -47.48 -50.54 -6.33
N LEU G 18 -47.16 -49.58 -5.47
CA LEU G 18 -48.16 -48.62 -4.99
C LEU G 18 -47.60 -47.21 -5.10
N THR G 19 -48.54 -46.27 -5.16
CA THR G 19 -48.24 -44.85 -5.28
C THR G 19 -49.07 -44.05 -4.29
N LEU G 20 -48.40 -43.16 -3.57
CA LEU G 20 -49.00 -42.28 -2.58
C LEU G 20 -48.81 -40.86 -3.11
N THR G 21 -49.69 -39.93 -2.73
CA THR G 21 -49.55 -38.56 -3.21
C THR G 21 -50.14 -37.61 -2.19
N CYS G 22 -49.41 -36.53 -1.90
CA CYS G 22 -49.89 -35.53 -0.95
C CYS G 22 -49.88 -34.14 -1.59
N THR G 23 -50.85 -33.34 -1.16
CA THR G 23 -51.12 -31.99 -1.60
C THR G 23 -50.77 -30.98 -0.51
N PHE G 24 -50.39 -29.79 -0.97
CA PHE G 24 -50.00 -28.68 -0.11
C PHE G 24 -50.63 -27.41 -0.67
N SER G 25 -50.82 -26.43 0.22
CA SER G 25 -51.42 -25.15 -0.17
C SER G 25 -50.60 -23.95 0.32
N GLY G 26 -49.97 -24.08 1.48
CA GLY G 26 -49.19 -22.99 2.04
C GLY G 26 -47.90 -22.67 1.32
N PHE G 27 -47.46 -23.54 0.40
CA PHE G 27 -46.23 -23.31 -0.33
C PHE G 27 -46.37 -23.89 -1.73
N SER G 28 -45.51 -23.42 -2.64
CA SER G 28 -45.51 -23.87 -4.03
C SER G 28 -44.28 -24.71 -4.40
N LEU G 29 -43.39 -24.97 -3.45
CA LEU G 29 -42.17 -25.77 -3.66
C LEU G 29 -41.18 -25.12 -4.62
N SER G 30 -41.44 -23.87 -5.04
CA SER G 30 -40.56 -23.16 -5.96
C SER G 30 -39.99 -21.89 -5.34
N THR G 31 -40.09 -21.72 -4.03
CA THR G 31 -39.58 -20.52 -3.36
C THR G 31 -38.15 -20.71 -2.89
N SER G 32 -37.28 -21.12 -3.81
CA SER G 32 -35.84 -21.36 -3.60
C SER G 32 -35.50 -21.95 -2.23
N GLY G 33 -35.90 -23.19 -1.95
CA GLY G 33 -35.57 -23.83 -0.69
C GLY G 33 -36.59 -24.75 -0.06
N MET G 34 -37.87 -24.64 -0.42
CA MET G 34 -38.87 -25.52 0.17
C MET G 34 -38.71 -26.97 -0.28
N ALA G 35 -38.84 -27.89 0.67
CA ALA G 35 -38.72 -29.32 0.42
C ALA G 35 -39.92 -30.04 1.04
N VAL G 36 -40.07 -31.31 0.67
CA VAL G 36 -41.15 -32.15 1.17
C VAL G 36 -40.68 -33.59 1.16
N GLY G 37 -41.07 -34.34 2.19
CA GLY G 37 -40.67 -35.74 2.29
C GLY G 37 -41.74 -36.61 2.90
N TRP G 38 -41.47 -37.90 2.87
CA TRP G 38 -42.36 -38.93 3.39
C TRP G 38 -41.68 -39.69 4.52
N ILE G 39 -42.47 -40.03 5.53
CA ILE G 39 -42.02 -40.77 6.71
C ILE G 39 -43.05 -41.85 6.98
N ARG G 40 -42.63 -42.93 7.62
CA ARG G 40 -43.53 -44.03 7.95
C ARG G 40 -43.27 -44.48 9.38
N GLN G 41 -44.34 -45.01 9.99
CA GLN G 41 -44.29 -45.48 11.38
C GLN G 41 -45.11 -46.77 11.47
N PRO G 42 -44.49 -47.91 11.78
CA PRO G 42 -45.29 -49.13 11.91
C PRO G 42 -46.12 -49.07 13.18
N PRO G 43 -47.04 -50.00 13.36
CA PRO G 43 -47.88 -49.96 14.57
C PRO G 43 -47.05 -50.18 15.84
N GLY G 44 -46.96 -49.13 16.65
CA GLY G 44 -46.23 -49.19 17.90
C GLY G 44 -44.73 -49.08 17.81
N LYS G 45 -44.16 -48.89 16.61
CA LYS G 45 -42.73 -48.78 16.45
C LYS G 45 -42.32 -47.31 16.26
N ALA G 46 -41.02 -47.09 16.11
CA ALA G 46 -40.51 -45.73 15.94
C ALA G 46 -40.70 -45.25 14.50
N LEU G 47 -40.45 -43.96 14.30
CA LEU G 47 -40.58 -43.35 12.99
C LEU G 47 -39.49 -43.86 12.06
N GLU G 48 -39.71 -43.71 10.75
CA GLU G 48 -38.75 -44.16 9.76
C GLU G 48 -38.84 -43.28 8.52
N TRP G 49 -37.76 -42.57 8.22
CA TRP G 49 -37.71 -41.69 7.07
C TRP G 49 -37.67 -42.51 5.78
N LEU G 50 -38.33 -42.00 4.73
CA LEU G 50 -38.39 -42.66 3.44
C LEU G 50 -37.66 -41.89 2.35
N ALA G 51 -38.05 -40.65 2.07
CA ALA G 51 -37.38 -39.89 1.03
C ALA G 51 -37.76 -38.42 1.15
N ASN G 52 -36.98 -37.60 0.46
CA ASN G 52 -37.13 -36.15 0.43
C ASN G 52 -36.88 -35.62 -0.97
N ILE G 53 -37.72 -34.68 -1.40
CA ILE G 53 -37.61 -34.01 -2.69
C ILE G 53 -37.56 -32.52 -2.40
N TYR G 54 -36.61 -31.84 -3.03
CA TYR G 54 -36.39 -30.41 -2.83
C TYR G 54 -36.95 -29.59 -3.98
N TRP G 55 -36.85 -28.26 -3.83
CA TRP G 55 -37.35 -27.33 -4.83
C TRP G 55 -36.71 -27.54 -6.19
N ASP G 56 -35.42 -27.88 -6.22
CA ASP G 56 -34.70 -28.08 -7.47
C ASP G 56 -34.84 -29.49 -8.03
N GLY G 57 -35.78 -30.29 -7.52
CA GLY G 57 -35.96 -31.63 -8.01
C GLY G 57 -34.98 -32.64 -7.43
N ASP G 58 -34.03 -32.19 -6.61
CA ASP G 58 -33.09 -33.12 -6.01
C ASP G 58 -33.83 -34.09 -5.11
N THR G 59 -33.48 -35.38 -5.22
CA THR G 59 -34.14 -36.42 -4.45
C THR G 59 -33.13 -37.17 -3.60
N TYR G 60 -33.57 -37.56 -2.40
CA TYR G 60 -32.77 -38.33 -1.45
C TYR G 60 -33.66 -39.43 -0.90
N TYR G 61 -33.07 -40.62 -0.73
CA TYR G 61 -33.81 -41.77 -0.23
C TYR G 61 -33.04 -42.42 0.90
N SER G 62 -33.72 -43.30 1.64
CA SER G 62 -33.10 -44.00 2.73
C SER G 62 -32.08 -45.00 2.20
N THR G 63 -31.10 -45.35 3.03
CA THR G 63 -30.05 -46.28 2.61
C THR G 63 -30.62 -47.66 2.30
N SER G 64 -31.53 -48.17 3.13
CA SER G 64 -32.09 -49.49 2.93
C SER G 64 -33.23 -49.53 1.91
N LEU G 65 -33.82 -48.39 1.54
CA LEU G 65 -34.92 -48.35 0.59
C LEU G 65 -34.54 -47.72 -0.76
N LYS G 66 -33.26 -47.41 -0.97
CA LYS G 66 -32.85 -46.80 -2.24
C LYS G 66 -33.12 -47.70 -3.44
N SER G 67 -33.24 -49.00 -3.23
CA SER G 67 -33.47 -49.91 -4.35
C SER G 67 -34.94 -50.03 -4.76
N ARG G 68 -35.88 -49.52 -3.95
CA ARG G 68 -37.29 -49.62 -4.31
C ARG G 68 -38.12 -48.39 -3.96
N LEU G 69 -37.55 -47.18 -4.01
CA LEU G 69 -38.27 -45.95 -3.71
C LEU G 69 -38.04 -44.92 -4.79
N THR G 70 -39.08 -44.15 -5.09
CA THR G 70 -39.01 -43.10 -6.10
C THR G 70 -39.88 -41.94 -5.63
N ILE G 71 -39.45 -40.71 -5.91
CA ILE G 71 -40.17 -39.51 -5.52
C ILE G 71 -40.23 -38.57 -6.73
N SER G 72 -41.40 -38.00 -6.97
CA SER G 72 -41.61 -37.08 -8.08
C SER G 72 -42.51 -35.95 -7.62
N LYS G 73 -42.41 -34.80 -8.29
CA LYS G 73 -43.19 -33.62 -7.97
C LYS G 73 -43.88 -33.08 -9.20
N ASP G 74 -45.09 -32.56 -9.01
CA ASP G 74 -45.93 -31.96 -10.04
C ASP G 74 -46.24 -30.56 -9.53
N THR G 75 -45.37 -29.61 -9.85
CA THR G 75 -45.55 -28.24 -9.40
C THR G 75 -46.70 -27.55 -10.11
N SER G 76 -47.03 -27.98 -11.33
CA SER G 76 -48.12 -27.36 -12.08
C SER G 76 -49.46 -27.54 -11.37
N LYS G 77 -49.61 -28.60 -10.57
CA LYS G 77 -50.83 -28.88 -9.83
C LYS G 77 -50.62 -28.97 -8.32
N ASN G 78 -49.44 -28.57 -7.83
CA ASN G 78 -49.14 -28.59 -6.40
C ASN G 78 -49.35 -29.98 -5.79
N GLN G 79 -48.54 -30.94 -6.24
CA GLN G 79 -48.64 -32.31 -5.75
C GLN G 79 -47.26 -32.95 -5.69
N VAL G 80 -47.09 -33.91 -4.78
CA VAL G 80 -45.84 -34.65 -4.66
C VAL G 80 -46.23 -36.11 -4.46
N ALA G 81 -45.72 -36.97 -5.34
CA ALA G 81 -46.04 -38.40 -5.32
C ALA G 81 -44.82 -39.25 -5.02
N LEU G 82 -45.05 -40.34 -4.28
CA LEU G 82 -44.05 -41.32 -3.92
C LEU G 82 -44.47 -42.66 -4.49
N LYS G 83 -43.52 -43.39 -5.06
CA LYS G 83 -43.76 -44.69 -5.67
C LYS G 83 -42.87 -45.72 -4.99
N MET G 84 -43.47 -46.84 -4.59
CA MET G 84 -42.71 -47.89 -3.93
C MET G 84 -43.15 -49.23 -4.51
N THR G 85 -42.15 -50.07 -4.79
CA THR G 85 -42.35 -51.38 -5.39
C THR G 85 -41.99 -52.48 -4.39
N ASN G 86 -42.21 -53.73 -4.81
CA ASN G 86 -41.94 -54.92 -4.00
C ASN G 86 -42.57 -54.81 -2.61
N MET G 87 -43.91 -54.68 -2.60
CA MET G 87 -44.65 -54.58 -1.35
C MET G 87 -44.48 -55.86 -0.53
N ASP G 88 -43.96 -55.73 0.74
CA ASP G 88 -43.74 -56.85 1.64
C ASP G 88 -44.63 -56.67 2.88
N PRO G 89 -45.04 -57.76 3.58
CA PRO G 89 -45.89 -57.60 4.77
C PRO G 89 -45.37 -56.67 5.86
N VAL G 90 -44.05 -56.60 6.07
CA VAL G 90 -43.53 -55.72 7.12
C VAL G 90 -43.68 -54.25 6.78
N ASP G 91 -43.97 -53.91 5.52
CA ASP G 91 -44.11 -52.53 5.11
C ASP G 91 -45.41 -51.88 5.59
N THR G 92 -46.35 -52.65 6.15
CA THR G 92 -47.60 -52.07 6.62
C THR G 92 -47.30 -51.03 7.71
N ALA G 93 -47.76 -49.80 7.50
CA ALA G 93 -47.49 -48.75 8.47
C ALA G 93 -48.29 -47.50 8.14
N THR G 94 -48.13 -46.49 8.99
CA THR G 94 -48.79 -45.20 8.80
C THR G 94 -47.80 -44.26 8.14
N TYR G 95 -48.16 -43.78 6.96
CA TYR G 95 -47.32 -42.88 6.16
C TYR G 95 -47.78 -41.44 6.35
N PHE G 96 -46.80 -40.55 6.54
CA PHE G 96 -46.99 -39.13 6.74
C PHE G 96 -46.21 -38.33 5.71
N CYS G 97 -46.79 -37.22 5.29
CA CYS G 97 -46.20 -36.29 4.33
C CYS G 97 -45.89 -34.99 5.06
N ALA G 98 -44.59 -34.68 5.22
CA ALA G 98 -44.17 -33.49 5.95
C ALA G 98 -43.27 -32.60 5.12
N ARG G 99 -43.45 -31.29 5.29
CA ARG G 99 -42.66 -30.31 4.56
C ARG G 99 -41.33 -30.03 5.26
N GLY G 100 -40.26 -29.95 4.47
CA GLY G 100 -38.92 -29.68 4.97
C GLY G 100 -38.42 -28.34 4.44
N GLU G 101 -37.20 -27.96 4.81
CA GLU G 101 -36.63 -26.70 4.34
C GLU G 101 -35.15 -26.88 4.07
N GLU G 102 -34.61 -25.99 3.24
CA GLU G 102 -33.20 -25.99 2.86
C GLU G 102 -32.73 -24.54 2.77
N SER G 103 -31.44 -24.33 3.05
CA SER G 103 -30.86 -23.00 2.99
C SER G 103 -29.47 -23.08 2.39
N PHE G 104 -29.03 -21.96 1.82
CA PHE G 104 -27.73 -21.86 1.19
C PHE G 104 -27.02 -20.59 1.65
N TYR G 105 -25.71 -20.57 1.43
CA TYR G 105 -24.87 -19.44 1.77
C TYR G 105 -23.63 -19.49 0.89
N GLU G 106 -23.05 -18.30 0.66
CA GLU G 106 -21.85 -18.20 -0.19
C GLU G 106 -20.92 -17.17 0.48
N ASP G 107 -19.90 -17.70 1.16
CA ASP G 107 -18.91 -16.88 1.86
C ASP G 107 -17.67 -16.62 1.02
N ASP G 108 -17.81 -16.54 -0.30
CA ASP G 108 -16.71 -16.30 -1.25
C ASP G 108 -15.82 -17.52 -1.44
N GLY G 110 -16.38 -20.78 -0.49
CA GLY G 110 -17.12 -21.95 -0.95
C GLY G 110 -18.59 -21.94 -0.62
N GLN G 111 -19.37 -22.65 -1.43
CA GLN G 111 -20.80 -22.74 -1.24
C GLN G 111 -21.13 -23.63 -0.05
N MET G 112 -22.07 -23.18 0.79
CA MET G 112 -22.50 -23.90 1.97
C MET G 112 -23.99 -24.18 1.88
N GLU G 113 -24.36 -25.42 2.22
CA GLU G 113 -25.74 -25.87 2.18
C GLU G 113 -26.13 -26.38 3.57
N TRP G 114 -27.35 -26.07 4.00
CA TRP G 114 -27.85 -26.49 5.30
C TRP G 114 -29.26 -27.05 5.17
N LEU G 115 -29.54 -28.10 5.93
CA LEU G 115 -30.84 -28.74 5.95
C LEU G 115 -31.60 -28.28 7.19
N HIS G 116 -32.88 -28.64 7.27
CA HIS G 116 -33.72 -28.25 8.39
C HIS G 116 -34.68 -29.38 8.73
N SER G 117 -35.20 -29.33 9.95
CA SER G 117 -36.12 -30.34 10.41
C SER G 117 -37.54 -30.03 9.92
N PHE G 118 -38.34 -31.08 9.77
CA PHE G 118 -39.71 -30.90 9.33
C PHE G 118 -40.51 -30.16 10.40
N ASP G 119 -41.41 -29.28 9.96
CA ASP G 119 -42.25 -28.50 10.87
C ASP G 119 -43.72 -28.85 10.77
N ALA G 120 -44.27 -28.95 9.56
CA ALA G 120 -45.66 -29.29 9.33
C ALA G 120 -45.77 -30.75 8.92
N TRP G 121 -46.81 -31.42 9.45
CA TRP G 121 -47.06 -32.82 9.17
C TRP G 121 -48.52 -33.01 8.80
N GLY G 122 -48.79 -34.00 7.95
CA GLY G 122 -50.14 -34.30 7.54
C GLY G 122 -50.83 -35.23 8.52
N GLN G 123 -52.12 -35.46 8.27
CA GLN G 123 -52.88 -36.35 9.15
C GLN G 123 -52.37 -37.78 9.10
N GLY G 124 -51.85 -38.21 7.96
CA GLY G 124 -51.33 -39.56 7.81
C GLY G 124 -52.37 -40.56 7.33
N LEU G 125 -51.88 -41.61 6.68
CA LEU G 125 -52.74 -42.66 6.15
C LEU G 125 -52.09 -44.00 6.38
N ARG G 126 -52.89 -44.99 6.79
CA ARG G 126 -52.42 -46.34 7.06
C ARG G 126 -52.54 -47.21 5.84
N VAL G 127 -51.48 -47.97 5.53
CA VAL G 127 -51.46 -48.90 4.41
C VAL G 127 -51.34 -50.30 4.98
N THR G 128 -52.21 -51.20 4.51
CA THR G 128 -52.25 -52.58 4.97
C THR G 128 -51.92 -53.52 3.83
N VAL G 129 -51.03 -54.47 4.10
CA VAL G 129 -50.63 -55.47 3.11
C VAL G 129 -51.36 -56.77 3.44
N SER G 130 -52.36 -57.11 2.62
CA SER G 130 -53.15 -58.32 2.82
C SER G 130 -53.26 -59.08 1.52
N SER G 131 -53.32 -60.40 1.62
CA SER G 131 -53.42 -61.26 0.45
C SER G 131 -54.85 -61.32 -0.06
N ASP H 1 -23.87 -44.15 7.20
CA ASP H 1 -25.20 -43.89 7.81
C ASP H 1 -25.05 -43.20 9.16
N ILE H 2 -25.90 -42.20 9.41
CA ILE H 2 -25.86 -41.45 10.66
C ILE H 2 -26.89 -42.09 11.59
N GLN H 3 -26.43 -43.05 12.37
CA GLN H 3 -27.31 -43.74 13.31
C GLN H 3 -27.55 -42.87 14.53
N MET H 4 -28.79 -42.90 15.03
CA MET H 4 -29.19 -42.12 16.19
C MET H 4 -29.73 -43.04 17.27
N THR H 5 -29.61 -42.59 18.51
CA THR H 5 -30.10 -43.34 19.67
C THR H 5 -30.59 -42.34 20.70
N GLN H 6 -31.41 -42.81 21.63
CA GLN H 6 -31.92 -41.94 22.68
C GLN H 6 -32.34 -42.80 23.86
N SER H 7 -32.15 -42.25 25.05
CA SER H 7 -32.48 -42.95 26.29
C SER H 7 -33.16 -41.99 27.26
N PRO H 8 -34.03 -42.50 28.16
CA PRO H 8 -34.45 -43.91 28.31
C PRO H 8 -35.53 -44.26 27.29
N PRO H 9 -35.53 -45.44 26.66
CA PRO H 9 -36.60 -45.74 25.67
C PRO H 9 -37.99 -45.73 26.28
N SER H 10 -38.11 -45.95 27.59
CA SER H 10 -39.38 -45.96 28.29
C SER H 10 -39.11 -45.57 29.73
N LEU H 11 -39.96 -44.69 30.26
CA LEU H 11 -39.78 -44.22 31.63
C LEU H 11 -41.14 -43.99 32.27
N SER H 12 -41.13 -43.95 33.60
CA SER H 12 -42.32 -43.71 34.41
C SER H 12 -42.12 -42.41 35.18
N ALA H 13 -43.04 -41.46 34.97
CA ALA H 13 -42.97 -40.16 35.63
C ALA H 13 -44.21 -39.91 36.49
N SER H 14 -44.33 -38.70 37.03
CA SER H 14 -45.46 -38.34 37.87
C SER H 14 -45.95 -36.95 37.47
N ILE H 15 -47.22 -36.69 37.79
CA ILE H 15 -47.84 -35.42 37.46
C ILE H 15 -47.10 -34.27 38.15
N GLY H 16 -46.70 -33.27 37.37
CA GLY H 16 -46.01 -32.10 37.88
C GLY H 16 -44.55 -32.28 38.20
N ASP H 17 -43.94 -33.41 37.85
CA ASP H 17 -42.53 -33.64 38.13
C ASP H 17 -41.67 -33.33 36.92
N ARG H 18 -40.48 -32.79 37.19
CA ARG H 18 -39.54 -32.46 36.13
C ARG H 18 -38.97 -33.76 35.56
N VAL H 19 -38.78 -33.80 34.24
CA VAL H 19 -38.25 -35.01 33.60
C VAL H 19 -37.52 -34.61 32.33
N THR H 20 -36.47 -35.36 32.00
CA THR H 20 -35.69 -35.08 30.81
C THR H 20 -35.26 -36.38 30.14
N ILE H 21 -35.01 -36.29 28.84
CA ILE H 21 -34.56 -37.40 28.01
C ILE H 21 -33.33 -36.94 27.24
N THR H 22 -32.52 -37.90 26.78
CA THR H 22 -31.30 -37.59 26.06
C THR H 22 -31.24 -38.33 24.73
N CYS H 23 -30.57 -37.72 23.76
CA CYS H 23 -30.39 -38.27 22.42
C CYS H 23 -28.91 -38.18 22.07
N ARG H 24 -28.33 -39.32 21.67
CA ARG H 24 -26.93 -39.42 21.31
C ARG H 24 -26.80 -39.80 19.84
N ALA H 25 -25.72 -39.35 19.23
CA ALA H 25 -25.41 -39.60 17.83
C ALA H 25 -24.13 -40.41 17.69
N SER H 26 -23.98 -41.05 16.53
CA SER H 26 -22.80 -41.85 16.25
C SER H 26 -21.59 -41.00 15.92
N GLN H 27 -21.76 -39.69 15.73
CA GLN H 27 -20.66 -38.79 15.42
C GLN H 27 -21.13 -37.35 15.63
N GLY H 28 -20.28 -36.39 15.30
CA GLY H 28 -20.65 -34.99 15.47
C GLY H 28 -21.62 -34.58 14.39
N ILE H 29 -22.79 -34.08 14.81
CA ILE H 29 -23.83 -33.63 13.88
C ILE H 29 -24.14 -32.16 14.10
N SER H 30 -23.20 -31.42 14.69
CA SER H 30 -23.35 -29.98 14.97
C SER H 30 -24.60 -29.80 15.82
N ASN H 31 -25.38 -28.73 15.63
CA ASN H 31 -26.62 -28.49 16.38
C ASN H 31 -27.85 -28.65 15.50
N TYR H 32 -27.70 -29.27 14.32
CA TYR H 32 -28.81 -29.47 13.39
C TYR H 32 -29.65 -30.67 13.82
N LEU H 33 -30.36 -30.48 14.94
CA LEU H 33 -31.22 -31.51 15.51
C LEU H 33 -32.49 -30.87 16.05
N ALA H 34 -33.57 -31.64 16.05
CA ALA H 34 -34.86 -31.18 16.52
C ALA H 34 -35.56 -32.33 17.23
N TRP H 35 -36.67 -32.01 17.89
CA TRP H 35 -37.47 -32.99 18.61
C TRP H 35 -38.92 -32.87 18.19
N TYR H 36 -39.66 -33.97 18.31
CA TYR H 36 -41.06 -34.04 17.94
C TYR H 36 -41.87 -34.78 19.00
N GLN H 37 -43.11 -34.33 19.16
CA GLN H 37 -44.08 -34.93 20.08
C GLN H 37 -45.14 -35.62 19.24
N GLN H 38 -45.55 -36.82 19.66
CA GLN H 38 -46.55 -37.59 18.93
C GLN H 38 -47.53 -38.23 19.89
N LYS H 39 -48.79 -37.80 19.82
CA LYS H 39 -49.83 -38.38 20.65
C LYS H 39 -50.09 -39.81 20.16
N PRO H 40 -50.71 -40.66 20.98
CA PRO H 40 -50.99 -42.04 20.54
C PRO H 40 -51.87 -42.07 19.30
N GLY H 41 -51.31 -42.57 18.20
CA GLY H 41 -52.04 -42.64 16.95
C GLY H 41 -52.40 -41.30 16.36
N LYS H 42 -51.46 -40.36 16.31
CA LYS H 42 -51.70 -39.04 15.76
C LYS H 42 -50.47 -38.56 15.00
N ALA H 43 -50.65 -37.49 14.24
CA ALA H 43 -49.55 -36.94 13.47
C ALA H 43 -48.53 -36.28 14.39
N PRO H 44 -47.22 -36.46 14.17
CA PRO H 44 -46.25 -35.82 15.07
C PRO H 44 -46.28 -34.30 14.94
N LYS H 45 -45.82 -33.63 16.00
CA LYS H 45 -45.74 -32.19 16.06
C LYS H 45 -44.38 -31.77 16.60
N ARG H 46 -43.82 -30.72 16.00
CA ARG H 46 -42.53 -30.22 16.43
C ARG H 46 -42.69 -29.28 17.61
N LEU H 47 -41.77 -29.37 18.57
CA LEU H 47 -41.77 -28.53 19.76
C LEU H 47 -40.46 -27.81 20.01
N VAL H 48 -39.36 -28.22 19.38
CA VAL H 48 -38.07 -27.55 19.54
C VAL H 48 -37.21 -27.93 18.35
N TYR H 49 -36.57 -26.93 17.74
CA TYR H 49 -35.70 -27.14 16.59
C TYR H 49 -34.34 -26.51 16.88
N ASP H 50 -33.32 -27.05 16.22
CA ASP H 50 -31.93 -26.62 16.38
C ASP H 50 -31.42 -26.92 17.80
N ALA H 51 -32.15 -27.78 18.52
CA ALA H 51 -31.82 -28.21 19.87
C ALA H 51 -31.92 -27.13 20.95
N SER H 52 -32.21 -25.88 20.57
CA SER H 52 -32.30 -24.80 21.55
C SER H 52 -33.52 -23.90 21.39
N THR H 53 -33.93 -23.62 20.15
CA THR H 53 -35.05 -22.72 19.91
C THR H 53 -36.38 -23.43 20.12
N LEU H 54 -37.14 -22.96 21.11
CA LEU H 54 -38.45 -23.54 21.41
C LEU H 54 -39.43 -23.16 20.31
N GLN H 55 -40.22 -24.14 19.87
CA GLN H 55 -41.20 -23.90 18.81
C GLN H 55 -42.24 -22.89 19.27
N GLY H 56 -42.57 -21.94 18.39
CA GLY H 56 -43.56 -20.93 18.70
C GLY H 56 -44.92 -21.53 18.96
N GLY H 57 -45.60 -21.04 19.99
CA GLY H 57 -46.91 -21.52 20.38
C GLY H 57 -46.90 -22.61 21.42
N VAL H 58 -45.77 -23.31 21.58
CA VAL H 58 -45.64 -24.37 22.58
C VAL H 58 -45.31 -23.67 23.89
N PRO H 59 -45.85 -24.10 25.03
CA PRO H 59 -45.51 -23.42 26.29
C PRO H 59 -44.04 -23.58 26.64
N SER H 60 -43.59 -22.70 27.54
CA SER H 60 -42.20 -22.68 28.00
C SER H 60 -41.83 -23.86 28.91
N ARG H 61 -42.73 -24.83 29.15
CA ARG H 61 -42.39 -25.95 30.00
C ARG H 61 -41.29 -26.82 29.38
N PHE H 62 -41.20 -26.84 28.06
CA PHE H 62 -40.19 -27.63 27.36
C PHE H 62 -38.97 -26.78 27.04
N SER H 63 -37.81 -27.44 26.95
CA SER H 63 -36.57 -26.75 26.65
C SER H 63 -35.58 -27.73 26.07
N GLY H 64 -34.64 -27.22 25.28
CA GLY H 64 -33.61 -28.04 24.65
C GLY H 64 -32.23 -27.71 25.18
N SER H 65 -31.31 -28.67 25.09
CA SER H 65 -29.96 -28.46 25.56
C SER H 65 -29.02 -29.45 24.90
N GLY H 66 -27.72 -29.17 25.00
CA GLY H 66 -26.70 -30.02 24.43
C GLY H 66 -26.27 -29.59 23.04
N SER H 67 -25.27 -30.32 22.53
CA SER H 67 -24.74 -30.04 21.20
C SER H 67 -23.71 -31.11 20.83
N GLY H 68 -23.23 -31.00 19.60
CA GLY H 68 -22.20 -31.86 19.05
C GLY H 68 -22.63 -33.29 18.84
N THR H 69 -22.73 -34.01 19.95
CA THR H 69 -23.12 -35.40 19.96
C THR H 69 -24.07 -35.75 21.11
N TYR H 70 -24.21 -34.90 22.12
CA TYR H 70 -25.07 -35.17 23.26
C TYR H 70 -26.15 -34.09 23.32
N PHE H 71 -27.40 -34.49 23.13
CA PHE H 71 -28.53 -33.57 23.14
C PHE H 71 -29.52 -34.04 24.19
N SER H 72 -30.40 -33.15 24.62
CA SER H 72 -31.38 -33.51 25.63
C SER H 72 -32.55 -32.56 25.62
N LEU H 73 -33.71 -33.11 25.97
CA LEU H 73 -34.96 -32.37 26.06
C LEU H 73 -35.38 -32.40 27.53
N THR H 74 -35.63 -31.22 28.10
CA THR H 74 -36.02 -31.07 29.50
C THR H 74 -37.43 -30.54 29.60
N ILE H 75 -38.16 -31.01 30.61
CA ILE H 75 -39.53 -30.62 30.90
C ILE H 75 -39.53 -30.21 32.37
N SER H 76 -39.63 -28.90 32.61
CA SER H 76 -39.61 -28.37 33.97
C SER H 76 -40.77 -28.89 34.81
N SER H 77 -41.97 -28.93 34.25
CA SER H 77 -43.14 -29.41 35.00
C SER H 77 -44.04 -30.20 34.07
N LEU H 78 -44.43 -31.40 34.49
CA LEU H 78 -45.30 -32.24 33.68
C LEU H 78 -46.77 -31.87 33.89
N GLN H 79 -47.58 -32.24 32.92
CA GLN H 79 -49.02 -32.01 32.93
C GLN H 79 -49.67 -33.22 32.28
N PRO H 80 -50.99 -33.41 32.49
CA PRO H 80 -51.65 -34.60 31.91
C PRO H 80 -51.60 -34.66 30.39
N GLU H 81 -51.47 -33.55 29.68
CA GLU H 81 -51.43 -33.60 28.22
C GLU H 81 -50.10 -34.12 27.69
N ASP H 82 -49.10 -34.33 28.56
CA ASP H 82 -47.79 -34.80 28.16
C ASP H 82 -47.76 -36.28 27.78
N PHE H 83 -48.90 -36.98 27.83
CA PHE H 83 -48.95 -38.39 27.45
C PHE H 83 -48.67 -38.49 25.95
N ALA H 84 -47.43 -38.77 25.58
CA ALA H 84 -47.07 -38.88 24.17
C ALA H 84 -45.67 -39.46 24.06
N THR H 85 -45.26 -39.70 22.82
CA THR H 85 -43.96 -40.25 22.49
C THR H 85 -43.10 -39.14 21.89
N TYR H 86 -41.88 -38.99 22.41
CA TYR H 86 -40.94 -37.97 21.96
C TYR H 86 -39.85 -38.62 21.12
N TYR H 87 -39.57 -38.01 19.97
CA TYR H 87 -38.58 -38.50 19.02
C TYR H 87 -37.56 -37.41 18.74
N CYS H 88 -36.29 -37.81 18.58
CA CYS H 88 -35.21 -36.89 18.26
C CYS H 88 -34.73 -37.17 16.85
N LEU H 89 -34.71 -36.13 16.02
CA LEU H 89 -34.30 -36.23 14.62
C LEU H 89 -33.10 -35.34 14.37
N GLN H 90 -32.21 -35.81 13.49
CA GLN H 90 -31.00 -35.11 13.09
C GLN H 90 -31.12 -34.73 11.62
N HIS H 91 -30.65 -33.53 11.29
CA HIS H 91 -30.69 -33.04 9.92
C HIS H 91 -29.36 -32.41 9.55
N ASN H 92 -28.26 -33.03 9.99
CA ASN H 92 -26.94 -32.51 9.67
C ASN H 92 -26.60 -32.77 8.20
N SER H 93 -27.00 -33.92 7.68
CA SER H 93 -26.76 -34.29 6.29
C SER H 93 -27.57 -35.55 5.99
N HIS H 94 -27.85 -35.75 4.71
CA HIS H 94 -28.62 -36.92 4.32
C HIS H 94 -27.82 -38.20 4.60
N PRO H 95 -28.50 -39.33 4.87
CA PRO H 95 -29.96 -39.55 4.95
C PRO H 95 -30.54 -39.13 6.29
N LEU H 96 -31.77 -38.65 6.32
CA LEU H 96 -32.38 -38.24 7.59
C LEU H 96 -32.67 -39.49 8.43
N THR H 97 -32.55 -39.36 9.75
CA THR H 97 -32.78 -40.47 10.65
C THR H 97 -33.47 -40.00 11.92
N PHE H 98 -34.40 -40.81 12.41
CA PHE H 98 -35.14 -40.54 13.64
C PHE H 98 -34.55 -41.36 14.78
N GLY H 99 -34.88 -40.94 16.00
CA GLY H 99 -34.40 -41.64 17.17
C GLY H 99 -35.24 -42.88 17.45
N GLY H 100 -34.84 -43.61 18.49
CA GLY H 100 -35.55 -44.81 18.87
C GLY H 100 -36.87 -44.61 19.57
N GLY H 101 -37.21 -43.36 19.91
CA GLY H 101 -38.47 -43.08 20.58
C GLY H 101 -38.34 -43.21 22.08
N THR H 102 -39.14 -42.40 22.79
CA THR H 102 -39.17 -42.39 24.25
C THR H 102 -40.60 -42.22 24.71
N LYS H 103 -41.13 -43.24 25.38
CA LYS H 103 -42.49 -43.21 25.89
C LYS H 103 -42.48 -42.83 27.37
N VAL H 104 -43.45 -42.00 27.75
CA VAL H 104 -43.59 -41.52 29.12
C VAL H 104 -44.90 -42.04 29.69
N ASP H 105 -44.86 -42.51 30.93
CA ASP H 105 -46.02 -43.04 31.64
C ASP H 105 -46.14 -42.32 32.97
N ILE H 106 -47.27 -41.66 33.18
CA ILE H 106 -47.51 -40.92 34.41
C ILE H 106 -48.08 -41.87 35.45
N LYS H 107 -47.45 -41.90 36.63
CA LYS H 107 -47.90 -42.77 37.71
C LYS H 107 -49.09 -42.17 38.43
#